data_7V4Z
#
_entry.id   7V4Z
#
_cell.length_a   69.179
_cell.length_b   94.419
_cell.length_c   238.359
_cell.angle_alpha   90.000
_cell.angle_beta   90.000
_cell.angle_gamma   90.000
#
_symmetry.space_group_name_H-M   'P 2 21 21'
#
loop_
_entity.id
_entity.type
_entity.pdbx_description
1 polymer Horcolin
2 non-polymer GLYCEROL
3 non-polymer 1,2-ETHANEDIOL
4 non-polymer DI(HYDROXYETHYL)ETHER
5 water water
#
_entity_poly.entity_id   1
_entity_poly.type   'polypeptide(L)'
_entity_poly.pdbx_seq_one_letter_code
;MSKPVKIGPWGGNGGSERDVQPKPIRMVSMTVSSGAIVDAIAFTYVGTDNVQHSSGIKWGGTGGTEDTINLDATNYVTEI
SGTVGKFGTDDIVTSLKIITSKGVTRTYGSGTGIPFRVPVLDGGKIAGFFGRAGAFLDAIGFYITP
;
_entity_poly.pdbx_strand_id   A,C,B,D,E,F,G,H,I,J,K,L
#
loop_
_chem_comp.id
_chem_comp.type
_chem_comp.name
_chem_comp.formula
EDO non-polymer 1,2-ETHANEDIOL 'C2 H6 O2'
GOL non-polymer GLYCEROL 'C3 H8 O3'
PEG non-polymer DI(HYDROXYETHYL)ETHER 'C4 H10 O3'
#
# COMPACT_ATOMS: atom_id res chain seq x y z
N LYS A 3 -34.77 17.93 -0.47
CA LYS A 3 -34.12 16.78 -1.16
C LYS A 3 -32.85 16.37 -0.42
N PRO A 4 -31.96 17.22 0.20
CA PRO A 4 -30.77 16.64 0.80
C PRO A 4 -31.10 15.87 2.07
N VAL A 5 -30.26 14.89 2.33
CA VAL A 5 -30.20 14.23 3.65
C VAL A 5 -29.39 15.13 4.56
N LYS A 6 -29.70 15.09 5.83
CA LYS A 6 -29.05 15.90 6.87
C LYS A 6 -28.52 14.94 7.94
N ILE A 7 -27.18 14.92 8.08
CA ILE A 7 -26.56 13.96 8.99
C ILE A 7 -25.56 14.68 9.89
N GLY A 8 -25.42 14.18 11.08
CA GLY A 8 -24.48 14.72 12.07
C GLY A 8 -25.21 15.36 13.23
N PRO A 9 -24.58 16.32 13.93
CA PRO A 9 -23.22 16.78 13.72
C PRO A 9 -22.18 15.96 14.49
N TRP A 10 -20.93 16.23 14.22
CA TRP A 10 -19.76 15.69 14.94
C TRP A 10 -19.11 16.87 15.65
N GLY A 11 -18.93 16.73 16.93
CA GLY A 11 -18.36 17.79 17.74
C GLY A 11 -18.83 17.80 19.14
N GLY A 12 -18.50 18.84 19.88
CA GLY A 12 -18.98 18.99 21.26
C GLY A 12 -20.36 19.65 21.32
N ASN A 13 -20.81 19.78 22.55
CA ASN A 13 -22.20 20.21 22.81
C ASN A 13 -22.31 21.71 22.98
N GLY A 14 -21.23 22.46 23.02
CA GLY A 14 -21.28 23.90 23.17
C GLY A 14 -21.60 24.59 21.87
N GLY A 15 -21.68 25.91 21.98
CA GLY A 15 -21.94 26.79 20.86
C GLY A 15 -23.40 26.93 20.59
N SER A 16 -23.76 27.91 19.75
CA SER A 16 -25.16 28.12 19.34
C SER A 16 -25.42 27.36 18.05
N GLU A 17 -26.63 26.87 17.89
CA GLU A 17 -27.02 26.13 16.68
C GLU A 17 -27.01 27.05 15.47
N ARG A 18 -26.46 26.55 14.38
CA ARG A 18 -26.32 27.28 13.11
C ARG A 18 -26.91 26.39 12.02
N ASP A 19 -27.67 27.01 11.13
CA ASP A 19 -28.28 26.27 10.00
C ASP A 19 -28.62 27.28 8.93
N VAL A 20 -29.07 26.79 7.79
CA VAL A 20 -29.43 27.65 6.65
C VAL A 20 -30.88 27.39 6.24
N GLN A 21 -31.46 28.46 5.71
CA GLN A 21 -32.79 28.37 5.07
C GLN A 21 -32.72 29.20 3.81
N PRO A 22 -33.15 28.70 2.64
CA PRO A 22 -33.63 27.36 2.41
C PRO A 22 -32.49 26.33 2.47
N LYS A 23 -32.83 25.05 2.45
CA LYS A 23 -31.80 24.01 2.47
C LYS A 23 -31.02 24.00 1.17
N PRO A 24 -29.78 23.50 1.22
CA PRO A 24 -28.92 23.52 0.03
C PRO A 24 -29.05 22.28 -0.85
N ILE A 25 -29.02 22.52 -2.16
CA ILE A 25 -28.96 21.37 -3.11
C ILE A 25 -27.61 21.32 -3.81
N ARG A 26 -26.81 22.40 -3.77
CA ARG A 26 -25.51 22.43 -4.43
C ARG A 26 -24.66 23.36 -3.58
N MET A 27 -23.40 23.03 -3.36
CA MET A 27 -22.49 24.01 -2.72
C MET A 27 -21.72 24.74 -3.81
N VAL A 28 -21.59 26.05 -3.67
CA VAL A 28 -20.89 26.89 -4.64
C VAL A 28 -19.49 27.28 -4.13
N SER A 29 -19.37 27.49 -2.83
CA SER A 29 -18.05 27.78 -2.22
C SER A 29 -18.13 27.48 -0.75
N MET A 30 -16.96 27.23 -0.14
CA MET A 30 -16.88 27.14 1.31
C MET A 30 -15.58 27.81 1.74
N THR A 31 -15.64 28.40 2.93
CA THR A 31 -14.51 29.10 3.52
C THR A 31 -14.33 28.62 4.93
N VAL A 32 -13.17 28.02 5.22
CA VAL A 32 -12.80 27.59 6.57
C VAL A 32 -11.81 28.58 7.13
N SER A 33 -12.03 29.02 8.35
CA SER A 33 -11.09 29.82 9.11
C SER A 33 -10.39 28.92 10.10
N SER A 34 -9.06 28.84 10.06
CA SER A 34 -8.36 27.85 10.89
C SER A 34 -6.96 28.28 11.22
N GLY A 35 -6.42 27.69 12.26
CA GLY A 35 -4.99 27.78 12.61
C GLY A 35 -4.61 26.48 13.25
N ALA A 36 -4.39 26.52 14.55
CA ALA A 36 -4.22 25.29 15.36
C ALA A 36 -5.49 24.45 15.33
N ILE A 37 -6.67 25.08 15.31
CA ILE A 37 -7.96 24.35 15.31
C ILE A 37 -8.86 24.99 14.25
N VAL A 38 -10.11 24.54 14.15
CA VAL A 38 -11.08 25.15 13.22
C VAL A 38 -11.83 26.24 13.95
N ASP A 39 -11.54 27.48 13.57
CA ASP A 39 -12.14 28.65 14.22
C ASP A 39 -13.53 28.94 13.68
N ALA A 40 -13.80 28.67 12.39
CA ALA A 40 -15.11 29.05 11.83
C ALA A 40 -15.28 28.39 10.47
N ILE A 41 -16.55 28.32 10.03
CA ILE A 41 -16.85 27.88 8.67
C ILE A 41 -17.96 28.75 8.09
N ALA A 42 -17.97 28.92 6.77
CA ALA A 42 -19.01 29.64 6.04
C ALA A 42 -19.13 29.00 4.69
N PHE A 43 -20.26 29.17 4.00
CA PHE A 43 -20.41 28.63 2.66
C PHE A 43 -21.48 29.39 1.89
N THR A 44 -21.45 29.21 0.58
CA THR A 44 -22.48 29.73 -0.32
C THR A 44 -23.01 28.54 -1.13
N TYR A 45 -24.28 28.63 -1.48
CA TYR A 45 -24.96 27.44 -2.02
C TYR A 45 -26.12 27.87 -2.89
N VAL A 46 -26.59 26.90 -3.67
CA VAL A 46 -27.89 27.02 -4.38
C VAL A 46 -28.93 26.29 -3.53
N GLY A 47 -30.01 27.00 -3.24
CA GLY A 47 -31.08 26.42 -2.38
C GLY A 47 -32.03 25.53 -3.18
N THR A 48 -32.98 24.94 -2.45
CA THR A 48 -34.10 24.17 -3.03
C THR A 48 -34.93 25.07 -3.95
N ASP A 49 -34.86 26.37 -3.80
CA ASP A 49 -35.52 27.38 -4.66
C ASP A 49 -34.71 27.69 -5.95
N ASN A 50 -33.57 27.04 -6.17
CA ASN A 50 -32.67 27.29 -7.36
C ASN A 50 -32.13 28.71 -7.37
N VAL A 51 -32.01 29.33 -6.20
CA VAL A 51 -31.40 30.66 -6.01
C VAL A 51 -30.09 30.48 -5.22
N GLN A 52 -29.11 31.33 -5.49
CA GLN A 52 -27.87 31.34 -4.67
C GLN A 52 -28.11 32.11 -3.38
N HIS A 53 -27.62 31.54 -2.29
CA HIS A 53 -27.72 32.10 -0.93
C HIS A 53 -26.35 31.97 -0.25
N SER A 54 -26.14 32.83 0.76
CA SER A 54 -24.96 32.74 1.68
C SER A 54 -25.44 32.08 2.97
N SER A 55 -24.56 31.42 3.70
CA SER A 55 -24.82 31.05 5.09
C SER A 55 -24.76 32.25 6.05
N GLY A 56 -24.35 33.38 5.56
CA GLY A 56 -24.25 34.64 6.34
C GLY A 56 -22.91 34.77 7.00
N ILE A 57 -22.90 35.47 8.13
CA ILE A 57 -21.63 35.69 8.86
C ILE A 57 -21.06 34.31 9.21
N LYS A 58 -19.74 34.23 9.29
CA LYS A 58 -19.09 32.94 9.52
C LYS A 58 -19.55 32.36 10.86
N TRP A 59 -19.60 31.05 10.89
CA TRP A 59 -20.01 30.29 12.08
C TRP A 59 -18.77 29.95 12.90
N GLY A 60 -18.51 30.80 13.88
CA GLY A 60 -17.33 30.69 14.73
C GLY A 60 -16.76 32.05 14.99
N GLY A 61 -15.51 32.07 15.46
CA GLY A 61 -14.89 33.28 16.01
C GLY A 61 -14.03 33.96 15.00
N THR A 62 -13.12 34.80 15.49
CA THR A 62 -12.31 35.72 14.67
C THR A 62 -10.89 35.22 14.53
N GLY A 63 -10.56 34.09 15.09
CA GLY A 63 -9.19 33.56 14.97
C GLY A 63 -8.96 32.86 13.64
N GLY A 64 -7.70 32.56 13.40
CA GLY A 64 -7.31 31.79 12.24
C GLY A 64 -7.30 32.59 10.95
N THR A 65 -7.03 31.91 9.89
CA THR A 65 -6.94 32.48 8.55
C THR A 65 -7.94 31.79 7.65
N GLU A 66 -8.54 32.57 6.75
CA GLU A 66 -9.56 32.05 5.85
C GLU A 66 -8.94 31.39 4.61
N ASP A 67 -9.57 30.32 4.19
CA ASP A 67 -9.22 29.62 2.95
C ASP A 67 -10.53 29.21 2.27
N THR A 68 -10.61 29.57 1.01
CA THR A 68 -11.87 29.36 0.23
C THR A 68 -11.63 28.30 -0.86
N ILE A 69 -12.59 27.40 -1.00
CA ILE A 69 -12.67 26.35 -2.06
C ILE A 69 -13.88 26.78 -2.93
N ASN A 70 -13.73 26.88 -4.24
CA ASN A 70 -14.85 27.13 -5.16
C ASN A 70 -15.27 25.81 -5.80
N LEU A 71 -16.56 25.59 -5.90
CA LEU A 71 -17.17 24.30 -6.25
C LEU A 71 -18.27 24.51 -7.27
N ASP A 72 -18.64 23.44 -7.97
CA ASP A 72 -19.79 23.49 -8.90
C ASP A 72 -20.30 22.05 -9.07
N ALA A 73 -21.19 21.84 -10.04
CA ALA A 73 -21.88 20.54 -10.21
C ALA A 73 -20.88 19.42 -10.49
N THR A 74 -19.74 19.73 -11.09
CA THR A 74 -18.77 18.70 -11.51
C THR A 74 -17.52 18.72 -10.66
N ASN A 75 -17.30 19.72 -9.84
CA ASN A 75 -16.16 19.82 -8.91
C ASN A 75 -16.82 20.01 -7.56
N TYR A 76 -17.02 18.90 -6.81
CA TYR A 76 -17.86 18.95 -5.61
C TYR A 76 -17.10 18.25 -4.50
N VAL A 77 -17.51 18.52 -3.29
CA VAL A 77 -16.94 17.83 -2.12
C VAL A 77 -17.49 16.41 -2.05
N THR A 78 -16.58 15.44 -2.08
CA THR A 78 -16.95 14.01 -2.02
C THR A 78 -16.64 13.40 -0.67
N GLU A 79 -15.81 14.01 0.15
CA GLU A 79 -15.51 13.44 1.47
C GLU A 79 -15.10 14.55 2.38
N ILE A 80 -15.58 14.52 3.60
CA ILE A 80 -15.05 15.37 4.66
C ILE A 80 -14.70 14.50 5.83
N SER A 81 -13.55 14.70 6.42
CA SER A 81 -13.15 14.00 7.66
C SER A 81 -12.62 15.04 8.62
N GLY A 82 -12.33 14.61 9.83
CA GLY A 82 -11.80 15.56 10.81
C GLY A 82 -11.63 14.89 12.14
N THR A 83 -11.44 15.72 13.15
CA THR A 83 -11.28 15.27 14.53
C THR A 83 -12.07 16.14 15.46
N VAL A 84 -12.57 15.52 16.53
CA VAL A 84 -13.28 16.22 17.64
C VAL A 84 -12.43 16.02 18.88
N GLY A 85 -12.02 17.11 19.50
CA GLY A 85 -11.15 17.00 20.65
C GLY A 85 -11.25 18.18 21.54
N LYS A 86 -10.65 18.01 22.72
CA LYS A 86 -10.65 19.10 23.72
C LYS A 86 -9.62 20.13 23.33
N PHE A 87 -9.96 21.39 23.34
CA PHE A 87 -9.07 22.53 23.11
C PHE A 87 -9.48 23.54 24.18
N GLY A 88 -8.62 23.78 25.13
CA GLY A 88 -8.98 24.60 26.30
C GLY A 88 -10.04 23.83 27.09
N THR A 89 -11.17 24.44 27.34
CA THR A 89 -12.24 23.80 28.14
C THR A 89 -13.34 23.19 27.28
N ASP A 90 -13.24 23.26 25.97
CA ASP A 90 -14.36 22.91 25.07
C ASP A 90 -14.00 21.75 24.16
N ASP A 91 -14.89 20.83 23.86
CA ASP A 91 -14.69 19.85 22.80
C ASP A 91 -15.16 20.48 21.51
N ILE A 92 -14.30 20.51 20.51
CA ILE A 92 -14.57 21.26 19.26
C ILE A 92 -14.07 20.45 18.08
N VAL A 93 -14.36 20.94 16.90
CA VAL A 93 -13.75 20.43 15.66
C VAL A 93 -12.32 20.92 15.60
N THR A 94 -11.36 20.03 15.91
CA THR A 94 -9.96 20.42 15.96
C THR A 94 -9.29 20.31 14.61
N SER A 95 -9.81 19.55 13.68
CA SER A 95 -9.32 19.46 12.31
C SER A 95 -10.43 19.11 11.37
N LEU A 96 -10.25 19.49 10.11
CA LEU A 96 -11.13 19.14 8.98
C LEU A 96 -10.29 18.86 7.78
N LYS A 97 -10.64 17.89 6.98
CA LYS A 97 -10.02 17.60 5.70
C LYS A 97 -11.14 17.53 4.66
N ILE A 98 -10.94 18.23 3.55
CA ILE A 98 -11.94 18.30 2.47
C ILE A 98 -11.31 17.67 1.25
N ILE A 99 -12.05 16.78 0.60
CA ILE A 99 -11.59 16.17 -0.67
C ILE A 99 -12.66 16.45 -1.71
N THR A 100 -12.25 16.93 -2.88
CA THR A 100 -13.18 17.15 -3.98
C THR A 100 -13.10 16.01 -5.01
N SER A 101 -14.10 16.04 -5.88
CA SER A 101 -14.20 15.05 -6.96
C SER A 101 -13.07 15.16 -7.94
N LYS A 102 -12.38 16.31 -8.02
CA LYS A 102 -11.22 16.53 -8.94
C LYS A 102 -9.92 16.28 -8.20
N GLY A 103 -9.98 15.77 -6.96
CA GLY A 103 -8.76 15.46 -6.19
C GLY A 103 -8.20 16.67 -5.48
N VAL A 104 -8.89 17.78 -5.43
CA VAL A 104 -8.37 18.94 -4.63
C VAL A 104 -8.53 18.50 -3.16
N THR A 105 -7.52 18.67 -2.35
CA THR A 105 -7.56 18.32 -0.91
C THR A 105 -7.15 19.56 -0.14
N ARG A 106 -7.78 19.81 0.97
CA ARG A 106 -7.35 20.87 1.90
C ARG A 106 -7.43 20.26 3.30
N THR A 107 -6.48 20.56 4.17
CA THR A 107 -6.49 20.13 5.57
C THR A 107 -6.38 21.37 6.45
N TYR A 108 -7.18 21.45 7.45
CA TYR A 108 -7.34 22.59 8.35
C TYR A 108 -7.19 22.09 9.78
N GLY A 109 -6.48 22.85 10.62
CA GLY A 109 -6.40 22.54 12.04
C GLY A 109 -5.42 21.46 12.34
N SER A 110 -5.60 20.79 13.47
CA SER A 110 -4.68 19.82 14.10
C SER A 110 -5.49 18.63 14.52
N GLY A 111 -5.03 17.42 14.15
CA GLY A 111 -5.73 16.16 14.48
C GLY A 111 -5.60 15.74 15.92
N THR A 112 -6.21 16.42 16.93
CA THR A 112 -6.27 16.05 18.31
C THR A 112 -7.68 15.56 18.68
N GLY A 113 -7.79 14.38 19.22
CA GLY A 113 -9.06 13.80 19.62
C GLY A 113 -9.46 12.60 18.82
N ILE A 114 -10.73 12.51 18.52
CA ILE A 114 -11.35 11.30 17.94
C ILE A 114 -11.75 11.63 16.51
N PRO A 115 -11.37 10.76 15.54
CA PRO A 115 -11.62 11.04 14.15
C PRO A 115 -13.08 10.73 13.75
N PHE A 116 -13.51 11.43 12.72
CA PHE A 116 -14.74 11.11 11.97
C PHE A 116 -14.41 11.20 10.49
N ARG A 117 -15.18 10.48 9.69
CA ARG A 117 -15.04 10.56 8.22
C ARG A 117 -16.39 10.33 7.61
N VAL A 118 -16.75 11.11 6.60
CA VAL A 118 -17.97 10.89 5.80
C VAL A 118 -17.57 10.85 4.33
N PRO A 119 -17.32 9.66 3.81
CA PRO A 119 -17.02 9.48 2.39
C PRO A 119 -18.33 9.33 1.67
N VAL A 120 -18.59 10.10 0.63
CA VAL A 120 -19.86 10.03 -0.15
C VAL A 120 -19.53 9.38 -1.47
N LEU A 121 -20.29 8.37 -1.81
CA LEU A 121 -19.99 7.51 -2.96
C LEU A 121 -21.02 7.74 -4.08
N ASP A 122 -20.69 7.20 -5.25
CA ASP A 122 -21.67 7.06 -6.34
C ASP A 122 -22.20 8.38 -6.86
N GLY A 123 -21.38 9.41 -6.84
CA GLY A 123 -21.74 10.75 -7.35
C GLY A 123 -22.56 11.54 -6.40
N GLY A 124 -22.79 11.10 -5.16
CA GLY A 124 -23.35 11.98 -4.13
C GLY A 124 -22.37 13.09 -3.75
N LYS A 125 -22.87 14.11 -3.11
CA LYS A 125 -22.07 15.35 -2.93
C LYS A 125 -22.43 16.02 -1.62
N ILE A 126 -21.47 16.57 -0.92
CA ILE A 126 -21.78 17.46 0.22
C ILE A 126 -22.26 18.77 -0.29
N ALA A 127 -23.49 19.13 -0.01
CA ALA A 127 -24.15 20.34 -0.54
C ALA A 127 -24.11 21.52 0.42
N GLY A 128 -23.76 21.28 1.69
CA GLY A 128 -23.67 22.38 2.67
C GLY A 128 -23.55 21.83 4.05
N PHE A 129 -23.69 22.75 5.02
CA PHE A 129 -23.33 22.49 6.42
C PHE A 129 -24.41 22.98 7.36
N PHE A 130 -24.38 22.45 8.56
CA PHE A 130 -25.04 23.01 9.76
C PHE A 130 -24.12 22.73 10.92
N GLY A 131 -24.42 23.22 12.09
CA GLY A 131 -23.60 22.78 13.24
C GLY A 131 -23.81 23.70 14.43
N ARG A 132 -22.80 23.79 15.28
CA ARG A 132 -22.80 24.68 16.45
C ARG A 132 -21.49 25.46 16.44
N ALA A 133 -21.53 26.71 16.86
CA ALA A 133 -20.27 27.50 16.88
C ALA A 133 -20.36 28.57 17.95
N GLY A 134 -19.17 29.00 18.38
CA GLY A 134 -19.01 30.08 19.35
C GLY A 134 -17.74 30.82 19.01
N ALA A 135 -16.72 30.75 19.84
CA ALA A 135 -15.37 31.22 19.50
C ALA A 135 -14.77 30.32 18.43
N PHE A 136 -15.16 29.05 18.40
CA PHE A 136 -14.63 28.06 17.47
C PHE A 136 -15.78 27.34 16.81
N LEU A 137 -15.46 26.39 15.91
CA LEU A 137 -16.47 25.47 15.37
C LEU A 137 -16.68 24.31 16.34
N ASP A 138 -17.66 24.35 17.18
CA ASP A 138 -17.93 23.27 18.17
C ASP A 138 -18.32 22.00 17.46
N ALA A 139 -19.15 22.09 16.42
CA ALA A 139 -19.68 20.84 15.82
C ALA A 139 -20.09 21.12 14.41
N ILE A 140 -19.97 20.13 13.55
CA ILE A 140 -20.26 20.28 12.11
C ILE A 140 -21.08 19.10 11.63
N GLY A 141 -22.09 19.36 10.82
CA GLY A 141 -22.87 18.34 10.14
C GLY A 141 -23.05 18.72 8.67
N PHE A 142 -23.60 17.78 7.91
CA PHE A 142 -23.61 17.87 6.45
C PHE A 142 -25.01 17.70 5.90
N TYR A 143 -25.26 18.42 4.81
CA TYR A 143 -26.33 18.17 3.87
C TYR A 143 -25.72 17.45 2.68
N ILE A 144 -26.35 16.37 2.25
CA ILE A 144 -25.77 15.51 1.19
C ILE A 144 -26.87 15.23 0.17
N THR A 145 -26.54 15.38 -1.11
CA THR A 145 -27.47 15.04 -2.19
C THR A 145 -26.96 13.82 -2.91
N PRO A 146 -27.85 12.95 -3.39
CA PRO A 146 -27.45 11.77 -4.13
C PRO A 146 -27.11 12.10 -5.60
N LYS B 3 -34.01 8.50 -4.29
CA LYS B 3 -32.67 7.84 -4.50
C LYS B 3 -31.81 8.01 -3.25
N PRO B 4 -31.19 6.93 -2.74
CA PRO B 4 -30.45 7.07 -1.52
C PRO B 4 -29.09 7.71 -1.75
N VAL B 5 -28.62 8.38 -0.72
CA VAL B 5 -27.17 8.69 -0.57
C VAL B 5 -26.46 7.45 -0.08
N LYS B 6 -25.22 7.28 -0.48
CA LYS B 6 -24.41 6.12 -0.12
C LYS B 6 -23.14 6.66 0.54
N ILE B 7 -22.93 6.31 1.80
CA ILE B 7 -21.77 6.80 2.56
C ILE B 7 -21.07 5.68 3.27
N GLY B 8 -19.76 5.83 3.40
CA GLY B 8 -18.92 4.86 4.11
C GLY B 8 -17.99 4.17 3.14
N PRO B 9 -17.58 2.91 3.44
CA PRO B 9 -17.90 2.19 4.67
C PRO B 9 -16.84 2.45 5.77
N TRP B 10 -17.13 1.95 6.94
CA TRP B 10 -16.25 1.99 8.14
C TRP B 10 -15.85 0.56 8.47
N GLY B 11 -14.56 0.31 8.55
CA GLY B 11 -14.00 -1.02 8.83
C GLY B 11 -12.75 -1.29 8.03
N GLY B 12 -12.35 -2.51 7.93
CA GLY B 12 -11.13 -2.91 7.25
C GLY B 12 -11.38 -3.26 5.82
N ASN B 13 -10.34 -3.63 5.10
CA ASN B 13 -10.43 -3.93 3.65
C ASN B 13 -10.36 -5.43 3.42
N GLY B 14 -10.51 -6.26 4.42
CA GLY B 14 -10.59 -7.72 4.22
C GLY B 14 -11.95 -8.19 3.79
N GLY B 15 -12.07 -9.48 3.61
CA GLY B 15 -13.34 -10.11 3.17
C GLY B 15 -13.67 -9.78 1.72
N SER B 16 -14.89 -10.01 1.29
CA SER B 16 -15.35 -9.69 -0.07
C SER B 16 -16.36 -8.53 0.02
N GLU B 17 -16.41 -7.71 -1.00
CA GLU B 17 -17.38 -6.60 -1.09
C GLU B 17 -18.81 -7.12 -1.21
N ARG B 18 -19.71 -6.42 -0.54
CA ARG B 18 -21.14 -6.77 -0.46
C ARG B 18 -21.96 -5.54 -0.81
N ASP B 19 -23.00 -5.68 -1.60
CA ASP B 19 -23.92 -4.59 -1.93
C ASP B 19 -25.23 -5.17 -2.41
N VAL B 20 -26.21 -4.35 -2.69
CA VAL B 20 -27.53 -4.78 -3.18
C VAL B 20 -27.89 -4.03 -4.47
N GLN B 21 -28.73 -4.67 -5.26
CA GLN B 21 -29.38 -4.05 -6.43
C GLN B 21 -30.84 -4.49 -6.42
N PRO B 22 -31.83 -3.60 -6.59
CA PRO B 22 -31.66 -2.18 -6.70
C PRO B 22 -31.29 -1.59 -5.34
N LYS B 23 -30.96 -0.31 -5.35
CA LYS B 23 -30.63 0.37 -4.10
C LYS B 23 -31.85 0.56 -3.24
N PRO B 24 -31.65 0.63 -1.91
CA PRO B 24 -32.78 0.75 -0.99
C PRO B 24 -33.25 2.18 -0.75
N ILE B 25 -34.55 2.37 -0.61
CA ILE B 25 -35.11 3.67 -0.17
C ILE B 25 -35.72 3.59 1.21
N ARG B 26 -36.03 2.40 1.72
CA ARG B 26 -36.42 2.27 3.13
C ARG B 26 -36.15 0.83 3.52
N MET B 27 -35.86 0.68 4.77
CA MET B 27 -35.52 -0.66 5.33
C MET B 27 -36.77 -1.28 5.96
N VAL B 28 -36.96 -2.55 5.69
CA VAL B 28 -38.11 -3.31 6.26
C VAL B 28 -37.69 -4.12 7.50
N SER B 29 -36.52 -4.73 7.45
CA SER B 29 -35.98 -5.48 8.58
C SER B 29 -34.47 -5.49 8.47
N MET B 30 -33.81 -5.71 9.60
CA MET B 30 -32.37 -6.00 9.57
C MET B 30 -32.10 -7.06 10.62
N THR B 31 -31.12 -7.90 10.31
CA THR B 31 -30.73 -9.01 11.17
C THR B 31 -29.24 -9.00 11.36
N VAL B 32 -28.81 -8.81 12.59
CA VAL B 32 -27.38 -8.79 12.95
C VAL B 32 -27.06 -10.09 13.66
N SER B 33 -25.95 -10.71 13.24
CA SER B 33 -25.40 -11.90 13.91
C SER B 33 -24.20 -11.43 14.71
N SER B 34 -24.17 -11.71 16.02
CA SER B 34 -23.10 -11.16 16.84
C SER B 34 -22.85 -12.01 18.05
N GLY B 35 -21.64 -11.83 18.59
CA GLY B 35 -21.20 -12.48 19.84
C GLY B 35 -20.30 -11.51 20.53
N ALA B 36 -18.99 -11.80 20.61
CA ALA B 36 -18.03 -10.79 21.08
C ALA B 36 -17.93 -9.63 20.09
N ILE B 37 -18.07 -9.90 18.81
CA ILE B 37 -17.97 -8.86 17.76
C ILE B 37 -19.14 -9.04 16.78
N VAL B 38 -19.13 -8.32 15.67
CA VAL B 38 -20.24 -8.44 14.68
C VAL B 38 -19.85 -9.47 13.63
N ASP B 39 -20.50 -10.61 13.65
CA ASP B 39 -20.23 -11.73 12.74
C ASP B 39 -20.84 -11.50 11.36
N ALA B 40 -22.03 -10.93 11.27
CA ALA B 40 -22.73 -10.85 9.96
C ALA B 40 -23.86 -9.86 10.03
N ILE B 41 -24.26 -9.36 8.87
CA ILE B 41 -25.49 -8.54 8.77
C ILE B 41 -26.28 -8.92 7.54
N ALA B 42 -27.59 -8.78 7.61
CA ALA B 42 -28.50 -9.01 6.49
C ALA B 42 -29.67 -8.04 6.65
N PHE B 43 -30.39 -7.78 5.58
CA PHE B 43 -31.52 -6.85 5.70
C PHE B 43 -32.50 -7.10 4.55
N THR B 44 -33.71 -6.61 4.73
CA THR B 44 -34.75 -6.57 3.69
C THR B 44 -35.19 -5.12 3.54
N TYR B 45 -35.65 -4.76 2.35
CA TYR B 45 -35.80 -3.32 2.03
C TYR B 45 -36.80 -3.16 0.90
N VAL B 46 -37.27 -1.92 0.77
CA VAL B 46 -37.98 -1.45 -0.44
C VAL B 46 -36.98 -0.74 -1.32
N GLY B 47 -36.91 -1.16 -2.58
CA GLY B 47 -35.93 -0.57 -3.55
C GLY B 47 -36.42 0.72 -4.15
N THR B 48 -35.57 1.32 -4.99
CA THR B 48 -35.91 2.51 -5.80
C THR B 48 -37.08 2.22 -6.73
N ASP B 49 -37.33 0.96 -7.02
CA ASP B 49 -38.48 0.49 -7.84
C ASP B 49 -39.78 0.37 -7.02
N ASN B 50 -39.77 0.69 -5.71
CA ASN B 50 -40.95 0.57 -4.80
C ASN B 50 -41.39 -0.88 -4.67
N VAL B 51 -40.47 -1.82 -4.83
CA VAL B 51 -40.69 -3.26 -4.61
C VAL B 51 -39.85 -3.72 -3.42
N GLN B 52 -40.30 -4.70 -2.66
CA GLN B 52 -39.52 -5.30 -1.58
C GLN B 52 -38.50 -6.29 -2.11
N HIS B 53 -37.30 -6.23 -1.57
CA HIS B 53 -36.18 -7.11 -1.92
C HIS B 53 -35.45 -7.56 -0.65
N SER B 54 -34.71 -8.65 -0.70
CA SER B 54 -33.77 -9.13 0.34
C SER B 54 -32.34 -8.82 -0.07
N SER B 55 -31.46 -8.63 0.89
CA SER B 55 -30.00 -8.63 0.62
C SER B 55 -29.47 -10.03 0.36
N GLY B 56 -30.28 -11.05 0.57
CA GLY B 56 -29.89 -12.44 0.32
C GLY B 56 -29.17 -13.09 1.49
N ILE B 57 -28.25 -13.98 1.22
CA ILE B 57 -27.49 -14.69 2.27
C ILE B 57 -26.79 -13.63 3.15
N LYS B 58 -26.69 -13.89 4.43
CA LYS B 58 -26.08 -12.93 5.37
C LYS B 58 -24.65 -12.64 4.94
N TRP B 59 -24.25 -11.41 5.21
CA TRP B 59 -22.90 -10.91 4.89
C TRP B 59 -22.02 -11.15 6.11
N GLY B 60 -21.28 -12.24 6.11
CA GLY B 60 -20.41 -12.65 7.21
C GLY B 60 -20.51 -14.13 7.44
N GLY B 61 -20.05 -14.57 8.59
CA GLY B 61 -19.81 -15.99 8.82
C GLY B 61 -20.92 -16.61 9.62
N THR B 62 -20.63 -17.77 10.21
CA THR B 62 -21.65 -18.62 10.86
C THR B 62 -21.71 -18.44 12.39
N GLY B 63 -20.83 -17.60 12.94
CA GLY B 63 -20.76 -17.42 14.38
C GLY B 63 -21.79 -16.45 14.90
N GLY B 64 -21.92 -16.43 16.21
CA GLY B 64 -22.81 -15.52 16.91
C GLY B 64 -24.25 -15.97 16.85
N THR B 65 -25.10 -15.09 17.35
CA THR B 65 -26.55 -15.34 17.35
C THR B 65 -27.25 -14.22 16.60
N GLU B 66 -28.35 -14.54 15.95
CA GLU B 66 -29.12 -13.58 15.14
C GLU B 66 -30.07 -12.80 16.03
N ASP B 67 -30.27 -11.53 15.67
CA ASP B 67 -31.32 -10.67 16.25
C ASP B 67 -31.90 -9.85 15.10
N THR B 68 -33.22 -9.84 15.02
CA THR B 68 -33.93 -9.10 13.94
C THR B 68 -34.68 -7.91 14.51
N ILE B 69 -34.60 -6.79 13.83
CA ILE B 69 -35.36 -5.52 14.07
C ILE B 69 -36.35 -5.44 12.89
N ASN B 70 -37.61 -5.25 13.14
CA ASN B 70 -38.65 -4.99 12.12
C ASN B 70 -38.92 -3.49 12.13
N LEU B 71 -38.98 -2.91 10.94
CA LEU B 71 -39.08 -1.43 10.80
C LEU B 71 -40.32 -1.07 9.99
N ASP B 72 -40.85 0.12 10.27
CA ASP B 72 -42.03 0.61 9.54
C ASP B 72 -41.99 2.13 9.53
N ALA B 73 -43.07 2.76 9.08
CA ALA B 73 -43.09 4.22 8.83
C ALA B 73 -42.91 4.98 10.14
N THR B 74 -43.26 4.39 11.28
CA THR B 74 -43.11 5.08 12.58
C THR B 74 -41.92 4.56 13.38
N ASN B 75 -41.33 3.44 12.99
CA ASN B 75 -40.21 2.82 13.73
C ASN B 75 -39.09 2.59 12.74
N TYR B 76 -38.18 3.54 12.58
CA TYR B 76 -37.14 3.47 11.54
C TYR B 76 -35.80 3.80 12.19
N VAL B 77 -34.73 3.39 11.51
CA VAL B 77 -33.40 3.59 12.07
C VAL B 77 -32.95 5.03 11.85
N THR B 78 -32.66 5.72 12.95
CA THR B 78 -32.22 7.15 12.86
C THR B 78 -30.74 7.31 13.17
N GLU B 79 -30.08 6.34 13.73
CA GLU B 79 -28.64 6.51 14.05
C GLU B 79 -28.01 5.14 14.11
N ILE B 80 -26.83 5.02 13.59
CA ILE B 80 -26.00 3.81 13.75
C ILE B 80 -24.61 4.26 14.16
N SER B 81 -24.05 3.59 15.14
CA SER B 81 -22.67 3.82 15.57
C SER B 81 -21.98 2.51 15.74
N GLY B 82 -20.68 2.54 15.95
CA GLY B 82 -19.94 1.30 16.18
C GLY B 82 -18.48 1.57 16.35
N THR B 83 -17.70 0.51 16.35
CA THR B 83 -16.23 0.59 16.51
C THR B 83 -15.57 -0.29 15.46
N VAL B 84 -14.39 0.15 15.06
CA VAL B 84 -13.51 -0.63 14.17
C VAL B 84 -12.28 -1.01 14.96
N GLY B 85 -12.01 -2.28 15.08
CA GLY B 85 -10.91 -2.76 15.88
C GLY B 85 -10.38 -4.05 15.34
N LYS B 86 -9.29 -4.53 15.93
CA LYS B 86 -8.73 -5.81 15.51
C LYS B 86 -9.54 -6.97 16.10
N PHE B 87 -9.74 -7.99 15.31
CA PHE B 87 -10.20 -9.30 15.80
C PHE B 87 -9.34 -10.30 15.05
N GLY B 88 -8.41 -10.90 15.74
CA GLY B 88 -7.28 -11.58 15.07
C GLY B 88 -6.44 -10.53 14.39
N THR B 89 -6.10 -10.72 13.16
CA THR B 89 -5.24 -9.79 12.39
C THR B 89 -6.04 -8.95 11.43
N ASP B 90 -7.36 -8.94 11.53
CA ASP B 90 -8.23 -8.14 10.64
C ASP B 90 -8.84 -7.00 11.42
N ASP B 91 -8.91 -5.85 10.77
CA ASP B 91 -9.73 -4.72 11.26
C ASP B 91 -11.17 -4.98 10.85
N ILE B 92 -12.07 -5.07 11.83
CA ILE B 92 -13.46 -5.41 11.56
C ILE B 92 -14.38 -4.51 12.38
N VAL B 93 -15.67 -4.65 12.17
CA VAL B 93 -16.69 -4.01 13.00
C VAL B 93 -16.81 -4.79 14.28
N THR B 94 -16.25 -4.26 15.35
CA THR B 94 -16.18 -4.92 16.65
C THR B 94 -17.39 -4.67 17.54
N SER B 95 -18.15 -3.62 17.23
CA SER B 95 -19.43 -3.37 17.92
C SER B 95 -20.26 -2.49 17.00
N LEU B 96 -21.57 -2.58 17.18
CA LEU B 96 -22.54 -1.80 16.35
C LEU B 96 -23.70 -1.50 17.25
N LYS B 97 -24.23 -0.30 17.17
CA LYS B 97 -25.39 0.15 17.95
C LYS B 97 -26.38 0.74 16.98
N ILE B 98 -27.62 0.34 17.11
CA ILE B 98 -28.73 0.80 16.24
C ILE B 98 -29.71 1.53 17.13
N ILE B 99 -30.10 2.71 16.74
CA ILE B 99 -31.11 3.52 17.42
C ILE B 99 -32.27 3.75 16.50
N THR B 100 -33.50 3.55 17.01
CA THR B 100 -34.67 3.81 16.18
C THR B 100 -35.32 5.14 16.57
N SER B 101 -36.30 5.50 15.76
CA SER B 101 -37.09 6.73 15.93
C SER B 101 -37.92 6.68 17.21
N LYS B 102 -38.15 5.53 17.80
CA LYS B 102 -38.84 5.43 19.12
C LYS B 102 -37.82 5.42 20.27
N GLY B 103 -36.56 5.61 20.02
CA GLY B 103 -35.51 5.75 21.04
C GLY B 103 -34.96 4.40 21.50
N VAL B 104 -35.41 3.30 20.96
CA VAL B 104 -34.93 1.98 21.36
C VAL B 104 -33.53 1.83 20.79
N THR B 105 -32.64 1.28 21.60
CA THR B 105 -31.24 1.04 21.17
C THR B 105 -30.96 -0.46 21.33
N ARG B 106 -30.31 -1.00 20.32
CA ARG B 106 -29.81 -2.38 20.34
C ARG B 106 -28.30 -2.34 20.10
N THR B 107 -27.58 -3.14 20.85
CA THR B 107 -26.12 -3.16 20.81
C THR B 107 -25.67 -4.56 20.46
N TYR B 108 -24.78 -4.65 19.53
CA TYR B 108 -24.28 -5.90 18.95
C TYR B 108 -22.79 -5.95 19.08
N GLY B 109 -22.28 -7.04 19.67
CA GLY B 109 -20.88 -7.11 20.02
C GLY B 109 -20.58 -6.36 21.30
N SER B 110 -19.40 -6.62 21.81
CA SER B 110 -18.87 -6.07 23.07
C SER B 110 -17.49 -5.47 22.81
N GLY B 111 -17.10 -5.34 21.57
CA GLY B 111 -15.72 -4.95 21.24
C GLY B 111 -15.51 -3.45 21.30
N THR B 112 -14.25 -3.08 21.00
CA THR B 112 -13.75 -1.72 21.14
C THR B 112 -13.02 -1.29 19.86
N GLY B 113 -12.62 -0.05 19.80
CA GLY B 113 -11.81 0.46 18.69
C GLY B 113 -12.18 1.87 18.30
N ILE B 114 -11.91 2.19 17.07
CA ILE B 114 -12.08 3.60 16.59
C ILE B 114 -13.54 3.80 16.29
N PRO B 115 -14.19 4.79 16.94
CA PRO B 115 -15.66 4.93 16.84
C PRO B 115 -16.06 5.58 15.53
N PHE B 116 -17.24 5.21 15.06
CA PHE B 116 -17.97 5.90 13.99
C PHE B 116 -19.40 6.07 14.44
N ARG B 117 -20.03 7.14 13.99
CA ARG B 117 -21.43 7.42 14.37
C ARG B 117 -22.06 8.22 13.25
N VAL B 118 -23.25 7.86 12.83
CA VAL B 118 -24.03 8.55 11.79
C VAL B 118 -25.43 8.79 12.32
N PRO B 119 -25.71 9.95 12.88
CA PRO B 119 -27.08 10.33 13.23
C PRO B 119 -27.74 10.97 12.03
N VAL B 120 -28.98 10.59 11.73
CA VAL B 120 -29.76 11.12 10.60
C VAL B 120 -30.88 11.98 11.13
N LEU B 121 -31.01 13.18 10.64
CA LEU B 121 -31.98 14.13 11.22
C LEU B 121 -33.17 14.40 10.28
N ASP B 122 -34.16 15.09 10.83
CA ASP B 122 -35.28 15.64 10.06
C ASP B 122 -36.08 14.57 9.35
N GLY B 123 -36.28 13.45 10.01
CA GLY B 123 -37.10 12.36 9.45
C GLY B 123 -36.39 11.50 8.45
N GLY B 124 -35.12 11.75 8.14
CA GLY B 124 -34.35 10.84 7.31
C GLY B 124 -34.09 9.54 8.03
N LYS B 125 -33.65 8.55 7.29
CA LYS B 125 -33.53 7.19 7.83
C LYS B 125 -32.39 6.47 7.15
N ILE B 126 -31.85 5.51 7.88
CA ILE B 126 -30.96 4.50 7.23
C ILE B 126 -31.85 3.53 6.48
N ALA B 127 -31.67 3.43 5.18
CA ALA B 127 -32.46 2.61 4.26
C ALA B 127 -31.87 1.24 4.03
N GLY B 128 -30.59 1.05 4.30
CA GLY B 128 -29.94 -0.25 4.05
C GLY B 128 -28.44 -0.10 4.17
N PHE B 129 -27.76 -1.17 3.73
CA PHE B 129 -26.34 -1.36 3.99
C PHE B 129 -25.60 -1.79 2.74
N PHE B 130 -24.30 -1.60 2.80
CA PHE B 130 -23.30 -2.24 1.92
C PHE B 130 -22.09 -2.49 2.79
N GLY B 131 -21.08 -3.17 2.30
CA GLY B 131 -19.86 -3.27 3.09
C GLY B 131 -18.95 -4.34 2.59
N ARG B 132 -18.26 -4.96 3.51
CA ARG B 132 -17.32 -6.08 3.23
C ARG B 132 -17.50 -7.14 4.30
N ALA B 133 -17.36 -8.40 3.95
CA ALA B 133 -17.51 -9.46 4.98
C ALA B 133 -16.76 -10.69 4.56
N GLY B 134 -16.38 -11.45 5.56
CA GLY B 134 -15.73 -12.78 5.35
C GLY B 134 -16.30 -13.71 6.42
N ALA B 135 -15.47 -14.10 7.34
CA ALA B 135 -15.91 -14.79 8.56
C ALA B 135 -16.70 -13.85 9.47
N PHE B 136 -16.37 -12.57 9.42
CA PHE B 136 -16.98 -11.54 10.26
C PHE B 136 -17.37 -10.37 9.37
N LEU B 137 -17.93 -9.34 10.02
CA LEU B 137 -18.30 -8.12 9.26
C LEU B 137 -17.10 -7.17 9.23
N ASP B 138 -16.33 -7.23 8.16
CA ASP B 138 -15.13 -6.40 8.01
C ASP B 138 -15.46 -4.92 7.97
N ALA B 139 -16.53 -4.54 7.26
CA ALA B 139 -16.83 -3.10 7.07
C ALA B 139 -18.29 -2.94 6.78
N ILE B 140 -18.81 -1.78 7.18
CA ILE B 140 -20.25 -1.49 6.98
C ILE B 140 -20.38 -0.05 6.50
N GLY B 141 -21.27 0.17 5.55
CA GLY B 141 -21.68 1.49 5.07
C GLY B 141 -23.20 1.56 4.95
N PHE B 142 -23.67 2.79 4.73
CA PHE B 142 -25.10 3.07 4.79
C PHE B 142 -25.65 3.70 3.55
N TYR B 143 -26.87 3.31 3.24
CA TYR B 143 -27.76 4.06 2.33
C TYR B 143 -28.70 4.89 3.16
N ILE B 144 -28.93 6.12 2.80
CA ILE B 144 -29.74 7.04 3.64
C ILE B 144 -30.71 7.77 2.72
N THR B 145 -31.96 7.88 3.13
CA THR B 145 -32.96 8.68 2.41
C THR B 145 -33.51 9.74 3.33
N PRO B 146 -33.87 10.92 2.77
CA PRO B 146 -34.46 11.98 3.55
C PRO B 146 -35.93 11.68 3.92
N PRO C 4 23.52 11.68 10.56
CA PRO C 4 22.16 12.20 10.76
C PRO C 4 21.95 12.65 12.20
N VAL C 5 21.01 13.56 12.33
CA VAL C 5 20.37 13.83 13.66
C VAL C 5 19.34 12.75 13.91
N LYS C 6 19.18 12.42 15.17
CA LYS C 6 18.23 11.37 15.63
C LYS C 6 17.27 12.02 16.62
N ILE C 7 15.99 12.06 16.27
CA ILE C 7 14.99 12.73 17.12
C ILE C 7 13.79 11.84 17.34
N GLY C 8 13.21 11.98 18.52
CA GLY C 8 12.00 11.21 18.85
C GLY C 8 12.29 10.24 19.95
N PRO C 9 11.49 9.16 20.06
CA PRO C 9 10.35 8.84 19.21
C PRO C 9 9.05 9.43 19.77
N TRP C 10 7.98 9.31 18.97
CA TRP C 10 6.59 9.66 19.33
C TRP C 10 5.82 8.35 19.38
N GLY C 11 5.15 8.10 20.48
CA GLY C 11 4.37 6.87 20.61
C GLY C 11 4.29 6.40 22.01
N GLY C 12 3.79 5.19 22.18
CA GLY C 12 3.70 4.57 23.52
C GLY C 12 5.00 3.86 23.88
N ASN C 13 4.96 3.28 25.08
CA ASN C 13 6.17 2.69 25.68
C ASN C 13 6.26 1.18 25.44
N GLY C 14 5.26 0.59 24.81
CA GLY C 14 5.27 -0.85 24.52
C GLY C 14 6.13 -1.20 23.33
N GLY C 15 6.22 -2.47 23.05
CA GLY C 15 6.93 -2.98 21.89
C GLY C 15 8.41 -3.15 22.20
N SER C 16 9.11 -3.78 21.27
CA SER C 16 10.58 -3.91 21.37
C SER C 16 11.22 -2.75 20.62
N GLU C 17 12.39 -2.36 21.10
CA GLU C 17 13.17 -1.29 20.45
C GLU C 17 13.65 -1.78 19.09
N ARG C 18 13.57 -0.90 18.12
CA ARG C 18 13.93 -1.16 16.73
C ARG C 18 14.87 -0.04 16.33
N ASP C 19 15.97 -0.41 15.73
CA ASP C 19 16.90 0.61 15.20
C ASP C 19 17.70 -0.06 14.12
N VAL C 20 18.53 0.71 13.47
CA VAL C 20 19.42 0.19 12.41
C VAL C 20 20.85 0.59 12.74
N GLN C 21 21.74 -0.27 12.28
CA GLN C 21 23.19 0.01 12.29
C GLN C 21 23.68 -0.41 10.92
N PRO C 22 24.48 0.40 10.21
CA PRO C 22 24.87 1.75 10.60
C PRO C 22 23.68 2.71 10.43
N LYS C 23 23.86 3.92 10.89
CA LYS C 23 22.81 4.95 10.80
C LYS C 23 22.63 5.36 9.35
N PRO C 24 21.42 5.84 8.99
CA PRO C 24 21.12 6.21 7.63
C PRO C 24 21.50 7.65 7.27
N ILE C 25 21.99 7.84 6.06
CA ILE C 25 22.22 9.19 5.51
C ILE C 25 21.24 9.49 4.39
N ARG C 26 20.62 8.49 3.77
CA ARG C 26 19.60 8.77 2.72
C ARG C 26 18.61 7.58 2.74
N MET C 27 17.35 7.87 2.52
CA MET C 27 16.33 6.81 2.45
C MET C 27 16.11 6.46 0.99
N VAL C 28 16.03 5.15 0.71
CA VAL C 28 15.80 4.66 -0.66
C VAL C 28 14.34 4.25 -0.87
N SER C 29 13.72 3.65 0.14
CA SER C 29 12.28 3.29 0.05
C SER C 29 11.72 3.21 1.47
N MET C 30 10.42 3.34 1.61
CA MET C 30 9.77 3.01 2.87
C MET C 30 8.45 2.30 2.54
N THR C 31 8.06 1.39 3.43
CA THR C 31 6.81 0.63 3.27
C THR C 31 6.05 0.69 4.59
N VAL C 32 4.86 1.25 4.55
CA VAL C 32 3.97 1.31 5.74
C VAL C 32 2.89 0.26 5.54
N SER C 33 2.66 -0.53 6.58
CA SER C 33 1.53 -1.48 6.63
C SER C 33 0.46 -0.86 7.50
N SER C 34 -0.74 -0.70 6.99
CA SER C 34 -1.77 0.02 7.77
C SER C 34 -3.17 -0.40 7.39
N GLY C 35 -4.08 -0.08 8.28
CA GLY C 35 -5.52 -0.22 8.06
C GLY C 35 -6.19 0.84 8.89
N ALA C 36 -6.86 0.41 9.96
CA ALA C 36 -7.38 1.34 10.97
C ALA C 36 -6.24 2.09 11.64
N ILE C 37 -5.12 1.43 11.88
CA ILE C 37 -3.96 2.02 12.55
C ILE C 37 -2.69 1.69 11.75
N VAL C 38 -1.52 2.04 12.30
CA VAL C 38 -0.25 1.71 11.62
C VAL C 38 0.25 0.38 12.20
N ASP C 39 0.18 -0.64 11.39
CA ASP C 39 0.56 -2.00 11.80
C ASP C 39 2.08 -2.21 11.77
N ALA C 40 2.80 -1.60 10.82
CA ALA C 40 4.25 -1.86 10.69
C ALA C 40 4.88 -0.81 9.81
N ILE C 41 6.18 -0.69 9.92
CA ILE C 41 6.98 0.13 9.00
C ILE C 41 8.27 -0.62 8.68
N ALA C 42 8.78 -0.37 7.47
CA ALA C 42 10.06 -0.92 7.02
C ALA C 42 10.69 0.11 6.10
N PHE C 43 12.02 0.06 5.95
CA PHE C 43 12.64 1.00 5.00
C PHE C 43 13.95 0.43 4.53
N THR C 44 14.43 1.01 3.42
CA THR C 44 15.80 0.72 2.91
C THR C 44 16.60 2.01 2.78
N TYR C 45 17.90 1.96 2.94
CA TYR C 45 18.64 3.23 3.11
C TYR C 45 20.12 3.04 2.72
N VAL C 46 20.79 4.17 2.54
CA VAL C 46 22.29 4.22 2.46
C VAL C 46 22.85 4.59 3.82
N GLY C 47 23.76 3.83 4.38
CA GLY C 47 24.34 4.12 5.71
C GLY C 47 25.47 5.15 5.69
N THR C 48 25.97 5.52 6.88
CA THR C 48 27.15 6.38 7.07
C THR C 48 28.37 5.73 6.43
N ASP C 49 28.34 4.41 6.20
CA ASP C 49 29.43 3.67 5.51
C ASP C 49 29.28 3.73 3.98
N ASN C 50 28.30 4.46 3.44
CA ASN C 50 28.02 4.61 1.98
C ASN C 50 27.64 3.26 1.37
N VAL C 51 27.06 2.37 2.17
CA VAL C 51 26.56 1.05 1.71
C VAL C 51 25.05 1.05 1.83
N GLN C 52 24.36 0.37 0.92
CA GLN C 52 22.90 0.17 1.04
C GLN C 52 22.61 -0.93 2.05
N HIS C 53 21.66 -0.64 2.94
CA HIS C 53 21.20 -1.58 3.98
C HIS C 53 19.68 -1.59 3.96
N SER C 54 19.11 -2.61 4.54
CA SER C 54 17.66 -2.76 4.84
C SER C 54 17.46 -2.58 6.32
N SER C 55 16.26 -2.19 6.73
CA SER C 55 15.88 -2.28 8.16
C SER C 55 15.61 -3.73 8.57
N GLY C 56 15.60 -4.66 7.65
CA GLY C 56 15.37 -6.08 7.91
C GLY C 56 13.84 -6.40 7.79
N ILE C 57 13.40 -7.33 8.62
CA ILE C 57 11.99 -7.69 8.72
C ILE C 57 11.24 -6.43 9.13
N LYS C 58 10.02 -6.28 8.69
CA LYS C 58 9.17 -5.12 9.04
C LYS C 58 9.04 -5.00 10.56
N TRP C 59 8.98 -3.78 10.99
CA TRP C 59 8.81 -3.41 12.42
C TRP C 59 7.31 -3.31 12.74
N GLY C 60 6.76 -4.39 13.25
CA GLY C 60 5.34 -4.47 13.55
C GLY C 60 4.77 -5.79 13.14
N GLY C 61 3.46 -5.88 13.07
CA GLY C 61 2.74 -7.14 12.91
C GLY C 61 2.37 -7.42 11.49
N THR C 62 1.43 -8.34 11.31
CA THR C 62 1.04 -8.88 9.98
C THR C 62 -0.26 -8.27 9.47
N GLY C 63 -0.87 -7.37 10.24
CA GLY C 63 -2.15 -6.78 9.84
C GLY C 63 -1.96 -5.65 8.84
N GLY C 64 -3.06 -5.22 8.27
CA GLY C 64 -3.07 -4.08 7.34
C GLY C 64 -2.54 -4.45 5.98
N THR C 65 -2.39 -3.44 5.16
CA THR C 65 -1.95 -3.60 3.77
C THR C 65 -0.70 -2.76 3.59
N GLU C 66 0.22 -3.25 2.77
CA GLU C 66 1.50 -2.54 2.55
C GLU C 66 1.35 -1.50 1.45
N ASP C 67 2.06 -0.40 1.63
CA ASP C 67 2.15 0.67 0.62
C ASP C 67 3.60 1.14 0.64
N THR C 68 4.20 1.16 -0.56
CA THR C 68 5.63 1.50 -0.69
C THR C 68 5.79 2.84 -1.42
N ILE C 69 6.67 3.67 -0.88
CA ILE C 69 7.12 4.99 -1.46
C ILE C 69 8.57 4.74 -1.87
N ASN C 70 8.93 5.01 -3.12
CA ASN C 70 10.34 4.96 -3.58
C ASN C 70 10.90 6.39 -3.61
N LEU C 71 12.11 6.53 -3.13
CA LEU C 71 12.70 7.87 -2.89
C LEU C 71 14.04 7.95 -3.57
N ASP C 72 14.54 9.16 -3.77
CA ASP C 72 15.92 9.36 -4.25
C ASP C 72 16.36 10.77 -3.80
N ALA C 73 17.49 11.22 -4.29
CA ALA C 73 18.14 12.48 -3.82
C ALA C 73 17.22 13.67 -4.10
N THR C 74 16.37 13.61 -5.12
CA THR C 74 15.52 14.76 -5.49
C THR C 74 14.06 14.52 -5.11
N ASN C 75 13.68 13.30 -4.72
CA ASN C 75 12.29 12.99 -4.32
C ASN C 75 12.43 12.36 -2.94
N TYR C 76 12.33 13.18 -1.89
CA TYR C 76 12.67 12.76 -0.54
C TYR C 76 11.53 13.18 0.37
N VAL C 77 11.49 12.51 1.50
CA VAL C 77 10.50 12.86 2.53
C VAL C 77 10.91 14.16 3.24
N THR C 78 10.03 15.13 3.18
CA THR C 78 10.29 16.46 3.79
C THR C 78 9.41 16.68 5.02
N GLU C 79 8.39 15.87 5.27
CA GLU C 79 7.58 16.07 6.48
C GLU C 79 6.93 14.74 6.77
N ILE C 80 6.93 14.39 8.03
CA ILE C 80 6.10 13.29 8.55
C ILE C 80 5.28 13.82 9.71
N SER C 81 4.00 13.52 9.73
CA SER C 81 3.13 13.83 10.88
C SER C 81 2.34 12.59 11.21
N GLY C 82 1.63 12.65 12.32
CA GLY C 82 0.82 11.50 12.68
C GLY C 82 0.13 11.73 13.99
N THR C 83 -0.37 10.67 14.58
CA THR C 83 -1.06 10.73 15.87
C THR C 83 -0.64 9.56 16.73
N VAL C 84 -0.60 9.79 18.03
CA VAL C 84 -0.36 8.73 19.05
C VAL C 84 -1.61 8.62 19.88
N GLY C 85 -2.16 7.43 19.96
CA GLY C 85 -3.40 7.28 20.71
C GLY C 85 -3.58 5.87 21.16
N LYS C 86 -4.61 5.71 21.97
CA LYS C 86 -4.98 4.38 22.52
C LYS C 86 -5.71 3.59 21.45
N PHE C 87 -5.34 2.37 21.24
CA PHE C 87 -6.01 1.40 20.36
C PHE C 87 -6.05 0.11 21.17
N GLY C 88 -7.19 -0.28 21.64
CA GLY C 88 -7.29 -1.39 22.61
C GLY C 88 -6.59 -0.98 23.88
N THR C 89 -5.64 -1.80 24.34
CA THR C 89 -4.95 -1.49 25.62
C THR C 89 -3.58 -0.85 25.36
N ASP C 90 -3.22 -0.54 24.12
CA ASP C 90 -1.86 -0.06 23.76
C ASP C 90 -1.91 1.39 23.26
N ASP C 91 -1.00 2.25 23.64
CA ASP C 91 -0.79 3.56 23.01
C ASP C 91 0.15 3.37 21.86
N ILE C 92 -0.26 3.69 20.65
CA ILE C 92 0.50 3.38 19.43
C ILE C 92 0.45 4.52 18.47
N VAL C 93 1.17 4.40 17.37
CA VAL C 93 1.06 5.31 16.23
C VAL C 93 -0.22 4.94 15.47
N THR C 94 -1.25 5.74 15.67
CA THR C 94 -2.56 5.46 15.08
C THR C 94 -2.69 6.02 13.68
N SER C 95 -1.87 6.96 13.28
CA SER C 95 -1.84 7.48 11.91
C SER C 95 -0.46 8.01 11.59
N LEU C 96 -0.15 8.04 10.31
CA LEU C 96 1.07 8.66 9.79
C LEU C 96 0.72 9.33 8.46
N LYS C 97 1.31 10.46 8.20
CA LYS C 97 1.16 11.18 6.93
C LYS C 97 2.57 11.53 6.45
N ILE C 98 2.84 11.21 5.21
CA ILE C 98 4.16 11.41 4.57
C ILE C 98 4.00 12.43 3.47
N ILE C 99 4.88 13.40 3.41
CA ILE C 99 4.90 14.40 2.32
C ILE C 99 6.29 14.35 1.71
N THR C 100 6.36 14.28 0.38
CA THR C 100 7.66 14.31 -0.30
C THR C 100 7.91 15.67 -0.94
N SER C 101 9.17 15.85 -1.32
CA SER C 101 9.64 17.11 -1.94
C SER C 101 8.94 17.36 -3.27
N LYS C 102 8.39 16.31 -3.92
CA LYS C 102 7.68 16.44 -5.22
C LYS C 102 6.17 16.56 -4.99
N GLY C 103 5.74 16.70 -3.74
CA GLY C 103 4.31 16.92 -3.43
C GLY C 103 3.54 15.61 -3.35
N VAL C 104 4.18 14.45 -3.35
CA VAL C 104 3.44 13.19 -3.15
C VAL C 104 3.03 13.21 -1.67
N THR C 105 1.78 12.91 -1.37
CA THR C 105 1.29 12.75 0.02
C THR C 105 0.66 11.38 0.16
N ARG C 106 0.89 10.75 1.28
CA ARG C 106 0.23 9.47 1.62
C ARG C 106 -0.25 9.61 3.07
N THR C 107 -1.42 9.10 3.38
CA THR C 107 -1.94 9.05 4.77
C THR C 107 -2.28 7.61 5.10
N TYR C 108 -1.90 7.18 6.27
CA TYR C 108 -2.02 5.80 6.77
C TYR C 108 -2.71 5.86 8.13
N GLY C 109 -3.65 4.97 8.37
CA GLY C 109 -4.30 4.84 9.67
C GLY C 109 -5.38 5.84 9.90
N SER C 110 -5.66 6.11 11.18
CA SER C 110 -6.82 6.91 11.68
C SER C 110 -6.26 7.87 12.70
N GLY C 111 -6.61 9.16 12.59
CA GLY C 111 -6.14 10.20 13.51
C GLY C 111 -6.80 10.19 14.87
N THR C 112 -6.60 9.21 15.76
CA THR C 112 -7.07 9.15 17.13
C THR C 112 -5.90 9.49 18.09
N GLY C 113 -6.07 10.45 18.97
CA GLY C 113 -5.10 10.76 20.00
C GLY C 113 -4.50 12.13 19.79
N ILE C 114 -3.21 12.22 20.03
CA ILE C 114 -2.48 13.49 20.08
C ILE C 114 -1.57 13.58 18.86
N PRO C 115 -1.62 14.69 18.12
CA PRO C 115 -0.83 14.83 16.91
C PRO C 115 0.64 15.16 17.18
N PHE C 116 1.47 14.75 16.25
CA PHE C 116 2.88 15.22 16.17
C PHE C 116 3.15 15.57 14.72
N ARG C 117 4.10 16.45 14.49
CA ARG C 117 4.55 16.77 13.13
C ARG C 117 6.00 17.12 13.16
N VAL C 118 6.73 16.68 12.17
CA VAL C 118 8.16 17.00 11.96
C VAL C 118 8.30 17.51 10.52
N PRO C 119 8.18 18.82 10.32
CA PRO C 119 8.43 19.44 9.03
C PRO C 119 9.91 19.74 8.93
N VAL C 120 10.57 19.32 7.84
CA VAL C 120 12.01 19.55 7.64
C VAL C 120 12.18 20.55 6.53
N LEU C 121 12.93 21.59 6.79
CA LEU C 121 13.01 22.77 5.89
C LEU C 121 14.40 22.82 5.21
N ASP C 122 14.47 23.68 4.20
CA ASP C 122 15.76 24.11 3.61
C ASP C 122 16.54 22.95 3.02
N GLY C 123 15.83 22.01 2.41
CA GLY C 123 16.43 20.87 1.71
C GLY C 123 16.87 19.75 2.59
N GLY C 124 16.60 19.82 3.91
CA GLY C 124 16.82 18.64 4.77
C GLY C 124 15.82 17.54 4.44
N LYS C 125 16.08 16.35 4.92
CA LYS C 125 15.31 15.15 4.50
C LYS C 125 15.24 14.13 5.63
N ILE C 126 14.14 13.41 5.71
CA ILE C 126 14.06 12.24 6.61
C ILE C 126 14.84 11.11 5.94
N ALA C 127 15.87 10.62 6.58
CA ALA C 127 16.78 9.59 6.05
C ALA C 127 16.43 8.18 6.53
N GLY C 128 15.60 8.07 7.56
CA GLY C 128 15.19 6.74 8.04
C GLY C 128 14.49 6.85 9.37
N PHE C 129 14.34 5.70 10.00
CA PHE C 129 13.45 5.52 11.15
C PHE C 129 14.14 4.74 12.26
N PHE C 130 13.60 4.88 13.46
CA PHE C 130 13.80 3.97 14.58
C PHE C 130 12.48 3.94 15.33
N GLY C 131 12.34 3.09 16.32
CA GLY C 131 11.15 3.20 17.16
C GLY C 131 10.95 1.97 18.01
N ARG C 132 9.69 1.65 18.25
CA ARG C 132 9.29 0.46 19.00
C ARG C 132 8.15 -0.20 18.24
N ALA C 133 8.10 -1.53 18.26
CA ALA C 133 7.02 -2.21 17.55
C ALA C 133 6.74 -3.57 18.19
N GLY C 134 5.52 -4.02 17.97
CA GLY C 134 5.08 -5.35 18.42
C GLY C 134 4.13 -5.89 17.39
N ALA C 135 2.85 -6.03 17.74
CA ALA C 135 1.79 -6.27 16.77
C ALA C 135 1.56 -5.03 15.92
N PHE C 136 1.83 -3.86 16.43
CA PHE C 136 1.62 -2.58 15.74
C PHE C 136 2.89 -1.76 15.80
N LEU C 137 2.84 -0.57 15.23
CA LEU C 137 3.94 0.40 15.42
C LEU C 137 3.68 1.20 16.69
N ASP C 138 4.29 0.82 17.79
CA ASP C 138 4.11 1.53 19.07
C ASP C 138 4.65 2.96 19.02
N ALA C 139 5.82 3.15 18.42
CA ALA C 139 6.48 4.46 18.48
C ALA C 139 7.38 4.60 17.28
N ILE C 140 7.56 5.84 16.84
CA ILE C 140 8.37 6.12 15.63
C ILE C 140 9.24 7.35 15.90
N GLY C 141 10.50 7.28 15.50
CA GLY C 141 11.40 8.42 15.47
C GLY C 141 12.12 8.49 14.16
N PHE C 142 12.86 9.59 13.98
CA PHE C 142 13.41 9.92 12.65
C PHE C 142 14.92 10.15 12.75
N TYR C 143 15.59 9.78 11.67
CA TYR C 143 16.92 10.25 11.32
C TYR C 143 16.76 11.31 10.26
N ILE C 144 17.46 12.42 10.38
CA ILE C 144 17.27 13.58 9.47
C ILE C 144 18.65 14.09 9.06
N THR C 145 18.82 14.37 7.77
CA THR C 145 20.09 14.97 7.29
C THR C 145 19.79 16.31 6.70
N PRO C 146 20.74 17.25 6.80
CA PRO C 146 20.52 18.61 6.30
C PRO C 146 20.76 18.61 4.77
N LYS D 3 26.52 21.33 9.64
CA LYS D 3 25.36 22.15 9.10
C LYS D 3 24.10 21.70 9.83
N PRO D 4 23.30 22.62 10.38
CA PRO D 4 22.15 22.17 11.10
C PRO D 4 20.99 21.74 10.22
N VAL D 5 20.22 20.82 10.77
CA VAL D 5 18.85 20.54 10.27
C VAL D 5 17.94 21.61 10.80
N LYS D 6 16.93 22.00 10.05
CA LYS D 6 15.94 23.02 10.44
C LYS D 6 14.56 22.39 10.42
N ILE D 7 13.90 22.36 11.56
CA ILE D 7 12.59 21.71 11.68
C ILE D 7 11.60 22.60 12.37
N GLY D 8 10.35 22.48 11.98
CA GLY D 8 9.25 23.23 12.62
C GLY D 8 8.69 24.23 11.64
N PRO D 9 8.11 25.34 12.11
CA PRO D 9 7.93 25.66 13.52
C PRO D 9 6.57 25.15 14.04
N TRP D 10 6.40 25.25 15.32
CA TRP D 10 5.14 24.89 16.03
C TRP D 10 4.59 26.20 16.60
N GLY D 11 3.32 26.46 16.32
CA GLY D 11 2.65 27.68 16.74
C GLY D 11 1.70 28.20 15.69
N GLY D 12 1.32 29.41 15.78
CA GLY D 12 0.40 30.05 14.83
C GLY D 12 1.10 30.80 13.74
N ASN D 13 0.34 31.39 12.83
CA ASN D 13 0.94 32.08 11.65
C ASN D 13 0.85 33.59 11.84
N GLY D 14 0.55 34.09 13.03
CA GLY D 14 0.59 35.52 13.32
C GLY D 14 1.99 36.04 13.56
N GLY D 15 2.11 37.33 13.80
CA GLY D 15 3.42 37.94 14.10
C GLY D 15 4.26 38.07 12.83
N SER D 16 5.52 38.42 12.99
CA SER D 16 6.47 38.53 11.89
C SER D 16 7.47 37.40 11.97
N GLU D 17 7.93 36.91 10.83
CA GLU D 17 8.93 35.82 10.76
C GLU D 17 10.28 36.30 11.32
N ARG D 18 10.91 35.41 12.07
CA ARG D 18 12.20 35.67 12.72
C ARG D 18 13.15 34.54 12.36
N ASP D 19 14.41 34.86 12.04
CA ASP D 19 15.43 33.84 11.74
C ASP D 19 16.81 34.48 11.95
N VAL D 20 17.84 33.67 11.83
CA VAL D 20 19.23 34.16 11.97
C VAL D 20 20.04 33.79 10.72
N GLN D 21 21.08 34.59 10.54
CA GLN D 21 22.14 34.35 9.52
C GLN D 21 23.47 34.71 10.18
N PRO D 22 24.51 33.87 10.12
CA PRO D 22 24.50 32.54 9.53
C PRO D 22 23.72 31.57 10.45
N LYS D 23 23.54 30.35 9.96
CA LYS D 23 22.82 29.35 10.76
C LYS D 23 23.68 28.87 11.91
N PRO D 24 23.05 28.39 13.00
CA PRO D 24 23.77 27.96 14.19
C PRO D 24 24.22 26.51 14.14
N ILE D 25 25.41 26.24 14.67
CA ILE D 25 25.88 24.84 14.88
C ILE D 25 25.92 24.48 16.36
N ARG D 26 25.94 25.43 17.26
CA ARG D 26 25.74 25.11 18.69
C ARG D 26 25.30 26.40 19.37
N MET D 27 24.56 26.21 20.43
CA MET D 27 23.96 27.32 21.19
C MET D 27 24.88 27.68 22.34
N VAL D 28 25.06 28.96 22.58
CA VAL D 28 25.88 29.46 23.71
C VAL D 28 24.99 29.89 24.90
N SER D 29 23.87 30.52 24.59
CA SER D 29 22.93 30.96 25.65
C SER D 29 21.57 31.09 25.01
N MET D 30 20.52 31.00 25.85
CA MET D 30 19.18 31.37 25.40
C MET D 30 18.49 32.08 26.53
N THR D 31 17.64 33.03 26.14
CA THR D 31 16.86 33.85 27.07
C THR D 31 15.40 33.85 26.70
N VAL D 32 14.56 33.34 27.58
CA VAL D 32 13.11 33.33 27.35
C VAL D 32 12.48 34.35 28.27
N SER D 33 11.56 35.14 27.70
CA SER D 33 10.73 36.07 28.47
C SER D 33 9.35 35.44 28.62
N SER D 34 8.84 35.35 29.83
CA SER D 34 7.55 34.64 30.01
C SER D 34 6.82 35.10 31.25
N GLY D 35 5.52 34.84 31.25
CA GLY D 35 4.62 35.08 32.38
C GLY D 35 3.57 34.02 32.35
N ALA D 36 2.32 34.37 32.03
CA ALA D 36 1.28 33.36 31.79
C ALA D 36 1.60 32.54 30.56
N ILE D 37 2.21 33.15 29.55
CA ILE D 37 2.57 32.48 28.27
C ILE D 37 4.01 32.85 27.90
N VAL D 38 4.46 32.49 26.73
CA VAL D 38 5.82 32.83 26.27
C VAL D 38 5.79 34.13 25.49
N ASP D 39 6.36 35.16 26.08
CA ASP D 39 6.39 36.50 25.52
C ASP D 39 7.45 36.68 24.45
N ALA D 40 8.63 36.07 24.63
CA ALA D 40 9.75 36.32 23.70
C ALA D 40 10.84 35.27 23.86
N ILE D 41 11.67 35.16 22.85
CA ILE D 41 12.90 34.34 22.93
C ILE D 41 14.04 35.04 22.24
N ALA D 42 15.25 34.79 22.72
CA ALA D 42 16.48 35.31 22.14
C ALA D 42 17.57 34.26 22.41
N PHE D 43 18.65 34.30 21.65
CA PHE D 43 19.75 33.34 21.88
C PHE D 43 21.04 33.85 21.27
N THR D 44 22.13 33.26 21.73
CA THR D 44 23.46 33.46 21.14
C THR D 44 24.00 32.11 20.77
N TYR D 45 24.88 32.09 19.77
CA TYR D 45 25.23 30.80 19.13
C TYR D 45 26.56 30.92 18.45
N VAL D 46 27.14 29.78 18.14
CA VAL D 46 28.26 29.68 17.19
C VAL D 46 27.71 29.34 15.82
N GLY D 47 28.05 30.12 14.80
CA GLY D 47 27.53 29.92 13.44
C GLY D 47 28.29 28.83 12.68
N THR D 48 27.82 28.57 11.46
CA THR D 48 28.51 27.67 10.50
C THR D 48 29.89 28.23 10.16
N ASP D 49 30.13 29.52 10.39
CA ASP D 49 31.44 30.17 10.19
C ASP D 49 32.34 30.02 11.42
N ASN D 50 31.94 29.29 12.46
CA ASN D 50 32.72 29.05 13.72
C ASN D 50 32.98 30.35 14.46
N VAL D 51 32.10 31.32 14.29
CA VAL D 51 32.15 32.62 15.00
C VAL D 51 30.89 32.71 15.89
N GLN D 52 30.97 33.38 17.01
CA GLN D 52 29.80 33.66 17.87
C GLN D 52 28.98 34.79 17.29
N HIS D 53 27.65 34.59 17.32
CA HIS D 53 26.65 35.58 16.83
C HIS D 53 25.51 35.66 17.84
N SER D 54 24.76 36.74 17.77
CA SER D 54 23.48 36.96 18.48
C SER D 54 22.30 36.84 17.54
N SER D 55 21.16 36.42 18.08
CA SER D 55 19.90 36.55 17.33
C SER D 55 19.41 38.00 17.28
N GLY D 56 20.04 38.90 18.02
CA GLY D 56 19.65 40.31 18.03
C GLY D 56 18.58 40.64 19.03
N ILE D 57 17.75 41.61 18.71
CA ILE D 57 16.63 42.02 19.57
C ILE D 57 15.76 40.79 19.83
N LYS D 58 15.22 40.69 21.02
CA LYS D 58 14.38 39.52 21.38
C LYS D 58 13.19 39.43 20.43
N TRP D 59 12.82 38.20 20.17
CA TRP D 59 11.67 37.85 19.27
C TRP D 59 10.41 37.75 20.09
N GLY D 60 9.69 38.85 20.16
CA GLY D 60 8.47 38.96 20.96
C GLY D 60 8.41 40.30 21.64
N GLY D 61 7.56 40.42 22.64
CA GLY D 61 7.21 41.74 23.20
C GLY D 61 7.95 42.02 24.46
N THR D 62 7.44 42.96 25.23
CA THR D 62 8.09 43.50 26.44
C THR D 62 7.56 42.90 27.74
N GLY D 63 6.58 42.01 27.63
CA GLY D 63 5.96 41.41 28.80
C GLY D 63 6.77 40.27 29.36
N GLY D 64 6.41 39.90 30.57
CA GLY D 64 7.06 38.76 31.24
C GLY D 64 8.40 39.13 31.80
N THR D 65 9.03 38.10 32.36
CA THR D 65 10.37 38.23 32.95
C THR D 65 11.35 37.34 32.21
N GLU D 66 12.57 37.81 32.12
CA GLU D 66 13.62 37.08 31.37
C GLU D 66 14.28 36.04 32.26
N ASP D 67 14.65 34.93 31.65
CA ASP D 67 15.50 33.90 32.27
C ASP D 67 16.50 33.44 31.23
N THR D 68 17.75 33.37 31.62
CA THR D 68 18.86 32.95 30.72
C THR D 68 19.45 31.63 31.19
N ILE D 69 19.68 30.75 30.22
CA ILE D 69 20.37 29.43 30.35
C ILE D 69 21.71 29.63 29.60
N ASN D 70 22.85 29.27 30.18
CA ASN D 70 24.16 29.27 29.50
C ASN D 70 24.48 27.81 29.18
N LEU D 71 25.02 27.56 28.00
CA LEU D 71 25.26 26.22 27.47
C LEU D 71 26.71 26.06 27.06
N ASP D 72 27.20 24.82 27.05
CA ASP D 72 28.60 24.55 26.62
C ASP D 72 28.63 23.11 26.08
N ALA D 73 29.86 22.63 25.80
CA ALA D 73 30.07 21.35 25.10
C ALA D 73 29.50 20.20 25.92
N THR D 74 29.42 20.33 27.23
CA THR D 74 28.93 19.23 28.10
C THR D 74 27.51 19.52 28.60
N ASN D 75 27.02 20.74 28.49
CA ASN D 75 25.69 21.11 29.01
C ASN D 75 24.93 21.77 27.87
N TYR D 76 24.16 21.00 27.12
CA TYR D 76 23.52 21.44 25.86
C TYR D 76 22.07 21.02 25.90
N VAL D 77 21.24 21.68 25.13
CA VAL D 77 19.79 21.41 25.13
C VAL D 77 19.52 20.10 24.37
N THR D 78 18.89 19.15 25.02
CA THR D 78 18.57 17.84 24.46
C THR D 78 17.10 17.67 24.21
N GLU D 79 16.24 18.48 24.77
CA GLU D 79 14.79 18.30 24.52
C GLU D 79 14.10 19.63 24.75
N ILE D 80 13.19 19.95 23.85
CA ILE D 80 12.28 21.09 24.03
C ILE D 80 10.87 20.60 23.77
N SER D 81 9.95 21.00 24.62
CA SER D 81 8.53 20.72 24.42
C SER D 81 7.74 21.97 24.71
N GLY D 82 6.46 21.93 24.39
CA GLY D 82 5.60 23.07 24.72
C GLY D 82 4.19 22.84 24.27
N THR D 83 3.39 23.91 24.28
CA THR D 83 1.99 23.84 23.85
C THR D 83 1.69 25.03 22.94
N VAL D 84 0.75 24.78 22.05
CA VAL D 84 0.19 25.80 21.13
C VAL D 84 -1.25 25.99 21.49
N GLY D 85 -1.62 27.20 21.87
CA GLY D 85 -2.98 27.48 22.31
C GLY D 85 -3.36 28.90 21.96
N LYS D 86 -4.60 29.23 22.19
CA LYS D 86 -5.08 30.61 22.02
C LYS D 86 -4.64 31.50 23.19
N PHE D 87 -4.20 32.69 22.84
CA PHE D 87 -4.03 33.79 23.83
C PHE D 87 -4.62 35.00 23.16
N GLY D 88 -5.76 35.45 23.65
CA GLY D 88 -6.60 36.38 22.87
C GLY D 88 -7.12 35.59 21.66
N THR D 89 -6.96 36.16 20.49
CA THR D 89 -7.45 35.51 19.25
C THR D 89 -6.26 34.98 18.43
N ASP D 90 -5.08 34.90 19.01
CA ASP D 90 -3.90 34.35 18.28
C ASP D 90 -3.52 32.98 18.81
N ASP D 91 -3.13 32.08 17.95
CA ASP D 91 -2.52 30.80 18.37
C ASP D 91 -1.03 31.06 18.58
N ILE D 92 -0.55 30.82 19.80
CA ILE D 92 0.82 31.14 20.18
C ILE D 92 1.43 30.00 20.96
N VAL D 93 2.71 30.14 21.27
CA VAL D 93 3.39 29.24 22.21
C VAL D 93 2.97 29.61 23.62
N THR D 94 2.11 28.82 24.20
CA THR D 94 1.54 29.12 25.52
C THR D 94 2.37 28.56 26.68
N SER D 95 3.24 27.60 26.39
CA SER D 95 4.21 27.09 27.36
C SER D 95 5.37 26.48 26.61
N LEU D 96 6.52 26.45 27.26
CA LEU D 96 7.78 25.90 26.68
C LEU D 96 8.56 25.29 27.79
N LYS D 97 9.17 24.17 27.55
CA LYS D 97 9.99 23.46 28.55
C LYS D 97 11.31 23.09 27.89
N ILE D 98 12.40 23.37 28.56
CA ILE D 98 13.77 23.11 28.10
C ILE D 98 14.42 22.12 29.02
N ILE D 99 15.11 21.11 28.50
CA ILE D 99 15.93 20.18 29.27
C ILE D 99 17.32 20.13 28.68
N THR D 100 18.34 20.18 29.51
CA THR D 100 19.74 20.04 29.06
C THR D 100 20.28 18.67 29.35
N SER D 101 21.45 18.40 28.80
CA SER D 101 22.16 17.14 28.99
C SER D 101 22.58 16.93 30.46
N LYS D 102 22.69 17.98 31.26
CA LYS D 102 22.99 17.86 32.71
C LYS D 102 21.71 17.88 33.53
N GLY D 103 20.56 17.84 32.92
CA GLY D 103 19.26 17.84 33.63
C GLY D 103 18.82 19.20 34.06
N VAL D 104 19.43 20.27 33.60
CA VAL D 104 18.93 21.63 33.91
C VAL D 104 17.61 21.78 33.17
N THR D 105 16.56 22.18 33.86
CA THR D 105 15.19 22.17 33.31
C THR D 105 14.63 23.56 33.58
N ARG D 106 13.90 24.06 32.62
CA ARG D 106 13.14 25.31 32.79
C ARG D 106 11.77 25.06 32.22
N THR D 107 10.78 25.64 32.86
CA THR D 107 9.42 25.71 32.33
C THR D 107 9.07 27.18 32.21
N TYR D 108 8.59 27.58 31.10
CA TYR D 108 8.23 28.97 30.78
C TYR D 108 6.78 29.05 30.36
N GLY D 109 6.04 29.95 30.99
CA GLY D 109 4.59 30.01 30.83
C GLY D 109 3.88 28.95 31.61
N SER D 110 2.58 29.13 31.76
CA SER D 110 1.69 28.19 32.48
C SER D 110 0.52 27.78 31.59
N GLY D 111 0.62 28.02 30.31
CA GLY D 111 -0.50 27.83 29.39
C GLY D 111 -0.67 26.38 28.96
N THR D 112 -1.70 26.18 28.17
CA THR D 112 -2.19 24.87 27.74
C THR D 112 -2.35 24.86 26.20
N GLY D 113 -2.57 23.69 25.68
CA GLY D 113 -2.88 23.57 24.26
C GLY D 113 -2.33 22.31 23.66
N ILE D 114 -2.15 22.34 22.36
CA ILE D 114 -1.73 21.14 21.61
C ILE D 114 -0.24 20.97 21.80
N PRO D 115 0.18 19.80 22.33
CA PRO D 115 1.58 19.64 22.72
C PRO D 115 2.48 19.36 21.54
N PHE D 116 3.71 19.78 21.66
CA PHE D 116 4.81 19.37 20.77
C PHE D 116 5.99 19.01 21.65
N ARG D 117 6.82 18.11 21.15
CA ARG D 117 7.99 17.66 21.92
C ARG D 117 9.04 17.19 20.94
N VAL D 118 10.26 17.62 21.08
CA VAL D 118 11.40 17.22 20.24
C VAL D 118 12.54 16.78 21.16
N PRO D 119 12.65 15.48 21.41
CA PRO D 119 13.83 14.94 22.11
C PRO D 119 14.90 14.65 21.06
N VAL D 120 16.13 15.04 21.39
CA VAL D 120 17.30 14.82 20.50
C VAL D 120 18.24 13.82 21.14
N LEU D 121 18.57 12.80 20.38
CA LEU D 121 19.32 11.65 20.93
C LEU D 121 20.79 11.62 20.51
N ASP D 122 21.54 10.76 21.18
CA ASP D 122 22.90 10.37 20.75
C ASP D 122 23.86 11.56 20.69
N GLY D 123 23.72 12.49 21.60
CA GLY D 123 24.64 13.62 21.69
C GLY D 123 24.30 14.75 20.75
N GLY D 124 23.20 14.66 19.98
CA GLY D 124 22.71 15.82 19.21
C GLY D 124 22.18 16.85 20.15
N LYS D 125 22.03 18.06 19.62
CA LYS D 125 21.61 19.20 20.46
C LYS D 125 20.78 20.17 19.64
N ILE D 126 19.96 20.90 20.36
CA ILE D 126 19.30 22.08 19.76
C ILE D 126 20.34 23.19 19.72
N ALA D 127 20.65 23.68 18.52
CA ALA D 127 21.68 24.67 18.27
C ALA D 127 21.12 26.10 18.22
N GLY D 128 19.81 26.25 18.03
CA GLY D 128 19.23 27.58 17.94
C GLY D 128 17.79 27.50 17.46
N PHE D 129 17.26 28.66 17.13
CA PHE D 129 15.82 28.84 16.94
C PHE D 129 15.54 29.66 15.69
N PHE D 130 14.32 29.55 15.21
CA PHE D 130 13.64 30.47 14.27
C PHE D 130 12.19 30.51 14.69
N GLY D 131 11.39 31.36 14.09
CA GLY D 131 9.95 31.27 14.40
C GLY D 131 9.19 32.49 13.94
N ARG D 132 8.21 32.88 14.71
CA ARG D 132 7.37 34.07 14.41
C ARG D 132 7.05 34.73 15.74
N ALA D 133 6.99 36.04 15.79
CA ALA D 133 6.69 36.74 17.03
C ALA D 133 6.05 38.09 16.76
N GLY D 134 5.35 38.58 17.76
CA GLY D 134 4.79 39.93 17.78
C GLY D 134 4.85 40.46 19.16
N ALA D 135 3.72 40.61 19.86
CA ALA D 135 3.69 40.91 21.28
C ALA D 135 4.18 39.68 22.06
N PHE D 136 3.94 38.49 21.51
CA PHE D 136 4.23 37.21 22.15
C PHE D 136 4.97 36.32 21.15
N LEU D 137 5.32 35.12 21.59
CA LEU D 137 5.99 34.16 20.71
C LEU D 137 4.93 33.34 19.97
N ASP D 138 4.59 33.74 18.75
CA ASP D 138 3.59 33.04 17.93
C ASP D 138 4.02 31.63 17.60
N ALA D 139 5.28 31.40 17.23
CA ALA D 139 5.72 30.09 16.74
C ALA D 139 7.20 29.94 17.01
N ILE D 140 7.64 28.69 17.18
CA ILE D 140 9.06 28.41 17.46
C ILE D 140 9.44 27.19 16.66
N GLY D 141 10.63 27.19 16.09
CA GLY D 141 11.27 26.07 15.41
C GLY D 141 12.71 25.96 15.81
N PHE D 142 13.33 24.84 15.42
CA PHE D 142 14.66 24.48 15.94
C PHE D 142 15.65 24.21 14.81
N TYR D 143 16.88 24.58 15.09
CA TYR D 143 18.08 24.11 14.40
C TYR D 143 18.71 23.04 15.25
N ILE D 144 19.12 21.94 14.65
CA ILE D 144 19.61 20.77 15.42
C ILE D 144 20.89 20.27 14.76
N THR D 145 21.92 19.99 15.52
CA THR D 145 23.14 19.37 15.02
C THR D 145 23.39 18.07 15.75
N PRO D 146 24.02 17.10 15.07
CA PRO D 146 24.33 15.81 15.70
C PRO D 146 25.51 15.86 16.66
N PRO E 4 -1.83 -18.37 -2.06
CA PRO E 4 -1.17 -19.66 -2.36
C PRO E 4 -0.26 -19.47 -3.58
N VAL E 5 0.69 -20.37 -3.67
CA VAL E 5 1.41 -20.57 -4.96
C VAL E 5 0.55 -21.45 -5.87
N LYS E 6 0.66 -21.21 -7.16
CA LYS E 6 -0.13 -21.93 -8.16
C LYS E 6 0.87 -22.60 -9.13
N ILE E 7 0.83 -23.91 -9.20
CA ILE E 7 1.78 -24.66 -10.07
C ILE E 7 1.05 -25.69 -10.92
N GLY E 8 1.57 -25.92 -12.09
CA GLY E 8 1.05 -26.91 -13.00
C GLY E 8 0.44 -26.29 -14.23
N PRO E 9 -0.49 -26.97 -14.91
CA PRO E 9 -1.01 -28.29 -14.57
C PRO E 9 -0.19 -29.40 -15.25
N TRP E 10 -0.54 -30.63 -14.89
CA TRP E 10 -0.04 -31.89 -15.49
C TRP E 10 -1.24 -32.54 -16.16
N GLY E 11 -1.10 -32.84 -17.45
CA GLY E 11 -2.18 -33.48 -18.21
C GLY E 11 -2.14 -33.10 -19.64
N GLY E 12 -3.21 -33.46 -20.34
CA GLY E 12 -3.34 -33.13 -21.76
C GLY E 12 -3.96 -31.76 -21.94
N ASN E 13 -4.14 -31.40 -23.18
CA ASN E 13 -4.55 -30.04 -23.60
C ASN E 13 -6.06 -29.97 -23.83
N GLY E 14 -6.77 -31.11 -23.75
CA GLY E 14 -8.21 -31.13 -23.99
C GLY E 14 -9.00 -30.63 -22.81
N GLY E 15 -10.31 -30.58 -22.97
CA GLY E 15 -11.22 -30.19 -21.91
C GLY E 15 -11.29 -28.69 -21.79
N SER E 16 -12.19 -28.25 -20.95
CA SER E 16 -12.37 -26.80 -20.68
C SER E 16 -11.61 -26.45 -19.40
N GLU E 17 -11.13 -25.22 -19.36
CA GLU E 17 -10.35 -24.73 -18.18
C GLU E 17 -11.27 -24.64 -16.98
N ARG E 18 -10.75 -25.05 -15.84
CA ARG E 18 -11.49 -25.06 -14.55
C ARG E 18 -10.60 -24.40 -13.52
N ASP E 19 -11.17 -23.53 -12.71
CA ASP E 19 -10.45 -22.83 -11.63
C ASP E 19 -11.46 -22.33 -10.63
N VAL E 20 -10.94 -21.78 -9.54
CA VAL E 20 -11.80 -21.22 -8.47
C VAL E 20 -11.39 -19.78 -8.21
N GLN E 21 -12.39 -19.02 -7.76
CA GLN E 21 -12.22 -17.69 -7.20
C GLN E 21 -13.12 -17.63 -5.99
N PRO E 22 -12.69 -17.16 -4.79
CA PRO E 22 -11.32 -16.74 -4.53
C PRO E 22 -10.36 -17.91 -4.49
N LYS E 23 -9.07 -17.60 -4.45
CA LYS E 23 -8.05 -18.66 -4.35
C LYS E 23 -8.13 -19.31 -2.98
N PRO E 24 -7.69 -20.58 -2.90
CA PRO E 24 -7.77 -21.30 -1.64
C PRO E 24 -6.56 -21.12 -0.74
N ILE E 25 -6.79 -21.05 0.57
CA ILE E 25 -5.68 -21.04 1.54
C ILE E 25 -5.65 -22.35 2.32
N ARG E 26 -6.75 -23.11 2.35
CA ARG E 26 -6.78 -24.39 3.07
C ARG E 26 -7.83 -25.26 2.35
N MET E 27 -7.60 -26.53 2.24
CA MET E 27 -8.59 -27.45 1.69
C MET E 27 -9.39 -28.07 2.83
N VAL E 28 -10.71 -28.15 2.65
CA VAL E 28 -11.62 -28.74 3.64
C VAL E 28 -11.98 -30.17 3.27
N SER E 29 -12.21 -30.41 1.98
CA SER E 29 -12.51 -31.77 1.51
C SER E 29 -12.14 -31.85 0.05
N MET E 30 -11.90 -33.05 -0.45
CA MET E 30 -11.77 -33.27 -1.88
C MET E 30 -12.47 -34.58 -2.21
N THR E 31 -13.04 -34.63 -3.40
CA THR E 31 -13.75 -35.81 -3.87
C THR E 31 -13.20 -36.16 -5.25
N VAL E 32 -12.65 -37.35 -5.38
CA VAL E 32 -12.19 -37.86 -6.69
C VAL E 32 -13.20 -38.87 -7.18
N SER E 33 -13.60 -38.72 -8.44
CA SER E 33 -14.43 -39.73 -9.12
C SER E 33 -13.50 -40.54 -10.02
N SER E 34 -13.47 -41.85 -9.85
CA SER E 34 -12.50 -42.64 -10.60
C SER E 34 -12.96 -44.08 -10.82
N GLY E 35 -12.33 -44.72 -11.77
CA GLY E 35 -12.45 -46.16 -12.00
C GLY E 35 -11.17 -46.62 -12.61
N ALA E 36 -11.18 -46.95 -13.90
CA ALA E 36 -9.93 -47.20 -14.65
C ALA E 36 -9.09 -45.95 -14.70
N ILE E 37 -9.69 -44.78 -14.80
CA ILE E 37 -8.95 -43.51 -14.89
C ILE E 37 -9.57 -42.50 -13.93
N VAL E 38 -9.12 -41.27 -13.95
CA VAL E 38 -9.74 -40.20 -13.13
C VAL E 38 -10.81 -39.49 -13.95
N ASP E 39 -12.04 -39.74 -13.57
CA ASP E 39 -13.20 -39.20 -14.28
C ASP E 39 -13.49 -37.75 -13.88
N ALA E 40 -13.22 -37.34 -12.64
CA ALA E 40 -13.57 -35.99 -12.18
C ALA E 40 -12.88 -35.69 -10.85
N ILE E 41 -12.79 -34.41 -10.53
CA ILE E 41 -12.39 -33.97 -9.20
C ILE E 41 -13.25 -32.80 -8.76
N ALA E 42 -13.43 -32.68 -7.45
CA ALA E 42 -14.13 -31.54 -6.85
C ALA E 42 -13.52 -31.29 -5.48
N PHE E 43 -13.69 -30.10 -4.95
CA PHE E 43 -13.14 -29.85 -3.59
C PHE E 43 -13.88 -28.70 -2.96
N THR E 44 -13.72 -28.62 -1.64
CA THR E 44 -14.21 -27.48 -0.84
C THR E 44 -13.03 -26.90 -0.08
N TYR E 45 -13.06 -25.61 0.15
CA TYR E 45 -11.86 -24.92 0.65
C TYR E 45 -12.26 -23.67 1.41
N VAL E 46 -11.29 -23.17 2.15
CA VAL E 46 -11.37 -21.82 2.75
C VAL E 46 -10.60 -20.87 1.83
N GLY E 47 -11.24 -19.79 1.42
CA GLY E 47 -10.62 -18.82 0.49
C GLY E 47 -9.71 -17.83 1.19
N THR E 48 -9.09 -16.97 0.39
CA THR E 48 -8.30 -15.82 0.89
C THR E 48 -9.18 -14.87 1.69
N ASP E 49 -10.50 -14.94 1.51
CA ASP E 49 -11.51 -14.16 2.30
C ASP E 49 -11.88 -14.85 3.61
N ASN E 50 -11.27 -15.98 3.97
CA ASN E 50 -11.55 -16.77 5.21
C ASN E 50 -12.97 -17.28 5.23
N VAL E 51 -13.55 -17.52 4.05
CA VAL E 51 -14.91 -18.08 3.89
C VAL E 51 -14.80 -19.46 3.25
N GLN E 52 -15.69 -20.39 3.63
CA GLN E 52 -15.73 -21.71 2.95
C GLN E 52 -16.45 -21.54 1.60
N HIS E 53 -15.86 -22.11 0.59
CA HIS E 53 -16.37 -22.14 -0.80
C HIS E 53 -16.26 -23.56 -1.33
N SER E 54 -17.07 -23.82 -2.36
CA SER E 54 -16.99 -25.03 -3.20
C SER E 54 -16.30 -24.70 -4.50
N SER E 55 -15.70 -25.70 -5.11
CA SER E 55 -15.25 -25.60 -6.51
C SER E 55 -16.38 -25.63 -7.50
N GLY E 56 -17.61 -25.81 -7.05
CA GLY E 56 -18.82 -25.86 -7.89
C GLY E 56 -19.09 -27.28 -8.31
N ILE E 57 -19.72 -27.41 -9.49
CA ILE E 57 -20.00 -28.75 -10.05
C ILE E 57 -18.67 -29.47 -10.25
N LYS E 58 -18.66 -30.78 -10.18
CA LYS E 58 -17.43 -31.57 -10.35
C LYS E 58 -16.79 -31.27 -11.70
N TRP E 59 -15.47 -31.31 -11.72
CA TRP E 59 -14.67 -31.08 -12.91
C TRP E 59 -14.41 -32.40 -13.61
N GLY E 60 -15.26 -32.73 -14.58
CA GLY E 60 -15.18 -34.01 -15.28
C GLY E 60 -16.52 -34.59 -15.52
N GLY E 61 -16.57 -35.86 -15.86
CA GLY E 61 -17.81 -36.49 -16.34
C GLY E 61 -18.50 -37.25 -15.25
N THR E 62 -19.39 -38.13 -15.68
CA THR E 62 -20.31 -38.87 -14.79
C THR E 62 -19.84 -40.28 -14.53
N GLY E 63 -18.69 -40.69 -15.06
CA GLY E 63 -18.20 -42.05 -14.83
C GLY E 63 -17.51 -42.22 -13.49
N GLY E 64 -17.25 -43.46 -13.12
CA GLY E 64 -16.46 -43.75 -11.92
C GLY E 64 -17.26 -43.62 -10.65
N THR E 65 -16.59 -43.78 -9.57
CA THR E 65 -17.18 -43.79 -8.22
C THR E 65 -16.51 -42.67 -7.43
N GLU E 66 -17.28 -42.00 -6.59
CA GLU E 66 -16.76 -40.89 -5.77
C GLU E 66 -16.11 -41.43 -4.50
N ASP E 67 -15.04 -40.78 -4.10
CA ASP E 67 -14.34 -41.05 -2.84
C ASP E 67 -13.94 -39.68 -2.27
N THR E 68 -14.34 -39.45 -1.04
CA THR E 68 -14.14 -38.14 -0.37
C THR E 68 -13.12 -38.28 0.75
N ILE E 69 -12.18 -37.33 0.79
CA ILE E 69 -11.17 -37.17 1.87
C ILE E 69 -11.58 -35.88 2.61
N ASN E 70 -11.76 -35.93 3.92
CA ASN E 70 -12.01 -34.73 4.75
C ASN E 70 -10.72 -34.32 5.43
N LEU E 71 -10.46 -33.03 5.43
CA LEU E 71 -9.14 -32.48 5.81
C LEU E 71 -9.35 -31.39 6.85
N ASP E 72 -8.31 -31.10 7.62
CA ASP E 72 -8.34 -29.98 8.58
C ASP E 72 -6.90 -29.50 8.81
N ALA E 73 -6.72 -28.62 9.78
CA ALA E 73 -5.43 -27.92 10.00
C ALA E 73 -4.31 -28.93 10.29
N THR E 74 -4.62 -30.08 10.88
CA THR E 74 -3.60 -31.07 11.27
C THR E 74 -3.60 -32.27 10.35
N ASN E 75 -4.63 -32.45 9.52
CA ASN E 75 -4.72 -33.61 8.59
C ASN E 75 -4.91 -33.01 7.22
N TYR E 76 -3.81 -32.83 6.49
CA TYR E 76 -3.80 -32.07 5.23
C TYR E 76 -3.04 -32.91 4.22
N VAL E 77 -3.29 -32.59 2.96
CA VAL E 77 -2.58 -33.26 1.87
C VAL E 77 -1.15 -32.73 1.74
N THR E 78 -0.20 -33.65 1.84
CA THR E 78 1.22 -33.30 1.77
C THR E 78 1.87 -33.78 0.48
N GLU E 79 1.24 -34.64 -0.27
CA GLU E 79 1.84 -35.08 -1.55
C GLU E 79 0.73 -35.55 -2.44
N ILE E 80 0.78 -35.14 -3.68
CA ILE E 80 -0.06 -35.73 -4.74
C ILE E 80 0.86 -36.19 -5.85
N SER E 81 0.67 -37.39 -6.33
CA SER E 81 1.39 -37.92 -7.51
C SER E 81 0.36 -38.48 -8.46
N GLY E 82 0.80 -38.83 -9.65
CA GLY E 82 -0.15 -39.42 -10.60
C GLY E 82 0.52 -39.71 -11.91
N THR E 83 -0.28 -39.98 -12.90
CA THR E 83 0.20 -40.26 -14.27
C THR E 83 -0.65 -39.52 -15.25
N VAL E 84 -0.04 -39.14 -16.35
CA VAL E 84 -0.70 -38.54 -17.53
C VAL E 84 -0.49 -39.51 -18.69
N GLY E 85 -1.57 -39.94 -19.31
CA GLY E 85 -1.44 -40.94 -20.37
C GLY E 85 -2.60 -40.89 -21.29
N LYS E 86 -2.45 -41.62 -22.37
CA LYS E 86 -3.50 -41.72 -23.41
C LYS E 86 -4.55 -42.68 -22.93
N PHE E 87 -5.79 -42.33 -23.07
CA PHE E 87 -6.96 -43.16 -22.77
C PHE E 87 -7.92 -42.86 -23.93
N GLY E 88 -8.08 -43.81 -24.82
CA GLY E 88 -8.73 -43.53 -26.10
C GLY E 88 -7.90 -42.55 -26.90
N THR E 89 -8.51 -41.46 -27.34
CA THR E 89 -7.79 -40.46 -28.17
C THR E 89 -7.41 -39.25 -27.32
N ASP E 90 -7.57 -39.28 -26.00
CA ASP E 90 -7.32 -38.11 -25.14
C ASP E 90 -6.16 -38.38 -24.19
N ASP E 91 -5.27 -37.42 -23.96
CA ASP E 91 -4.27 -37.53 -22.91
C ASP E 91 -4.86 -36.95 -21.65
N ILE E 92 -4.95 -37.72 -20.60
CA ILE E 92 -5.69 -37.32 -19.35
C ILE E 92 -4.90 -37.72 -18.12
N VAL E 93 -5.43 -37.36 -16.99
CA VAL E 93 -4.96 -37.84 -15.68
C VAL E 93 -5.46 -39.26 -15.51
N THR E 94 -4.59 -40.23 -15.70
CA THR E 94 -4.96 -41.64 -15.62
C THR E 94 -4.91 -42.19 -14.21
N SER E 95 -4.13 -41.56 -13.33
CA SER E 95 -4.08 -41.98 -11.92
C SER E 95 -3.73 -40.79 -11.04
N LEU E 96 -4.13 -40.91 -9.80
CA LEU E 96 -3.74 -39.95 -8.74
C LEU E 96 -3.49 -40.73 -7.49
N LYS E 97 -2.53 -40.30 -6.67
CA LYS E 97 -2.27 -40.84 -5.34
C LYS E 97 -2.18 -39.65 -4.42
N ILE E 98 -2.88 -39.74 -3.30
CA ILE E 98 -2.97 -38.65 -2.31
C ILE E 98 -2.35 -39.19 -1.03
N ILE E 99 -1.50 -38.41 -0.41
CA ILE E 99 -0.92 -38.75 0.92
C ILE E 99 -1.21 -37.60 1.86
N THR E 100 -1.72 -37.90 3.03
CA THR E 100 -1.97 -36.86 4.04
C THR E 100 -0.89 -36.90 5.12
N SER E 101 -0.91 -35.84 5.89
CA SER E 101 0.05 -35.61 6.99
C SER E 101 -0.11 -36.68 8.06
N LYS E 102 -1.27 -37.34 8.16
CA LYS E 102 -1.52 -38.40 9.18
C LYS E 102 -1.28 -39.78 8.57
N GLY E 103 -0.72 -39.84 7.38
CA GLY E 103 -0.35 -41.14 6.78
C GLY E 103 -1.51 -41.76 6.03
N VAL E 104 -2.62 -41.10 5.84
CA VAL E 104 -3.70 -41.67 5.00
C VAL E 104 -3.17 -41.64 3.56
N THR E 105 -3.28 -42.72 2.83
CA THR E 105 -2.99 -42.77 1.38
C THR E 105 -4.25 -43.23 0.67
N ARG E 106 -4.50 -42.68 -0.46
CA ARG E 106 -5.58 -43.12 -1.37
C ARG E 106 -4.98 -43.19 -2.77
N THR E 107 -5.30 -44.19 -3.56
CA THR E 107 -4.89 -44.31 -4.96
C THR E 107 -6.14 -44.42 -5.82
N TYR E 108 -6.13 -43.73 -6.92
CA TYR E 108 -7.26 -43.63 -7.87
C TYR E 108 -6.73 -43.93 -9.26
N GLY E 109 -7.52 -44.66 -10.06
CA GLY E 109 -7.20 -44.85 -11.48
C GLY E 109 -6.13 -45.88 -11.70
N SER E 110 -5.45 -45.80 -12.83
CA SER E 110 -4.48 -46.80 -13.37
C SER E 110 -3.27 -46.03 -13.85
N GLY E 111 -2.07 -46.46 -13.44
CA GLY E 111 -0.82 -45.76 -13.75
C GLY E 111 -0.35 -46.03 -15.14
N THR E 112 -0.99 -45.46 -16.18
CA THR E 112 -0.58 -45.55 -17.58
C THR E 112 -0.07 -44.18 -18.05
N GLY E 113 1.15 -44.14 -18.57
CA GLY E 113 1.73 -42.92 -19.10
C GLY E 113 2.91 -42.45 -18.29
N ILE E 114 3.00 -41.14 -18.11
CA ILE E 114 4.22 -40.49 -17.58
C ILE E 114 3.88 -39.96 -16.19
N PRO E 115 4.72 -40.31 -15.18
CA PRO E 115 4.43 -39.92 -13.83
C PRO E 115 4.73 -38.46 -13.52
N PHE E 116 4.05 -37.93 -12.56
CA PHE E 116 4.36 -36.63 -11.93
C PHE E 116 4.24 -36.83 -10.43
N ARG E 117 4.94 -36.01 -9.67
CA ARG E 117 4.88 -36.08 -8.20
C ARG E 117 5.11 -34.69 -7.66
N VAL E 118 4.29 -34.26 -6.72
CA VAL E 118 4.46 -32.96 -6.02
C VAL E 118 4.45 -33.23 -4.52
N PRO E 119 5.62 -33.42 -3.93
CA PRO E 119 5.77 -33.62 -2.49
C PRO E 119 5.92 -32.24 -1.89
N VAL E 120 5.15 -31.92 -0.86
CA VAL E 120 5.22 -30.60 -0.19
C VAL E 120 5.80 -30.82 1.19
N LEU E 121 6.86 -30.07 1.50
CA LEU E 121 7.66 -30.37 2.70
C LEU E 121 7.47 -29.26 3.76
N ASP E 122 7.93 -29.60 4.97
CA ASP E 122 8.09 -28.61 6.06
C ASP E 122 6.77 -27.99 6.48
N GLY E 123 5.72 -28.76 6.47
CA GLY E 123 4.38 -28.33 6.93
C GLY E 123 3.61 -27.57 5.90
N GLY E 124 4.10 -27.44 4.66
CA GLY E 124 3.26 -26.88 3.57
C GLY E 124 2.15 -27.87 3.20
N LYS E 125 1.17 -27.40 2.46
CA LYS E 125 -0.04 -28.22 2.17
C LYS E 125 -0.59 -27.91 0.79
N ILE E 126 -1.19 -28.91 0.18
CA ILE E 126 -2.03 -28.64 -1.02
C ILE E 126 -3.34 -28.03 -0.55
N ALA E 127 -3.63 -26.83 -0.99
CA ALA E 127 -4.85 -26.07 -0.59
C ALA E 127 -6.00 -26.21 -1.56
N GLY E 128 -5.74 -26.68 -2.78
CA GLY E 128 -6.83 -26.83 -3.75
C GLY E 128 -6.26 -27.10 -5.12
N PHE E 129 -7.13 -27.00 -6.12
CA PHE E 129 -6.86 -27.51 -7.48
C PHE E 129 -7.32 -26.49 -8.51
N PHE E 130 -6.76 -26.65 -9.72
CA PHE E 130 -7.28 -26.09 -10.97
C PHE E 130 -7.01 -27.12 -12.04
N GLY E 131 -7.50 -26.95 -13.24
CA GLY E 131 -7.09 -27.86 -14.31
C GLY E 131 -7.95 -27.72 -15.54
N ARG E 132 -8.15 -28.83 -16.23
CA ARG E 132 -9.00 -28.92 -17.43
C ARG E 132 -9.82 -30.18 -17.30
N ALA E 133 -11.04 -30.16 -17.80
CA ALA E 133 -11.86 -31.38 -17.71
C ALA E 133 -12.92 -31.38 -18.79
N GLY E 134 -13.38 -32.58 -19.11
CA GLY E 134 -14.45 -32.81 -20.08
C GLY E 134 -15.24 -34.01 -19.59
N ALA E 135 -15.18 -35.12 -20.32
CA ALA E 135 -15.68 -36.40 -19.83
C ALA E 135 -14.80 -36.93 -18.72
N PHE E 136 -13.55 -36.57 -18.71
CA PHE E 136 -12.55 -37.04 -17.73
C PHE E 136 -11.82 -35.83 -17.18
N LEU E 137 -10.87 -36.09 -16.25
CA LEU E 137 -9.97 -35.03 -15.79
C LEU E 137 -8.76 -34.96 -16.73
N ASP E 138 -8.79 -34.06 -17.68
CA ASP E 138 -7.69 -33.89 -18.66
C ASP E 138 -6.39 -33.47 -17.98
N ALA E 139 -6.47 -32.54 -17.02
CA ALA E 139 -5.23 -31.96 -16.45
C ALA E 139 -5.54 -31.47 -15.07
N ILE E 140 -4.51 -31.50 -14.20
CA ILE E 140 -4.66 -31.08 -12.80
C ILE E 140 -3.48 -30.21 -12.41
N GLY E 141 -3.71 -29.16 -11.68
CA GLY E 141 -2.68 -28.36 -11.03
C GLY E 141 -3.07 -28.07 -9.60
N PHE E 142 -2.14 -27.46 -8.89
CA PHE E 142 -2.26 -27.31 -7.44
C PHE E 142 -2.07 -25.88 -6.98
N TYR E 143 -2.81 -25.54 -5.94
CA TYR E 143 -2.55 -24.40 -5.07
C TYR E 143 -1.88 -24.90 -3.80
N ILE E 144 -0.81 -24.26 -3.37
CA ILE E 144 -0.01 -24.76 -2.23
C ILE E 144 0.25 -23.61 -1.28
N THR E 145 0.08 -23.83 0.01
CA THR E 145 0.44 -22.81 1.04
C THR E 145 1.52 -23.35 1.93
N PRO E 146 2.42 -22.47 2.41
CA PRO E 146 3.53 -22.89 3.24
C PRO E 146 3.04 -23.16 4.67
N PRO F 4 8.51 -19.21 1.77
CA PRO F 4 8.35 -20.00 0.55
C PRO F 4 7.74 -21.37 0.87
N VAL F 5 7.10 -21.93 -0.15
CA VAL F 5 6.74 -23.35 -0.16
C VAL F 5 7.97 -24.12 -0.58
N LYS F 6 8.12 -25.32 -0.09
CA LYS F 6 9.27 -26.20 -0.38
C LYS F 6 8.69 -27.49 -1.01
N ILE F 7 9.08 -27.74 -2.23
CA ILE F 7 8.54 -28.93 -2.93
C ILE F 7 9.66 -29.74 -3.58
N GLY F 8 9.46 -31.03 -3.64
CA GLY F 8 10.44 -31.92 -4.26
C GLY F 8 11.07 -32.81 -3.21
N PRO F 9 12.30 -33.30 -3.47
CA PRO F 9 13.08 -33.09 -4.67
C PRO F 9 12.82 -34.18 -5.72
N TRP F 10 13.36 -33.99 -6.91
CA TRP F 10 13.32 -34.95 -8.03
C TRP F 10 14.74 -35.41 -8.28
N GLY F 11 14.95 -36.73 -8.33
CA GLY F 11 16.29 -37.30 -8.50
C GLY F 11 16.47 -38.55 -7.70
N GLY F 12 17.70 -38.97 -7.54
CA GLY F 12 18.02 -40.17 -6.79
C GLY F 12 18.25 -39.88 -5.31
N ASN F 13 18.60 -40.91 -4.55
CA ASN F 13 18.82 -40.79 -3.09
C ASN F 13 20.31 -40.82 -2.77
N GLY F 14 21.19 -40.74 -3.75
CA GLY F 14 22.63 -40.70 -3.48
C GLY F 14 23.12 -39.30 -3.10
N GLY F 15 24.41 -39.21 -2.85
CA GLY F 15 25.06 -37.95 -2.48
C GLY F 15 24.71 -37.51 -1.06
N SER F 16 25.04 -36.30 -0.71
CA SER F 16 24.69 -35.71 0.60
C SER F 16 23.61 -34.68 0.44
N GLU F 17 22.76 -34.54 1.43
CA GLU F 17 21.68 -33.55 1.44
C GLU F 17 22.20 -32.13 1.49
N ARG F 18 21.56 -31.27 0.72
CA ARG F 18 21.96 -29.85 0.56
C ARG F 18 20.75 -28.97 0.83
N ASP F 19 20.89 -27.90 1.56
CA ASP F 19 19.82 -26.95 1.86
C ASP F 19 20.44 -25.61 2.27
N VAL F 20 19.62 -24.60 2.46
CA VAL F 20 20.05 -23.26 2.91
C VAL F 20 19.28 -22.84 4.15
N GLN F 21 19.92 -21.99 4.92
CA GLN F 21 19.31 -21.26 6.03
C GLN F 21 19.85 -19.84 5.96
N PRO F 22 19.01 -18.79 6.06
CA PRO F 22 17.56 -18.89 6.15
C PRO F 22 16.97 -19.28 4.80
N LYS F 23 15.67 -19.52 4.80
CA LYS F 23 15.00 -19.87 3.54
C LYS F 23 14.89 -18.68 2.62
N PRO F 24 14.82 -18.94 1.32
CA PRO F 24 14.82 -17.83 0.35
C PRO F 24 13.44 -17.29 0.02
N ILE F 25 13.32 -16.00 -0.15
CA ILE F 25 12.08 -15.35 -0.62
C ILE F 25 12.23 -14.84 -2.05
N ARG F 26 13.45 -14.63 -2.54
CA ARG F 26 13.61 -14.44 -3.98
C ARG F 26 15.06 -14.76 -4.32
N MET F 27 15.22 -15.16 -5.55
CA MET F 27 16.53 -15.60 -6.06
C MET F 27 17.18 -14.40 -6.76
N VAL F 28 18.46 -14.23 -6.48
CA VAL F 28 19.26 -13.15 -7.08
C VAL F 28 20.09 -13.68 -8.26
N SER F 29 20.67 -14.85 -8.11
CA SER F 29 21.43 -15.48 -9.20
C SER F 29 21.41 -16.96 -9.00
N MET F 30 21.63 -17.70 -10.08
CA MET F 30 21.85 -19.14 -10.00
C MET F 30 22.94 -19.51 -11.00
N THR F 31 23.72 -20.51 -10.62
CA THR F 31 24.82 -20.99 -11.44
C THR F 31 24.72 -22.50 -11.57
N VAL F 32 24.59 -22.99 -12.80
CA VAL F 32 24.56 -24.43 -13.06
C VAL F 32 25.88 -24.83 -13.68
N SER F 33 26.45 -25.93 -13.18
CA SER F 33 27.66 -26.54 -13.77
C SER F 33 27.18 -27.77 -14.54
N SER F 34 27.54 -27.87 -15.80
CA SER F 34 27.00 -28.99 -16.59
C SER F 34 27.88 -29.33 -17.76
N GLY F 35 27.69 -30.57 -18.24
CA GLY F 35 28.35 -31.05 -19.45
C GLY F 35 27.37 -31.99 -20.13
N ALA F 36 27.65 -33.30 -20.11
CA ALA F 36 26.66 -34.28 -20.56
C ALA F 36 25.47 -34.32 -19.62
N ILE F 37 25.70 -34.09 -18.33
CA ILE F 37 24.62 -34.13 -17.31
C ILE F 37 24.79 -32.89 -16.41
N VAL F 38 24.03 -32.82 -15.32
CA VAL F 38 24.13 -31.69 -14.38
C VAL F 38 25.10 -32.05 -13.28
N ASP F 39 26.24 -31.40 -13.30
CA ASP F 39 27.33 -31.66 -12.34
C ASP F 39 27.07 -30.96 -11.01
N ALA F 40 26.49 -29.76 -11.00
CA ALA F 40 26.38 -28.99 -9.75
C ALA F 40 25.39 -27.84 -9.93
N ILE F 41 24.90 -27.33 -8.80
CA ILE F 41 24.12 -26.08 -8.81
C ILE F 41 24.49 -25.24 -7.62
N ALA F 42 24.32 -23.93 -7.73
CA ALA F 42 24.59 -22.96 -6.67
C ALA F 42 23.65 -21.79 -6.89
N PHE F 43 23.37 -21.01 -5.87
CA PHE F 43 22.54 -19.80 -6.06
C PHE F 43 22.78 -18.79 -4.95
N THR F 44 22.34 -17.57 -5.20
CA THR F 44 22.31 -16.49 -4.21
C THR F 44 20.89 -15.96 -4.13
N TYR F 45 20.53 -15.44 -2.96
CA TYR F 45 19.11 -15.17 -2.70
C TYR F 45 18.99 -14.13 -1.62
N VAL F 46 17.79 -13.58 -1.53
CA VAL F 46 17.35 -12.77 -0.38
C VAL F 46 16.57 -13.69 0.56
N GLY F 47 16.96 -13.72 1.83
CA GLY F 47 16.32 -14.62 2.82
C GLY F 47 15.04 -14.02 3.38
N THR F 48 14.40 -14.82 4.24
CA THR F 48 13.22 -14.39 5.04
C THR F 48 13.61 -13.22 5.93
N ASP F 49 14.88 -13.01 6.23
CA ASP F 49 15.41 -11.87 7.01
C ASP F 49 15.65 -10.61 6.15
N ASN F 50 15.33 -10.63 4.85
CA ASN F 50 15.53 -9.51 3.90
C ASN F 50 17.02 -9.18 3.74
N VAL F 51 17.89 -10.15 3.95
CA VAL F 51 19.36 -10.03 3.75
C VAL F 51 19.75 -10.95 2.59
N GLN F 52 20.76 -10.56 1.83
CA GLN F 52 21.29 -11.41 0.76
C GLN F 52 22.21 -12.47 1.35
N HIS F 53 22.08 -13.69 0.86
CA HIS F 53 22.86 -14.88 1.29
C HIS F 53 23.29 -15.67 0.07
N SER F 54 24.32 -16.48 0.23
CA SER F 54 24.79 -17.48 -0.77
C SER F 54 24.38 -18.87 -0.32
N SER F 55 24.20 -19.79 -1.24
CA SER F 55 24.11 -21.22 -0.93
C SER F 55 25.45 -21.80 -0.53
N GLY F 56 26.53 -21.06 -0.74
CA GLY F 56 27.87 -21.54 -0.39
C GLY F 56 28.55 -22.26 -1.51
N ILE F 57 29.42 -23.20 -1.20
CA ILE F 57 30.11 -24.02 -2.23
C ILE F 57 29.05 -24.66 -3.11
N LYS F 58 29.36 -24.84 -4.37
CA LYS F 58 28.41 -25.45 -5.33
C LYS F 58 28.07 -26.84 -4.84
N TRP F 59 26.82 -27.22 -5.11
CA TRP F 59 26.28 -28.54 -4.74
C TRP F 59 26.52 -29.52 -5.87
N GLY F 60 27.60 -30.26 -5.77
CA GLY F 60 28.04 -31.19 -6.81
C GLY F 60 29.52 -31.12 -7.00
N GLY F 61 30.00 -31.67 -8.10
CA GLY F 61 31.44 -31.92 -8.28
C GLY F 61 32.10 -30.81 -9.08
N THR F 62 33.26 -31.11 -9.63
CA THR F 62 34.11 -30.12 -10.32
C THR F 62 34.00 -30.22 -11.85
N GLY F 63 33.18 -31.15 -12.35
CA GLY F 63 33.09 -31.34 -13.79
C GLY F 63 32.14 -30.33 -14.42
N GLY F 64 32.20 -30.29 -15.74
CA GLY F 64 31.32 -29.39 -16.49
C GLY F 64 31.80 -27.95 -16.45
N THR F 65 30.98 -27.11 -17.06
CA THR F 65 31.26 -25.67 -17.15
C THR F 65 30.12 -24.90 -16.49
N GLU F 66 30.47 -23.79 -15.86
CA GLU F 66 29.49 -22.95 -15.14
C GLU F 66 28.77 -22.01 -16.08
N ASP F 67 27.50 -21.78 -15.79
CA ASP F 67 26.69 -20.76 -16.47
C ASP F 67 25.85 -20.05 -15.39
N THR F 68 25.89 -18.74 -15.37
CA THR F 68 25.18 -17.96 -14.35
C THR F 68 24.02 -17.18 -14.99
N ILE F 69 22.88 -17.18 -14.32
CA ILE F 69 21.65 -16.41 -14.66
C ILE F 69 21.54 -15.36 -13.54
N ASN F 70 21.43 -14.08 -13.89
CA ASN F 70 21.16 -13.00 -12.89
C ASN F 70 19.68 -12.67 -12.99
N LEU F 71 19.06 -12.53 -11.84
CA LEU F 71 17.58 -12.42 -11.75
C LEU F 71 17.20 -11.17 -10.97
N ASP F 72 16.01 -10.67 -11.25
CA ASP F 72 15.53 -9.45 -10.56
C ASP F 72 14.01 -9.48 -10.59
N ALA F 73 13.38 -8.38 -10.16
CA ALA F 73 11.92 -8.33 -9.93
C ALA F 73 11.16 -8.59 -11.22
N THR F 74 11.76 -8.27 -12.38
CA THR F 74 11.06 -8.42 -13.67
C THR F 74 11.56 -9.65 -14.42
N ASN F 75 12.70 -10.22 -14.05
CA ASN F 75 13.31 -11.36 -14.76
C ASN F 75 13.54 -12.45 -13.73
N TYR F 76 12.59 -13.35 -13.58
CA TYR F 76 12.61 -14.37 -12.51
C TYR F 76 12.30 -15.71 -13.19
N VAL F 77 12.67 -16.75 -12.50
CA VAL F 77 12.43 -18.13 -12.99
C VAL F 77 10.98 -18.51 -12.79
N THR F 78 10.31 -18.86 -13.86
CA THR F 78 8.87 -19.25 -13.80
C THR F 78 8.67 -20.72 -14.06
N GLU F 79 9.63 -21.49 -14.54
CA GLU F 79 9.41 -22.91 -14.81
C GLU F 79 10.74 -23.60 -14.79
N ILE F 80 10.80 -24.76 -14.18
CA ILE F 80 11.98 -25.63 -14.27
C ILE F 80 11.52 -27.02 -14.62
N SER F 81 12.20 -27.67 -15.55
CA SER F 81 11.93 -29.08 -15.88
C SER F 81 13.25 -29.79 -15.98
N GLY F 82 13.19 -31.12 -16.09
CA GLY F 82 14.42 -31.88 -16.25
C GLY F 82 14.12 -33.35 -16.36
N THR F 83 15.20 -34.15 -16.26
CA THR F 83 15.07 -35.61 -16.37
C THR F 83 15.90 -36.23 -15.24
N VAL F 84 15.44 -37.40 -14.79
CA VAL F 84 16.16 -38.25 -13.81
C VAL F 84 16.53 -39.53 -14.52
N GLY F 85 17.80 -39.81 -14.63
CA GLY F 85 18.28 -41.00 -15.30
C GLY F 85 19.56 -41.48 -14.70
N LYS F 86 20.04 -42.60 -15.23
CA LYS F 86 21.33 -43.16 -14.77
C LYS F 86 22.51 -42.40 -15.34
N PHE F 87 23.47 -42.17 -14.49
CA PHE F 87 24.82 -41.76 -14.94
C PHE F 87 25.78 -42.59 -14.13
N GLY F 88 26.41 -43.56 -14.79
CA GLY F 88 27.00 -44.69 -14.08
C GLY F 88 25.89 -45.51 -13.43
N THR F 89 26.06 -45.77 -12.16
CA THR F 89 25.11 -46.57 -11.37
C THR F 89 24.28 -45.67 -10.46
N ASP F 90 24.32 -44.36 -10.63
CA ASP F 90 23.50 -43.45 -9.78
C ASP F 90 22.38 -42.82 -10.60
N ASP F 91 21.20 -42.68 -9.99
CA ASP F 91 20.10 -41.90 -10.60
C ASP F 91 20.31 -40.43 -10.23
N ILE F 92 20.47 -39.60 -11.25
CA ILE F 92 20.82 -38.19 -11.03
C ILE F 92 19.97 -37.30 -11.95
N VAL F 93 20.16 -36.00 -11.80
CA VAL F 93 19.58 -35.02 -12.71
C VAL F 93 20.41 -35.02 -13.98
N THR F 94 19.90 -35.63 -15.04
CA THR F 94 20.60 -35.79 -16.30
C THR F 94 20.39 -34.61 -17.24
N SER F 95 19.35 -33.83 -17.03
CA SER F 95 19.15 -32.57 -17.80
C SER F 95 18.28 -31.67 -16.94
N LEU F 96 18.40 -30.38 -17.20
CA LEU F 96 17.59 -29.34 -16.52
C LEU F 96 17.33 -28.25 -17.50
N LYS F 97 16.13 -27.72 -17.48
CA LYS F 97 15.72 -26.59 -18.32
C LYS F 97 15.15 -25.51 -17.44
N ILE F 98 15.59 -24.29 -17.60
CA ILE F 98 15.16 -23.11 -16.80
C ILE F 98 14.50 -22.15 -17.76
N ILE F 99 13.33 -21.68 -17.40
CA ILE F 99 12.57 -20.68 -18.19
C ILE F 99 12.34 -19.48 -17.31
N THR F 100 12.59 -18.31 -17.85
CA THR F 100 12.36 -17.04 -17.11
C THR F 100 11.08 -16.37 -17.58
N SER F 101 10.71 -15.35 -16.81
CA SER F 101 9.52 -14.52 -17.08
C SER F 101 9.69 -13.76 -18.38
N LYS F 102 10.88 -13.62 -18.91
CA LYS F 102 11.09 -12.98 -20.26
C LYS F 102 11.08 -14.03 -21.38
N GLY F 103 10.73 -15.27 -21.10
CA GLY F 103 10.62 -16.33 -22.10
C GLY F 103 11.99 -16.93 -22.45
N VAL F 104 13.06 -16.56 -21.73
CA VAL F 104 14.38 -17.07 -22.08
C VAL F 104 14.37 -18.50 -21.57
N THR F 105 14.84 -19.44 -22.36
CA THR F 105 15.01 -20.84 -21.96
C THR F 105 16.52 -21.15 -22.03
N ARG F 106 16.97 -21.85 -21.05
CA ARG F 106 18.35 -22.33 -20.97
C ARG F 106 18.27 -23.82 -20.64
N THR F 107 19.12 -24.61 -21.28
CA THR F 107 19.17 -26.06 -21.09
C THR F 107 20.56 -26.45 -20.63
N TYR F 108 20.60 -27.31 -19.65
CA TYR F 108 21.84 -27.81 -19.02
C TYR F 108 21.84 -29.31 -19.09
N GLY F 109 22.94 -29.86 -19.61
CA GLY F 109 22.98 -31.32 -19.78
C GLY F 109 22.29 -31.69 -21.10
N SER F 110 22.56 -32.89 -21.54
CA SER F 110 22.02 -33.48 -22.78
C SER F 110 21.41 -34.84 -22.48
N GLY F 111 21.21 -35.15 -21.22
CA GLY F 111 20.77 -36.48 -20.82
C GLY F 111 19.26 -36.67 -20.93
N THR F 112 18.87 -37.90 -20.60
CA THR F 112 17.51 -38.40 -20.80
C THR F 112 17.04 -39.04 -19.47
N GLY F 113 15.77 -39.39 -19.42
CA GLY F 113 15.24 -40.11 -18.27
C GLY F 113 13.82 -39.73 -17.96
N ILE F 114 13.42 -39.95 -16.72
CA ILE F 114 12.00 -39.71 -16.31
C ILE F 114 11.82 -38.24 -16.10
N PRO F 115 10.86 -37.62 -16.80
CA PRO F 115 10.74 -36.15 -16.76
C PRO F 115 10.07 -35.66 -15.48
N PHE F 116 10.45 -34.45 -15.11
CA PHE F 116 9.71 -33.65 -14.11
C PHE F 116 9.57 -32.26 -14.65
N ARG F 117 8.50 -31.58 -14.26
CA ARG F 117 8.24 -30.22 -14.79
C ARG F 117 7.44 -29.48 -13.75
N VAL F 118 7.87 -28.30 -13.37
CA VAL F 118 7.13 -27.42 -12.45
C VAL F 118 6.97 -26.04 -13.06
N PRO F 119 5.84 -25.79 -13.71
CA PRO F 119 5.46 -24.45 -14.17
C PRO F 119 4.84 -23.69 -13.03
N VAL F 120 5.27 -22.44 -12.80
CA VAL F 120 4.73 -21.58 -11.72
C VAL F 120 3.93 -20.47 -12.36
N LEU F 121 2.70 -20.32 -11.92
CA LEU F 121 1.77 -19.41 -12.58
C LEU F 121 1.49 -18.14 -11.74
N ASP F 122 0.85 -17.18 -12.39
CA ASP F 122 0.25 -16.01 -11.70
C ASP F 122 1.30 -15.18 -10.97
N GLY F 123 2.47 -15.06 -11.55
CA GLY F 123 3.54 -14.21 -11.00
C GLY F 123 4.30 -14.85 -9.88
N GLY F 124 4.07 -16.12 -9.56
CA GLY F 124 4.92 -16.83 -8.60
C GLY F 124 6.28 -17.12 -9.24
N LYS F 125 7.25 -17.44 -8.42
CA LYS F 125 8.63 -17.58 -8.90
C LYS F 125 9.37 -18.61 -8.10
N ILE F 126 10.36 -19.22 -8.74
CA ILE F 126 11.31 -20.10 -8.03
C ILE F 126 12.25 -19.18 -7.25
N ALA F 127 12.29 -19.30 -5.94
CA ALA F 127 13.11 -18.48 -5.04
C ALA F 127 14.45 -19.11 -4.70
N GLY F 128 14.60 -20.39 -4.91
CA GLY F 128 15.85 -21.10 -4.61
C GLY F 128 15.68 -22.59 -4.67
N PHE F 129 16.69 -23.29 -4.15
CA PHE F 129 16.86 -24.74 -4.35
C PHE F 129 17.22 -25.41 -3.04
N PHE F 130 17.00 -26.71 -3.03
CA PHE F 130 17.58 -27.70 -2.08
C PHE F 130 17.84 -28.96 -2.88
N GLY F 131 18.44 -29.97 -2.28
CA GLY F 131 18.50 -31.25 -3.03
C GLY F 131 19.57 -32.16 -2.44
N ARG F 132 20.23 -32.90 -3.30
CA ARG F 132 21.28 -33.86 -2.89
C ARG F 132 22.36 -33.82 -3.95
N ALA F 133 23.61 -33.94 -3.56
CA ALA F 133 24.72 -33.89 -4.53
C ALA F 133 25.92 -34.64 -4.01
N GLY F 134 26.71 -35.11 -4.95
CA GLY F 134 28.00 -35.76 -4.67
C GLY F 134 28.98 -35.33 -5.71
N ALA F 135 29.38 -36.19 -6.59
CA ALA F 135 30.17 -35.79 -7.78
C ALA F 135 29.26 -35.04 -8.76
N PHE F 136 27.96 -35.33 -8.76
CA PHE F 136 26.98 -34.74 -9.67
C PHE F 136 25.78 -34.28 -8.87
N LEU F 137 24.78 -33.73 -9.56
CA LEU F 137 23.54 -33.30 -8.90
C LEU F 137 22.59 -34.49 -8.86
N ASP F 138 22.56 -35.19 -7.73
CA ASP F 138 21.67 -36.36 -7.54
C ASP F 138 20.22 -35.95 -7.59
N ALA F 139 19.83 -34.87 -6.95
CA ALA F 139 18.41 -34.50 -6.84
C ALA F 139 18.26 -33.02 -6.63
N ILE F 140 17.15 -32.46 -7.04
CA ILE F 140 16.90 -31.01 -6.99
C ILE F 140 15.46 -30.78 -6.55
N GLY F 141 15.24 -29.84 -5.66
CA GLY F 141 13.93 -29.34 -5.26
C GLY F 141 13.89 -27.86 -5.22
N PHE F 142 12.69 -27.30 -5.04
CA PHE F 142 12.46 -25.85 -5.24
C PHE F 142 11.84 -25.23 -4.02
N TYR F 143 12.20 -24.00 -3.77
CA TYR F 143 11.48 -23.05 -2.96
C TYR F 143 10.73 -22.12 -3.87
N ILE F 144 9.45 -21.86 -3.58
CA ILE F 144 8.60 -21.10 -4.53
C ILE F 144 7.84 -20.07 -3.71
N THR F 145 7.80 -18.84 -4.18
CA THR F 145 6.99 -17.79 -3.55
C THR F 145 5.93 -17.30 -4.51
N PRO F 146 4.79 -16.86 -4.02
CA PRO F 146 3.69 -16.41 -4.86
C PRO F 146 3.97 -14.96 -5.30
N LYS G 3 12.78 -21.01 17.53
CA LYS G 3 11.45 -21.42 17.04
C LYS G 3 10.95 -22.54 17.93
N PRO G 4 9.72 -22.43 18.48
CA PRO G 4 9.21 -23.51 19.28
C PRO G 4 8.86 -24.73 18.42
N VAL G 5 8.89 -25.87 19.07
CA VAL G 5 8.26 -27.07 18.50
C VAL G 5 6.78 -26.99 18.81
N LYS G 6 5.97 -27.56 17.94
CA LYS G 6 4.50 -27.56 18.01
C LYS G 6 4.02 -28.99 18.02
N ILE G 7 3.38 -29.41 19.10
CA ILE G 7 2.91 -30.82 19.20
C ILE G 7 1.46 -30.87 19.63
N GLY G 8 0.79 -31.90 19.18
CA GLY G 8 -0.60 -32.15 19.51
C GLY G 8 -1.49 -31.97 18.31
N PRO G 9 -2.76 -31.60 18.50
CA PRO G 9 -3.41 -31.40 19.79
C PRO G 9 -4.06 -32.72 20.28
N TRP G 10 -4.54 -32.68 21.49
CA TRP G 10 -5.28 -33.76 22.18
C TRP G 10 -6.69 -33.26 22.39
N GLY G 11 -7.66 -34.02 21.91
CA GLY G 11 -9.07 -33.65 22.00
C GLY G 11 -9.86 -34.10 20.83
N GLY G 12 -11.03 -33.55 20.66
CA GLY G 12 -11.91 -33.85 19.55
C GLY G 12 -11.66 -33.03 18.33
N ASN G 13 -12.37 -33.30 17.27
CA ASN G 13 -12.21 -32.55 16.00
C ASN G 13 -13.31 -31.52 15.84
N GLY G 14 -14.12 -31.25 16.86
CA GLY G 14 -15.10 -30.18 16.80
C GLY G 14 -14.50 -28.81 17.03
N GLY G 15 -15.35 -27.81 16.95
CA GLY G 15 -14.99 -26.42 17.19
C GLY G 15 -14.20 -25.85 16.03
N SER G 16 -13.66 -24.67 16.21
CA SER G 16 -12.81 -24.04 15.17
C SER G 16 -11.37 -24.07 15.62
N GLU G 17 -10.44 -24.15 14.69
CA GLU G 17 -8.99 -24.11 14.94
C GLU G 17 -8.61 -22.78 15.55
N ARG G 18 -7.75 -22.83 16.54
CA ARG G 18 -7.26 -21.64 17.27
C ARG G 18 -5.75 -21.69 17.28
N ASP G 19 -5.10 -20.58 17.03
CA ASP G 19 -3.62 -20.51 17.07
C ASP G 19 -3.20 -19.04 17.26
N VAL G 20 -1.92 -18.82 17.44
CA VAL G 20 -1.36 -17.46 17.62
C VAL G 20 -0.27 -17.19 16.59
N GLN G 21 -0.11 -15.89 16.37
CA GLN G 21 1.02 -15.34 15.61
C GLN G 21 1.47 -14.09 16.36
N PRO G 22 2.76 -13.87 16.63
CA PRO G 22 3.85 -14.80 16.30
C PRO G 22 3.82 -16.00 17.25
N LYS G 23 4.66 -16.98 16.96
CA LYS G 23 4.72 -18.17 17.84
C LYS G 23 5.40 -17.79 19.13
N PRO G 24 5.06 -18.53 20.21
CA PRO G 24 5.60 -18.19 21.54
C PRO G 24 6.95 -18.85 21.83
N ILE G 25 7.81 -18.13 22.52
CA ILE G 25 9.09 -18.69 23.01
C ILE G 25 9.07 -18.86 24.51
N ARG G 26 8.20 -18.16 25.25
CA ARG G 26 7.99 -18.49 26.68
C ARG G 26 6.64 -17.92 27.07
N MET G 27 6.06 -18.52 28.07
CA MET G 27 4.69 -18.16 28.50
C MET G 27 4.80 -17.18 29.65
N VAL G 28 3.95 -16.17 29.67
CA VAL G 28 3.88 -15.17 30.78
C VAL G 28 2.72 -15.49 31.73
N SER G 29 1.59 -15.87 31.19
CA SER G 29 0.43 -16.22 32.02
C SER G 29 -0.47 -17.14 31.23
N MET G 30 -1.28 -17.92 31.92
CA MET G 30 -2.36 -18.68 31.27
C MET G 30 -3.58 -18.63 32.15
N THR G 31 -4.73 -18.59 31.49
CA THR G 31 -6.02 -18.50 32.17
C THR G 31 -6.93 -19.61 31.63
N VAL G 32 -7.32 -20.51 32.50
CA VAL G 32 -8.22 -21.61 32.13
C VAL G 32 -9.59 -21.30 32.72
N SER G 33 -10.64 -21.44 31.93
CA SER G 33 -12.03 -21.31 32.35
C SER G 33 -12.57 -22.73 32.49
N SER G 34 -13.13 -23.07 33.66
CA SER G 34 -13.53 -24.47 33.84
C SER G 34 -14.62 -24.54 34.89
N GLY G 35 -15.30 -25.67 34.87
CA GLY G 35 -16.31 -26.09 35.81
C GLY G 35 -16.26 -27.58 35.91
N ALA G 36 -17.29 -28.27 35.42
CA ALA G 36 -17.22 -29.73 35.27
C ALA G 36 -16.14 -30.12 34.28
N ILE G 37 -15.95 -29.34 33.24
CA ILE G 37 -14.97 -29.62 32.16
C ILE G 37 -14.20 -28.34 31.87
N VAL G 38 -13.38 -28.36 30.85
CA VAL G 38 -12.62 -27.16 30.45
C VAL G 38 -13.37 -26.40 29.37
N ASP G 39 -13.88 -25.25 29.78
CA ASP G 39 -14.69 -24.36 28.95
C ASP G 39 -13.86 -23.54 28.00
N ALA G 40 -12.66 -23.12 28.38
CA ALA G 40 -11.89 -22.16 27.54
C ALA G 40 -10.48 -22.06 28.05
N ILE G 41 -9.58 -21.61 27.17
CA ILE G 41 -8.20 -21.25 27.57
C ILE G 41 -7.79 -19.97 26.90
N ALA G 42 -6.89 -19.24 27.54
CA ALA G 42 -6.29 -18.02 27.01
C ALA G 42 -4.89 -17.93 27.61
N PHE G 43 -3.98 -17.20 26.99
CA PHE G 43 -2.63 -17.07 27.53
C PHE G 43 -1.98 -15.82 27.01
N THR G 44 -0.93 -15.41 27.70
CA THR G 44 -0.05 -14.33 27.25
C THR G 44 1.37 -14.89 27.22
N TYR G 45 2.19 -14.35 26.34
CA TYR G 45 3.46 -15.00 26.02
C TYR G 45 4.41 -13.98 25.46
N VAL G 46 5.70 -14.34 25.40
CA VAL G 46 6.70 -13.60 24.65
C VAL G 46 6.88 -14.29 23.31
N GLY G 47 6.75 -13.55 22.22
CA GLY G 47 6.86 -14.13 20.87
C GLY G 47 8.29 -14.30 20.41
N THR G 48 8.42 -14.87 19.19
CA THR G 48 9.72 -15.00 18.50
C THR G 48 10.30 -13.61 18.23
N ASP G 49 9.48 -12.56 18.26
CA ASP G 49 9.90 -11.14 18.12
C ASP G 49 10.35 -10.53 19.45
N ASN G 50 10.40 -11.28 20.54
CA ASN G 50 10.79 -10.82 21.90
C ASN G 50 9.83 -9.77 22.43
N VAL G 51 8.57 -9.78 21.97
CA VAL G 51 7.52 -8.86 22.45
C VAL G 51 6.46 -9.67 23.21
N GLN G 52 5.87 -9.08 24.24
CA GLN G 52 4.72 -9.72 24.90
C GLN G 52 3.44 -9.58 24.05
N HIS G 53 2.79 -10.69 23.83
CA HIS G 53 1.52 -10.80 23.07
C HIS G 53 0.50 -11.57 23.88
N SER G 54 -0.73 -11.48 23.47
CA SER G 54 -1.92 -12.16 24.02
C SER G 54 -2.40 -13.12 22.95
N SER G 55 -3.03 -14.22 23.35
CA SER G 55 -3.82 -15.05 22.47
C SER G 55 -5.13 -14.37 22.04
N GLY G 56 -5.50 -13.29 22.69
CA GLY G 56 -6.73 -12.57 22.36
C GLY G 56 -7.89 -13.07 23.18
N ILE G 57 -9.08 -12.97 22.63
CA ILE G 57 -10.29 -13.46 23.32
C ILE G 57 -10.11 -14.95 23.64
N LYS G 58 -10.66 -15.37 24.76
CA LYS G 58 -10.51 -16.77 25.19
C LYS G 58 -10.99 -17.73 24.11
N TRP G 59 -10.33 -18.84 24.05
CA TRP G 59 -10.67 -19.96 23.14
C TRP G 59 -11.65 -20.89 23.82
N GLY G 60 -12.93 -20.68 23.55
CA GLY G 60 -14.01 -21.45 24.18
C GLY G 60 -15.17 -20.57 24.55
N GLY G 61 -16.06 -21.05 25.37
CA GLY G 61 -17.33 -20.39 25.62
C GLY G 61 -17.30 -19.55 26.89
N THR G 62 -18.50 -19.27 27.36
CA THR G 62 -18.69 -18.33 28.50
C THR G 62 -18.90 -19.05 29.83
N GLY G 63 -18.93 -20.35 29.83
CA GLY G 63 -19.20 -21.14 31.03
C GLY G 63 -17.97 -21.29 31.90
N GLY G 64 -18.21 -21.72 33.13
CA GLY G 64 -17.13 -21.94 34.10
C GLY G 64 -16.61 -20.65 34.70
N THR G 65 -15.56 -20.80 35.50
CA THR G 65 -14.88 -19.63 36.09
C THR G 65 -13.39 -19.67 35.73
N GLU G 66 -12.79 -18.49 35.72
CA GLU G 66 -11.40 -18.33 35.28
C GLU G 66 -10.44 -18.56 36.45
N ASP G 67 -9.27 -19.07 36.09
CA ASP G 67 -8.14 -19.17 37.05
C ASP G 67 -6.87 -18.87 36.25
N THR G 68 -6.02 -18.00 36.78
CA THR G 68 -4.82 -17.55 36.08
C THR G 68 -3.56 -18.00 36.85
N ILE G 69 -2.55 -18.47 36.11
CA ILE G 69 -1.20 -18.82 36.57
C ILE G 69 -0.26 -17.77 35.98
N ASN G 70 0.64 -17.17 36.72
CA ASN G 70 1.68 -16.28 36.19
C ASN G 70 3.02 -17.02 36.20
N LEU G 71 3.81 -16.82 35.18
CA LEU G 71 5.05 -17.57 34.93
C LEU G 71 6.20 -16.61 34.69
N ASP G 72 7.43 -17.05 34.89
CA ASP G 72 8.62 -16.21 34.65
C ASP G 72 9.80 -17.15 34.36
N ALA G 73 11.00 -16.58 34.27
CA ALA G 73 12.21 -17.30 33.81
C ALA G 73 12.51 -18.51 34.71
N THR G 74 12.14 -18.42 35.99
CA THR G 74 12.48 -19.49 36.95
C THR G 74 11.25 -20.33 37.29
N ASN G 75 10.04 -19.89 36.96
CA ASN G 75 8.79 -20.57 37.29
C ASN G 75 8.02 -20.74 36.01
N TYR G 76 8.19 -21.88 35.35
CA TYR G 76 7.67 -22.11 33.99
C TYR G 76 7.01 -23.47 33.96
N VAL G 77 6.10 -23.68 33.04
CA VAL G 77 5.33 -24.93 32.97
C VAL G 77 6.22 -26.05 32.44
N THR G 78 6.31 -27.10 33.23
CA THR G 78 7.15 -28.28 32.87
C THR G 78 6.32 -29.49 32.61
N GLU G 79 5.03 -29.54 32.95
CA GLU G 79 4.20 -30.70 32.62
C GLU G 79 2.76 -30.24 32.50
N ILE G 80 2.09 -30.67 31.46
CA ILE G 80 0.63 -30.56 31.34
C ILE G 80 0.07 -31.94 31.10
N SER G 81 -0.98 -32.30 31.80
CA SER G 81 -1.69 -33.55 31.56
C SER G 81 -3.18 -33.25 31.50
N GLY G 82 -3.95 -34.25 31.12
CA GLY G 82 -5.41 -34.03 31.08
C GLY G 82 -6.10 -35.26 30.56
N THR G 83 -7.38 -35.08 30.26
CA THR G 83 -8.21 -36.15 29.70
C THR G 83 -9.02 -35.63 28.54
N VAL G 84 -9.31 -36.50 27.60
CA VAL G 84 -10.24 -36.27 26.48
C VAL G 84 -11.42 -37.20 26.70
N GLY G 85 -12.59 -36.61 26.85
CA GLY G 85 -13.79 -37.39 27.12
C GLY G 85 -15.00 -36.67 26.62
N LYS G 86 -16.15 -37.11 27.05
CA LYS G 86 -17.42 -36.63 26.48
C LYS G 86 -17.99 -35.54 27.33
N PHE G 87 -18.47 -34.50 26.68
CA PHE G 87 -19.40 -33.55 27.33
C PHE G 87 -20.52 -33.33 26.37
N GLY G 88 -21.70 -33.83 26.72
CA GLY G 88 -22.77 -34.04 25.74
C GLY G 88 -22.28 -35.08 24.73
N THR G 89 -22.39 -34.76 23.47
CA THR G 89 -21.97 -35.69 22.39
C THR G 89 -20.64 -35.26 21.78
N ASP G 90 -19.92 -34.33 22.38
CA ASP G 90 -18.60 -33.92 21.83
C ASP G 90 -17.45 -34.48 22.69
N ASP G 91 -16.39 -34.88 21.97
CA ASP G 91 -15.10 -35.18 22.60
C ASP G 91 -14.40 -33.85 22.86
N ILE G 92 -14.09 -33.58 24.13
CA ILE G 92 -13.49 -32.31 24.52
C ILE G 92 -12.42 -32.59 25.57
N VAL G 93 -11.73 -31.54 25.96
CA VAL G 93 -10.82 -31.58 27.12
C VAL G 93 -11.65 -31.56 28.39
N THR G 94 -11.74 -32.69 29.05
CA THR G 94 -12.62 -32.80 30.22
C THR G 94 -11.89 -32.50 31.52
N SER G 95 -10.55 -32.54 31.51
CA SER G 95 -9.74 -32.13 32.67
C SER G 95 -8.37 -31.72 32.17
N LEU G 96 -7.70 -30.91 32.98
CA LEU G 96 -6.33 -30.45 32.74
C LEU G 96 -5.61 -30.36 34.06
N LYS G 97 -4.31 -30.61 34.06
CA LYS G 97 -3.45 -30.42 35.23
C LYS G 97 -2.19 -29.76 34.75
N ILE G 98 -1.76 -28.72 35.44
CA ILE G 98 -0.54 -27.94 35.13
C ILE G 98 0.41 -28.07 36.27
N ILE G 99 1.69 -28.29 35.98
CA ILE G 99 2.79 -28.32 36.97
C ILE G 99 3.88 -27.40 36.48
N THR G 100 4.41 -26.56 37.35
CA THR G 100 5.55 -25.68 37.03
C THR G 100 6.83 -26.18 37.63
N SER G 101 7.92 -25.56 37.21
CA SER G 101 9.29 -25.86 37.68
C SER G 101 9.44 -25.62 39.16
N LYS G 102 8.63 -24.78 39.76
CA LYS G 102 8.66 -24.46 41.21
C LYS G 102 7.58 -25.28 41.94
N GLY G 103 6.92 -26.19 41.27
CA GLY G 103 5.90 -27.05 41.88
C GLY G 103 4.55 -26.39 42.01
N VAL G 104 4.30 -25.26 41.37
CA VAL G 104 2.91 -24.72 41.35
C VAL G 104 2.05 -25.68 40.53
N THR G 105 0.92 -26.09 41.08
CA THR G 105 0.08 -27.14 40.49
C THR G 105 -1.34 -26.64 40.47
N ARG G 106 -2.02 -26.83 39.36
CA ARG G 106 -3.44 -26.49 39.25
C ARG G 106 -4.14 -27.63 38.56
N THR G 107 -5.39 -27.90 38.94
CA THR G 107 -6.24 -28.89 38.29
C THR G 107 -7.54 -28.23 37.87
N TYR G 108 -7.99 -28.45 36.68
CA TYR G 108 -9.16 -27.84 36.07
C TYR G 108 -10.08 -28.91 35.54
N GLY G 109 -11.38 -28.75 35.81
CA GLY G 109 -12.38 -29.73 35.37
C GLY G 109 -12.36 -30.93 36.34
N SER G 110 -13.39 -31.73 36.26
CA SER G 110 -13.58 -32.95 37.07
C SER G 110 -13.95 -34.12 36.17
N GLY G 111 -13.84 -33.97 34.86
CA GLY G 111 -14.19 -35.10 33.99
C GLY G 111 -13.00 -36.04 33.81
N THR G 112 -13.21 -37.06 32.99
CA THR G 112 -12.22 -38.13 32.75
C THR G 112 -12.27 -38.53 31.27
N GLY G 113 -11.64 -39.64 30.93
CA GLY G 113 -11.55 -40.09 29.55
C GLY G 113 -10.12 -40.54 29.26
N ILE G 114 -9.73 -40.37 28.04
CA ILE G 114 -8.42 -40.86 27.54
C ILE G 114 -7.35 -39.90 27.98
N PRO G 115 -6.37 -40.35 28.78
CA PRO G 115 -5.39 -39.43 29.37
C PRO G 115 -4.30 -39.06 28.37
N PHE G 116 -3.75 -37.89 28.58
CA PHE G 116 -2.52 -37.44 27.94
C PHE G 116 -1.64 -36.78 28.98
N ARG G 117 -0.33 -36.77 28.77
CA ARG G 117 0.64 -36.21 29.73
C ARG G 117 1.89 -35.84 28.94
N VAL G 118 2.34 -34.59 29.03
CA VAL G 118 3.56 -34.12 28.34
C VAL G 118 4.48 -33.49 29.37
N PRO G 119 5.49 -34.21 29.84
CA PRO G 119 6.52 -33.66 30.72
C PRO G 119 7.66 -33.15 29.83
N VAL G 120 8.22 -32.00 30.19
CA VAL G 120 9.35 -31.36 29.46
C VAL G 120 10.58 -31.34 30.33
N LEU G 121 11.69 -31.80 29.84
CA LEU G 121 12.92 -31.94 30.64
C LEU G 121 13.99 -30.92 30.27
N ASP G 122 15.02 -30.86 31.11
CA ASP G 122 16.28 -30.16 30.83
C ASP G 122 16.08 -28.68 30.64
N GLY G 123 15.17 -28.09 31.41
CA GLY G 123 14.93 -26.65 31.37
C GLY G 123 14.05 -26.23 30.25
N GLY G 124 13.51 -27.13 29.43
CA GLY G 124 12.51 -26.79 28.42
C GLY G 124 11.22 -26.46 29.10
N LYS G 125 10.31 -25.82 28.38
CA LYS G 125 9.06 -25.34 28.95
C LYS G 125 7.97 -25.34 27.91
N ILE G 126 6.75 -25.47 28.39
CA ILE G 126 5.58 -25.16 27.57
C ILE G 126 5.48 -23.65 27.43
N ALA G 127 5.60 -23.17 26.21
CA ALA G 127 5.62 -21.76 25.88
C ALA G 127 4.26 -21.19 25.55
N GLY G 128 3.31 -22.01 25.20
CA GLY G 128 1.97 -21.55 24.80
C GLY G 128 1.17 -22.67 24.21
N PHE G 129 0.06 -22.31 23.59
CA PHE G 129 -0.99 -23.24 23.22
C PHE G 129 -1.48 -22.95 21.81
N PHE G 130 -2.11 -23.98 21.24
CA PHE G 130 -3.03 -23.91 20.12
C PHE G 130 -4.16 -24.90 20.41
N GLY G 131 -5.16 -24.95 19.57
CA GLY G 131 -6.13 -26.05 19.72
C GLY G 131 -7.36 -25.83 18.92
N ARG G 132 -8.48 -26.25 19.47
CA ARG G 132 -9.79 -26.14 18.82
C ARG G 132 -10.78 -25.76 19.90
N ALA G 133 -11.76 -24.92 19.59
CA ALA G 133 -12.72 -24.53 20.62
C ALA G 133 -14.03 -24.10 19.98
N GLY G 134 -15.08 -24.24 20.76
CA GLY G 134 -16.41 -23.75 20.42
C GLY G 134 -17.05 -23.23 21.68
N ALA G 135 -18.10 -23.89 22.15
CA ALA G 135 -18.65 -23.61 23.50
C ALA G 135 -17.67 -24.06 24.58
N PHE G 136 -16.87 -25.08 24.28
CA PHE G 136 -15.91 -25.64 25.25
C PHE G 136 -14.56 -25.76 24.56
N LEU G 137 -13.59 -26.27 25.28
CA LEU G 137 -12.24 -26.48 24.72
C LEU G 137 -12.21 -27.87 24.09
N ASP G 138 -12.46 -27.96 22.79
CA ASP G 138 -12.48 -29.26 22.10
C ASP G 138 -11.10 -29.91 22.15
N ALA G 139 -10.02 -29.17 21.93
CA ALA G 139 -8.69 -29.79 21.81
C ALA G 139 -7.63 -28.78 22.21
N ILE G 140 -6.52 -29.27 22.72
CA ILE G 140 -5.40 -28.44 23.19
C ILE G 140 -4.09 -29.01 22.69
N GLY G 141 -3.20 -28.17 22.21
CA GLY G 141 -1.83 -28.54 21.86
C GLY G 141 -0.86 -27.55 22.42
N PHE G 142 0.42 -27.86 22.32
CA PHE G 142 1.50 -27.12 23.03
C PHE G 142 2.57 -26.64 22.05
N TYR G 143 3.09 -25.47 22.36
CA TYR G 143 4.37 -24.98 21.87
C TYR G 143 5.41 -25.22 22.94
N ILE G 144 6.57 -25.70 22.59
CA ILE G 144 7.62 -26.06 23.56
C ILE G 144 8.95 -25.49 23.12
N THR G 145 9.68 -24.86 24.02
CA THR G 145 11.04 -24.39 23.72
C THR G 145 12.00 -25.04 24.70
N PRO G 146 13.24 -25.23 24.26
CA PRO G 146 14.25 -25.87 25.10
C PRO G 146 14.87 -24.87 26.09
N PRO H 4 17.55 -29.63 20.56
CA PRO H 4 16.23 -30.20 20.62
C PRO H 4 15.52 -29.98 21.95
N VAL H 5 14.21 -30.04 21.87
CA VAL H 5 13.39 -30.21 23.09
C VAL H 5 13.41 -31.68 23.48
N LYS H 6 13.30 -31.94 24.77
CA LYS H 6 13.32 -33.30 25.34
C LYS H 6 12.05 -33.48 26.14
N ILE H 7 11.22 -34.43 25.73
CA ILE H 7 9.91 -34.67 26.38
C ILE H 7 9.75 -36.15 26.68
N GLY H 8 8.98 -36.37 27.74
CA GLY H 8 8.72 -37.71 28.21
C GLY H 8 9.51 -38.05 29.44
N PRO H 9 9.75 -39.34 29.72
CA PRO H 9 9.34 -40.47 28.90
C PRO H 9 7.98 -41.01 29.33
N TRP H 10 7.47 -41.91 28.52
CA TRP H 10 6.21 -42.68 28.78
C TRP H 10 6.63 -44.11 29.02
N GLY H 11 6.22 -44.67 30.14
CA GLY H 11 6.58 -46.03 30.49
C GLY H 11 6.63 -46.24 31.94
N GLY H 12 7.10 -47.42 32.34
CA GLY H 12 7.30 -47.73 33.74
C GLY H 12 8.62 -47.22 34.26
N ASN H 13 8.78 -47.44 35.55
CA ASN H 13 9.94 -46.90 36.32
C ASN H 13 11.08 -47.92 36.38
N GLY H 14 10.92 -49.11 35.85
CA GLY H 14 12.02 -50.07 35.78
C GLY H 14 13.00 -49.79 34.66
N GLY H 15 14.02 -50.61 34.64
CA GLY H 15 15.01 -50.60 33.55
C GLY H 15 16.08 -49.60 33.86
N SER H 16 17.12 -49.61 33.07
CA SER H 16 18.28 -48.73 33.17
C SER H 16 18.09 -47.49 32.32
N GLU H 17 18.44 -46.33 32.82
CA GLU H 17 18.37 -45.09 32.05
C GLU H 17 19.31 -45.13 30.84
N ARG H 18 18.82 -44.72 29.70
CA ARG H 18 19.55 -44.70 28.43
C ARG H 18 19.40 -43.34 27.81
N ASP H 19 20.46 -42.79 27.26
CA ASP H 19 20.41 -41.48 26.60
C ASP H 19 21.60 -41.42 25.66
N VAL H 20 21.67 -40.35 24.89
CA VAL H 20 22.79 -40.16 23.93
C VAL H 20 23.48 -38.82 24.20
N GLN H 21 24.74 -38.80 23.82
CA GLN H 21 25.56 -37.57 23.76
C GLN H 21 26.34 -37.61 22.47
N PRO H 22 26.38 -36.55 21.66
CA PRO H 22 25.63 -35.32 21.87
C PRO H 22 24.14 -35.53 21.58
N LYS H 23 23.35 -34.52 21.87
CA LYS H 23 21.92 -34.61 21.61
C LYS H 23 21.67 -34.61 20.10
N PRO H 24 20.54 -35.19 19.69
CA PRO H 24 20.22 -35.27 18.27
C PRO H 24 19.44 -34.06 17.74
N ILE H 25 19.75 -33.68 16.51
CA ILE H 25 18.95 -32.64 15.81
C ILE H 25 18.16 -33.25 14.68
N ARG H 26 18.53 -34.42 14.16
CA ARG H 26 17.64 -35.11 13.21
C ARG H 26 18.02 -36.59 13.21
N MET H 27 17.07 -37.40 12.90
CA MET H 27 17.26 -38.86 12.96
C MET H 27 17.56 -39.37 11.56
N VAL H 28 18.52 -40.28 11.47
CA VAL H 28 18.95 -40.91 10.20
C VAL H 28 18.32 -42.31 10.02
N SER H 29 18.18 -43.05 11.11
CA SER H 29 17.52 -44.37 11.03
C SER H 29 17.04 -44.73 12.42
N MET H 30 16.03 -45.59 12.50
CA MET H 30 15.66 -46.17 13.80
C MET H 30 15.32 -47.65 13.57
N THR H 31 15.62 -48.45 14.61
CA THR H 31 15.40 -49.90 14.56
C THR H 31 14.66 -50.30 15.80
N VAL H 32 13.44 -50.81 15.62
CA VAL H 32 12.63 -51.32 16.75
C VAL H 32 12.70 -52.84 16.70
N SER H 33 12.98 -53.44 17.86
CA SER H 33 12.91 -54.89 18.03
C SER H 33 11.61 -55.21 18.75
N SER H 34 10.76 -56.04 18.18
CA SER H 34 9.46 -56.25 18.79
C SER H 34 8.87 -57.59 18.45
N GLY H 35 7.87 -57.97 19.24
CA GLY H 35 7.03 -59.13 18.95
C GLY H 35 5.68 -58.86 19.55
N ALA H 36 5.39 -59.55 20.65
CA ALA H 36 4.20 -59.21 21.45
C ALA H 36 4.30 -57.79 22.04
N ILE H 37 5.49 -57.40 22.43
CA ILE H 37 5.72 -56.07 23.05
C ILE H 37 6.96 -55.44 22.39
N VAL H 38 7.40 -54.30 22.88
CA VAL H 38 8.61 -53.66 22.34
C VAL H 38 9.82 -54.10 23.18
N ASP H 39 10.64 -54.95 22.54
CA ASP H 39 11.81 -55.51 23.22
C ASP H 39 12.96 -54.52 23.31
N ALA H 40 13.18 -53.69 22.27
CA ALA H 40 14.37 -52.82 22.23
C ALA H 40 14.17 -51.73 21.19
N ILE H 41 14.95 -50.67 21.32
CA ILE H 41 15.05 -49.62 20.29
C ILE H 41 16.48 -49.19 20.14
N ALA H 42 16.82 -48.75 18.93
CA ALA H 42 18.16 -48.20 18.61
C ALA H 42 17.98 -47.16 17.51
N PHE H 43 18.89 -46.21 17.40
CA PHE H 43 18.74 -45.22 16.32
C PHE H 43 20.11 -44.65 15.97
N THR H 44 20.16 -44.02 14.80
CA THR H 44 21.33 -43.24 14.38
C THR H 44 20.83 -41.82 14.04
N TYR H 45 21.69 -40.86 14.19
CA TYR H 45 21.23 -39.45 14.20
C TYR H 45 22.37 -38.52 13.84
N VAL H 46 22.02 -37.31 13.45
CA VAL H 46 22.96 -36.18 13.36
C VAL H 46 22.91 -35.40 14.67
N GLY H 47 24.05 -35.17 15.28
CA GLY H 47 24.11 -34.46 16.58
C GLY H 47 24.07 -32.95 16.42
N THR H 48 24.04 -32.26 17.56
CA THR H 48 24.18 -30.78 17.62
C THR H 48 25.53 -30.36 17.05
N ASP H 49 26.50 -31.26 16.95
CA ASP H 49 27.82 -31.01 16.33
C ASP H 49 27.80 -31.21 14.81
N ASN H 50 26.66 -31.51 14.19
CA ASN H 50 26.47 -31.75 12.73
C ASN H 50 27.27 -32.96 12.27
N VAL H 51 27.51 -33.90 13.17
CA VAL H 51 28.19 -35.19 12.89
C VAL H 51 27.20 -36.33 13.05
N GLN H 52 27.30 -37.38 12.27
CA GLN H 52 26.46 -38.60 12.47
C GLN H 52 26.99 -39.42 13.64
N HIS H 53 26.08 -39.87 14.47
CA HIS H 53 26.35 -40.72 15.66
C HIS H 53 25.35 -41.86 15.68
N SER H 54 25.73 -42.93 16.37
CA SER H 54 24.86 -44.08 16.73
C SER H 54 24.45 -43.94 18.19
N SER H 55 23.29 -44.47 18.55
CA SER H 55 22.93 -44.66 19.97
C SER H 55 23.72 -45.82 20.59
N GLY H 56 24.40 -46.60 19.76
CA GLY H 56 25.20 -47.74 20.26
C GLY H 56 24.38 -49.01 20.25
N ILE H 57 24.71 -49.90 21.16
CA ILE H 57 24.00 -51.19 21.31
C ILE H 57 22.54 -50.86 21.60
N LYS H 58 21.66 -51.70 21.09
CA LYS H 58 20.22 -51.47 21.28
C LYS H 58 19.86 -51.39 22.76
N TRP H 59 18.86 -50.57 23.02
CA TRP H 59 18.31 -50.35 24.36
C TRP H 59 17.15 -51.30 24.60
N GLY H 60 17.47 -52.38 25.31
CA GLY H 60 16.48 -53.44 25.56
C GLY H 60 17.11 -54.79 25.41
N GLY H 61 16.32 -55.82 25.29
CA GLY H 61 16.80 -57.20 25.32
C GLY H 61 16.99 -57.73 23.93
N THR H 62 17.15 -59.05 23.88
CA THR H 62 17.49 -59.73 22.60
C THR H 62 16.28 -60.41 21.99
N GLY H 63 15.10 -60.27 22.58
CA GLY H 63 13.87 -60.84 22.03
C GLY H 63 13.32 -60.05 20.86
N GLY H 64 12.38 -60.64 20.18
CA GLY H 64 11.68 -59.93 19.09
C GLY H 64 12.50 -59.90 17.82
N THR H 65 11.97 -59.22 16.84
CA THR H 65 12.57 -59.14 15.51
C THR H 65 12.82 -57.65 15.21
N GLU H 66 13.91 -57.36 14.57
CA GLU H 66 14.31 -55.98 14.21
C GLU H 66 13.60 -55.52 12.95
N ASP H 67 13.27 -54.25 12.96
CA ASP H 67 12.69 -53.56 11.79
C ASP H 67 13.29 -52.16 11.75
N THR H 68 13.85 -51.82 10.61
CA THR H 68 14.57 -50.53 10.45
C THR H 68 13.81 -49.62 9.49
N ILE H 69 13.69 -48.35 9.90
CA ILE H 69 13.14 -47.21 9.10
C ILE H 69 14.35 -46.34 8.78
N ASN H 70 14.59 -46.01 7.52
CA ASN H 70 15.64 -45.03 7.11
C ASN H 70 14.95 -43.69 6.87
N LEU H 71 15.57 -42.65 7.33
CA LEU H 71 14.97 -41.29 7.34
C LEU H 71 15.94 -40.29 6.78
N ASP H 72 15.43 -39.14 6.34
CA ASP H 72 16.30 -38.07 5.76
C ASP H 72 15.54 -36.76 5.88
N ALA H 73 16.06 -35.71 5.28
CA ALA H 73 15.56 -34.32 5.43
C ALA H 73 14.14 -34.24 4.91
N THR H 74 13.71 -35.09 4.00
CA THR H 74 12.36 -35.01 3.42
C THR H 74 11.47 -36.12 3.94
N ASN H 75 12.03 -37.15 4.57
CA ASN H 75 11.26 -38.32 5.07
C ASN H 75 11.61 -38.46 6.53
N TYR H 76 10.84 -37.85 7.41
CA TYR H 76 11.18 -37.71 8.84
C TYR H 76 9.95 -38.12 9.66
N VAL H 77 10.19 -38.49 10.89
CA VAL H 77 9.08 -38.98 11.74
C VAL H 77 8.28 -37.78 12.26
N THR H 78 7.00 -37.79 11.95
CA THR H 78 6.08 -36.68 12.34
C THR H 78 5.10 -37.13 13.40
N GLU H 79 4.95 -38.40 13.71
CA GLU H 79 4.11 -38.81 14.86
C GLU H 79 4.60 -40.12 15.38
N ILE H 80 4.70 -40.22 16.68
CA ILE H 80 4.89 -41.51 17.36
C ILE H 80 3.82 -41.67 18.40
N SER H 81 3.18 -42.82 18.43
CA SER H 81 2.16 -43.13 19.45
C SER H 81 2.50 -44.51 20.01
N GLY H 82 1.83 -44.90 21.07
CA GLY H 82 2.08 -46.22 21.62
C GLY H 82 1.24 -46.44 22.85
N THR H 83 1.58 -47.50 23.57
CA THR H 83 0.89 -47.83 24.81
C THR H 83 1.90 -48.21 25.87
N VAL H 84 1.55 -47.96 27.12
CA VAL H 84 2.32 -48.37 28.32
C VAL H 84 1.42 -49.31 29.08
N GLY H 85 1.86 -50.51 29.34
CA GLY H 85 1.04 -51.49 30.03
C GLY H 85 1.82 -52.55 30.70
N LYS H 86 1.14 -53.33 31.50
CA LYS H 86 1.77 -54.41 32.27
C LYS H 86 2.14 -55.57 31.35
N PHE H 87 3.34 -56.06 31.53
CA PHE H 87 3.85 -57.29 30.90
C PHE H 87 4.52 -58.06 32.04
N GLY H 88 3.84 -59.06 32.56
CA GLY H 88 4.21 -59.60 33.87
C GLY H 88 4.01 -58.54 34.96
N THR H 89 5.07 -58.29 35.73
CA THR H 89 4.99 -57.34 36.84
C THR H 89 5.63 -55.99 36.48
N ASP H 90 6.00 -55.78 35.22
CA ASP H 90 6.60 -54.50 34.81
C ASP H 90 5.65 -53.72 33.92
N ASP H 91 5.54 -52.43 34.10
CA ASP H 91 4.91 -51.54 33.12
C ASP H 91 5.97 -51.22 32.08
N ILE H 92 5.69 -51.47 30.82
CA ILE H 92 6.66 -51.29 29.74
C ILE H 92 5.95 -50.64 28.56
N VAL H 93 6.72 -50.33 27.53
CA VAL H 93 6.16 -49.93 26.21
C VAL H 93 5.70 -51.18 25.52
N THR H 94 4.40 -51.36 25.49
CA THR H 94 3.79 -52.55 24.91
C THR H 94 3.54 -52.42 23.41
N SER H 95 3.43 -51.18 22.90
CA SER H 95 3.30 -50.95 21.46
C SER H 95 3.89 -49.61 21.09
N LEU H 96 4.26 -49.49 19.82
CA LEU H 96 4.69 -48.21 19.20
C LEU H 96 4.12 -48.15 17.81
N LYS H 97 3.76 -46.98 17.33
CA LYS H 97 3.37 -46.72 15.95
C LYS H 97 4.13 -45.49 15.47
N ILE H 98 4.71 -45.57 14.28
CA ILE H 98 5.51 -44.49 13.67
C ILE H 98 4.81 -44.05 12.40
N ILE H 99 4.73 -42.74 12.18
CA ILE H 99 4.27 -42.14 10.91
C ILE H 99 5.34 -41.19 10.43
N THR H 100 5.70 -41.27 9.14
CA THR H 100 6.66 -40.32 8.55
C THR H 100 5.97 -39.31 7.67
N SER H 101 6.74 -38.29 7.31
CA SER H 101 6.26 -37.18 6.44
C SER H 101 5.90 -37.72 5.05
N LYS H 102 6.41 -38.86 4.63
CA LYS H 102 6.06 -39.47 3.31
C LYS H 102 4.94 -40.49 3.45
N GLY H 103 4.34 -40.60 4.62
CA GLY H 103 3.21 -41.53 4.83
C GLY H 103 3.70 -42.97 5.08
N VAL H 104 4.97 -43.18 5.37
CA VAL H 104 5.39 -44.54 5.82
C VAL H 104 4.80 -44.73 7.23
N THR H 105 4.16 -45.85 7.48
CA THR H 105 3.61 -46.17 8.84
C THR H 105 4.16 -47.53 9.23
N ARG H 106 4.53 -47.68 10.48
CA ARG H 106 4.93 -48.99 11.02
C ARG H 106 4.28 -49.15 12.38
N THR H 107 3.82 -50.33 12.73
CA THR H 107 3.25 -50.62 14.06
C THR H 107 4.00 -51.80 14.65
N TYR H 108 4.29 -51.73 15.91
CA TYR H 108 5.12 -52.68 16.66
C TYR H 108 4.39 -53.04 17.93
N GLY H 109 4.45 -54.31 18.36
CA GLY H 109 3.90 -54.73 19.64
C GLY H 109 2.40 -54.86 19.64
N SER H 110 1.80 -54.75 20.81
CA SER H 110 0.35 -54.99 21.07
C SER H 110 -0.15 -53.83 21.91
N GLY H 111 -1.29 -53.24 21.50
CA GLY H 111 -1.89 -52.09 22.20
C GLY H 111 -2.52 -52.42 23.52
N THR H 112 -1.82 -52.38 24.63
CA THR H 112 -2.22 -52.87 25.97
C THR H 112 -1.82 -51.76 26.96
N GLY H 113 -2.83 -51.23 27.68
CA GLY H 113 -2.57 -50.29 28.77
C GLY H 113 -3.03 -48.89 28.40
N ILE H 114 -2.20 -47.92 28.64
CA ILE H 114 -2.56 -46.48 28.55
C ILE H 114 -1.86 -45.93 27.33
N PRO H 115 -2.62 -45.27 26.43
CA PRO H 115 -2.02 -44.75 25.19
C PRO H 115 -1.27 -43.44 25.43
N PHE H 116 -0.31 -43.21 24.58
CA PHE H 116 0.36 -41.89 24.43
C PHE H 116 0.45 -41.61 22.95
N ARG H 117 0.46 -40.33 22.62
CA ARG H 117 0.61 -39.92 21.20
C ARG H 117 1.35 -38.60 21.18
N VAL H 118 2.32 -38.46 20.31
CA VAL H 118 3.08 -37.21 20.11
C VAL H 118 3.08 -36.89 18.63
N PRO H 119 2.12 -36.11 18.16
CA PRO H 119 2.08 -35.59 16.79
C PRO H 119 2.90 -34.33 16.75
N VAL H 120 3.81 -34.20 15.79
CA VAL H 120 4.66 -33.01 15.63
C VAL H 120 4.26 -32.28 14.38
N LEU H 121 4.00 -31.01 14.50
CA LEU H 121 3.38 -30.20 13.41
C LEU H 121 4.40 -29.21 12.83
N ASP H 122 4.01 -28.60 11.71
CA ASP H 122 4.70 -27.45 11.10
C ASP H 122 6.13 -27.77 10.71
N GLY H 123 6.37 -28.97 10.23
CA GLY H 123 7.70 -29.38 9.75
C GLY H 123 8.65 -29.77 10.83
N GLY H 124 8.22 -29.83 12.09
CA GLY H 124 9.05 -30.37 13.17
C GLY H 124 9.16 -31.87 13.01
N LYS H 125 10.11 -32.46 13.73
CA LYS H 125 10.35 -33.91 13.60
C LYS H 125 10.86 -34.49 14.88
N ILE H 126 10.61 -35.78 15.04
CA ILE H 126 11.28 -36.54 16.10
C ILE H 126 12.74 -36.78 15.67
N ALA H 127 13.66 -36.27 16.45
CA ALA H 127 15.10 -36.30 16.16
C ALA H 127 15.80 -37.49 16.79
N GLY H 128 15.22 -38.09 17.80
CA GLY H 128 15.80 -39.25 18.48
C GLY H 128 15.08 -39.59 19.74
N PHE H 129 15.72 -40.42 20.56
CA PHE H 129 15.06 -41.10 21.67
C PHE H 129 15.95 -41.03 22.92
N PHE H 130 15.31 -41.23 24.05
CA PHE H 130 15.95 -41.61 25.34
C PHE H 130 14.96 -42.51 26.02
N GLY H 131 15.35 -43.12 27.12
CA GLY H 131 14.32 -43.86 27.90
C GLY H 131 14.96 -44.75 28.94
N ARG H 132 14.26 -45.83 29.22
CA ARG H 132 14.72 -46.84 30.17
C ARG H 132 14.52 -48.21 29.57
N ALA H 133 15.45 -49.11 29.79
CA ALA H 133 15.35 -50.44 29.17
C ALA H 133 16.02 -51.47 30.03
N GLY H 134 15.54 -52.68 29.93
CA GLY H 134 16.14 -53.86 30.57
C GLY H 134 16.05 -55.02 29.61
N ALA H 135 15.25 -56.04 29.95
CA ALA H 135 14.89 -57.08 28.97
C ALA H 135 14.00 -56.51 27.88
N PHE H 136 13.22 -55.47 28.23
CA PHE H 136 12.27 -54.85 27.29
C PHE H 136 12.50 -53.35 27.30
N LEU H 137 11.71 -52.64 26.50
CA LEU H 137 11.75 -51.16 26.53
C LEU H 137 10.79 -50.68 27.62
N ASP H 138 11.26 -50.40 28.81
CA ASP H 138 10.44 -49.95 29.93
C ASP H 138 9.79 -48.60 29.64
N ALA H 139 10.52 -47.68 29.05
CA ALA H 139 10.03 -46.29 28.88
C ALA H 139 10.71 -45.65 27.69
N ILE H 140 9.99 -44.77 27.01
CA ILE H 140 10.52 -44.07 25.81
C ILE H 140 10.20 -42.60 25.89
N GLY H 141 11.15 -41.76 25.55
CA GLY H 141 10.92 -40.32 25.35
C GLY H 141 11.57 -39.87 24.07
N PHE H 142 11.31 -38.61 23.74
CA PHE H 142 11.65 -38.06 22.40
C PHE H 142 12.45 -36.80 22.53
N TYR H 143 13.37 -36.65 21.57
CA TYR H 143 13.96 -35.37 21.21
C TYR H 143 13.23 -34.85 20.01
N ILE H 144 12.91 -33.57 19.98
CA ILE H 144 12.12 -32.98 18.86
C ILE H 144 12.78 -31.68 18.44
N THR H 145 12.91 -31.47 17.13
CA THR H 145 13.40 -30.20 16.60
C THR H 145 12.38 -29.61 15.68
N PRO H 146 12.32 -28.26 15.61
CA PRO H 146 11.33 -27.62 14.76
C PRO H 146 11.81 -27.65 13.30
N PRO I 4 26.01 28.33 -5.42
CA PRO I 4 25.21 28.25 -6.66
C PRO I 4 23.81 27.77 -6.36
N VAL I 5 22.89 28.11 -7.26
CA VAL I 5 21.58 27.44 -7.28
C VAL I 5 21.74 26.11 -7.97
N LYS I 6 20.94 25.16 -7.58
CA LYS I 6 20.96 23.78 -8.07
C LYS I 6 19.60 23.44 -8.63
N ILE I 7 19.50 23.13 -9.90
CA ILE I 7 18.20 22.83 -10.51
C ILE I 7 18.29 21.56 -11.35
N GLY I 8 17.16 20.85 -11.43
CA GLY I 8 17.07 19.64 -12.22
C GLY I 8 16.93 18.43 -11.30
N PRO I 9 17.31 17.23 -11.76
CA PRO I 9 17.87 16.96 -13.08
C PRO I 9 16.78 16.59 -14.08
N TRP I 10 17.18 16.48 -15.33
CA TRP I 10 16.34 16.03 -16.46
C TRP I 10 16.88 14.70 -16.92
N GLY I 11 16.03 13.69 -16.99
CA GLY I 11 16.48 12.37 -17.42
C GLY I 11 15.71 11.27 -16.76
N GLY I 12 16.19 10.05 -16.88
CA GLY I 12 15.55 8.90 -16.23
C GLY I 12 16.03 8.70 -14.83
N ASN I 13 15.50 7.67 -14.18
CA ASN I 13 15.76 7.41 -12.74
C ASN I 13 16.84 6.34 -12.59
N GLY I 14 17.41 5.80 -13.68
CA GLY I 14 18.45 4.80 -13.61
C GLY I 14 19.82 5.38 -13.31
N GLY I 15 20.79 4.48 -13.22
CA GLY I 15 22.18 4.88 -12.97
C GLY I 15 22.39 5.22 -11.52
N SER I 16 23.60 5.63 -11.18
CA SER I 16 23.92 6.05 -9.81
C SER I 16 24.01 7.56 -9.76
N GLU I 17 23.64 8.13 -8.64
CA GLU I 17 23.70 9.60 -8.41
C GLU I 17 25.14 10.07 -8.45
N ARG I 18 25.34 11.18 -9.12
CA ARG I 18 26.68 11.81 -9.28
C ARG I 18 26.56 13.26 -8.86
N ASP I 19 27.54 13.75 -8.13
CA ASP I 19 27.58 15.16 -7.70
C ASP I 19 29.04 15.51 -7.39
N VAL I 20 29.29 16.75 -7.05
CA VAL I 20 30.64 17.23 -6.74
C VAL I 20 30.63 17.89 -5.36
N GLN I 21 31.80 17.85 -4.76
CA GLN I 21 32.11 18.61 -3.53
C GLN I 21 33.51 19.16 -3.73
N PRO I 22 33.79 20.44 -3.48
CA PRO I 22 32.80 21.45 -3.11
C PRO I 22 31.93 21.83 -4.31
N LYS I 23 30.90 22.63 -4.06
CA LYS I 23 30.03 23.08 -5.13
C LYS I 23 30.78 24.10 -5.98
N PRO I 24 30.33 24.21 -7.25
CA PRO I 24 31.04 25.08 -8.19
C PRO I 24 30.52 26.51 -8.22
N ILE I 25 31.42 27.46 -8.36
CA ILE I 25 31.02 28.89 -8.54
C ILE I 25 31.27 29.31 -9.98
N ARG I 26 32.10 28.63 -10.75
CA ARG I 26 32.16 28.89 -12.21
C ARG I 26 32.83 27.68 -12.84
N MET I 27 32.53 27.47 -14.07
CA MET I 27 33.02 26.32 -14.83
C MET I 27 34.23 26.71 -15.62
N VAL I 28 35.25 25.84 -15.62
CA VAL I 28 36.50 26.05 -16.37
C VAL I 28 36.49 25.28 -17.71
N SER I 29 35.96 24.09 -17.68
CA SER I 29 35.88 23.25 -18.89
C SER I 29 34.78 22.25 -18.70
N MET I 30 34.23 21.74 -19.80
CA MET I 30 33.32 20.59 -19.74
C MET I 30 33.61 19.67 -20.91
N THR I 31 33.47 18.39 -20.66
CA THR I 31 33.79 17.35 -21.64
C THR I 31 32.62 16.39 -21.76
N VAL I 32 32.02 16.37 -22.95
CA VAL I 32 30.89 15.45 -23.20
C VAL I 32 31.39 14.33 -24.10
N SER I 33 31.04 13.10 -23.72
CA SER I 33 31.29 11.92 -24.56
C SER I 33 29.98 11.53 -25.20
N SER I 34 29.97 11.39 -26.51
CA SER I 34 28.68 11.15 -27.20
C SER I 34 28.88 10.46 -28.52
N GLY I 35 27.82 9.83 -28.98
CA GLY I 35 27.75 9.16 -30.27
C GLY I 35 26.33 9.30 -30.76
N ALA I 36 25.57 8.22 -30.80
CA ALA I 36 24.12 8.34 -31.03
C ALA I 36 23.45 9.08 -29.90
N ILE I 37 23.91 8.92 -28.67
CA ILE I 37 23.30 9.54 -27.47
C ILE I 37 24.43 10.11 -26.62
N VAL I 38 24.13 10.58 -25.42
CA VAL I 38 25.17 11.10 -24.51
C VAL I 38 25.62 9.99 -23.58
N ASP I 39 26.85 9.58 -23.83
CA ASP I 39 27.49 8.49 -23.06
C ASP I 39 27.98 8.95 -21.71
N ALA I 40 28.50 10.17 -21.60
CA ALA I 40 29.14 10.59 -20.33
C ALA I 40 29.33 12.08 -20.32
N ILE I 41 29.52 12.62 -19.11
CA ILE I 41 29.91 14.04 -18.96
C ILE I 41 30.94 14.15 -17.85
N ALA I 42 31.80 15.16 -17.95
CA ALA I 42 32.79 15.48 -16.95
C ALA I 42 33.01 16.98 -17.01
N PHE I 43 33.52 17.58 -15.93
CA PHE I 43 33.80 19.02 -16.00
C PHE I 43 34.85 19.38 -14.97
N THR I 44 35.43 20.55 -15.18
CA THR I 44 36.36 21.17 -14.22
C THR I 44 35.79 22.53 -13.85
N TYR I 45 36.05 22.96 -12.65
CA TYR I 45 35.35 24.12 -12.09
C TYR I 45 36.20 24.75 -11.01
N VAL I 46 35.86 25.98 -10.67
CA VAL I 46 36.34 26.64 -9.45
C VAL I 46 35.32 26.44 -8.36
N GLY I 47 35.76 25.89 -7.21
CA GLY I 47 34.83 25.66 -6.11
C GLY I 47 34.58 26.88 -5.25
N THR I 48 33.72 26.68 -4.24
CA THR I 48 33.48 27.69 -3.20
C THR I 48 34.75 27.94 -2.40
N ASP I 49 35.73 27.07 -2.45
CA ASP I 49 37.08 27.22 -1.81
C ASP I 49 38.08 27.99 -2.68
N ASN I 50 37.65 28.48 -3.87
CA ASN I 50 38.52 29.20 -4.85
C ASN I 50 39.61 28.31 -5.41
N VAL I 51 39.37 27.01 -5.43
CA VAL I 51 40.31 26.02 -5.97
C VAL I 51 39.72 25.45 -7.26
N GLN I 52 40.58 25.19 -8.24
CA GLN I 52 40.15 24.41 -9.40
C GLN I 52 40.04 22.93 -9.01
N HIS I 53 38.88 22.36 -9.27
CA HIS I 53 38.57 20.93 -9.04
C HIS I 53 38.08 20.30 -10.32
N SER I 54 38.20 19.00 -10.34
CA SER I 54 37.62 18.08 -11.33
C SER I 54 36.39 17.43 -10.76
N SER I 55 35.45 17.07 -11.62
CA SER I 55 34.37 16.17 -11.23
C SER I 55 34.83 14.71 -11.06
N GLY I 56 36.06 14.43 -11.46
CA GLY I 56 36.61 13.07 -11.31
C GLY I 56 36.42 12.28 -12.58
N ILE I 57 36.31 10.98 -12.43
CA ILE I 57 36.12 10.08 -13.59
C ILE I 57 34.82 10.48 -14.26
N LYS I 58 34.76 10.38 -15.58
CA LYS I 58 33.56 10.79 -16.32
C LYS I 58 32.33 10.06 -15.77
N TRP I 59 31.22 10.76 -15.83
CA TRP I 59 29.92 10.27 -15.35
C TRP I 59 29.22 9.60 -16.53
N GLY I 60 29.38 8.29 -16.63
CA GLY I 60 28.86 7.52 -17.75
C GLY I 60 29.86 6.48 -18.15
N GLY I 61 29.69 5.92 -19.33
CA GLY I 61 30.43 4.74 -19.76
C GLY I 61 31.58 5.11 -20.66
N THR I 62 32.05 4.15 -21.43
CA THR I 62 33.29 4.32 -22.24
C THR I 62 32.98 4.52 -23.72
N GLY I 63 31.71 4.60 -24.09
CA GLY I 63 31.34 4.79 -25.50
C GLY I 63 31.43 6.24 -25.93
N GLY I 64 31.33 6.43 -27.23
CA GLY I 64 31.26 7.75 -27.84
C GLY I 64 32.58 8.43 -27.92
N THR I 65 32.59 9.64 -28.43
CA THR I 65 33.80 10.46 -28.58
C THR I 65 33.74 11.71 -27.72
N GLU I 66 34.89 12.08 -27.20
CA GLU I 66 34.97 13.21 -26.26
C GLU I 66 35.10 14.51 -27.05
N ASP I 67 34.50 15.54 -26.48
CA ASP I 67 34.70 16.93 -26.92
C ASP I 67 34.82 17.78 -25.66
N THR I 68 35.85 18.61 -25.61
CA THR I 68 36.04 19.56 -24.49
C THR I 68 35.77 20.99 -24.94
N ILE I 69 35.05 21.74 -24.14
CA ILE I 69 34.76 23.20 -24.25
C ILE I 69 35.60 23.86 -23.13
N ASN I 70 36.44 24.82 -23.46
CA ASN I 70 37.16 25.62 -22.45
C ASN I 70 36.44 26.95 -22.26
N LEU I 71 36.31 27.35 -21.01
CA LEU I 71 35.51 28.53 -20.65
C LEU I 71 36.35 29.51 -19.87
N ASP I 72 35.96 30.76 -19.88
CA ASP I 72 36.66 31.80 -19.08
C ASP I 72 35.67 32.91 -18.76
N ALA I 73 36.16 34.01 -18.20
CA ALA I 73 35.31 35.09 -17.66
C ALA I 73 34.45 35.69 -18.76
N THR I 74 34.90 35.66 -20.02
CA THR I 74 34.15 36.29 -21.12
C THR I 74 33.46 35.24 -21.99
N ASN I 75 33.80 33.96 -21.86
CA ASN I 75 33.23 32.88 -22.70
C ASN I 75 32.71 31.82 -21.76
N TYR I 76 31.44 31.91 -21.40
CA TYR I 76 30.84 31.04 -20.35
C TYR I 76 29.54 30.48 -20.90
N VAL I 77 29.07 29.39 -20.34
CA VAL I 77 27.85 28.72 -20.82
C VAL I 77 26.62 29.49 -20.38
N THR I 78 25.84 29.94 -21.36
CA THR I 78 24.61 30.71 -21.09
C THR I 78 23.37 29.93 -21.40
N GLU I 79 23.44 28.80 -22.10
CA GLU I 79 22.22 28.02 -22.33
C GLU I 79 22.63 26.59 -22.54
N ILE I 80 21.90 25.68 -21.91
CA ILE I 80 22.01 24.25 -22.19
C ILE I 80 20.64 23.70 -22.49
N SER I 81 20.50 22.91 -23.54
CA SER I 81 19.26 22.25 -23.89
C SER I 81 19.57 20.80 -24.18
N GLY I 82 18.53 19.99 -24.30
CA GLY I 82 18.72 18.59 -24.66
C GLY I 82 17.43 17.87 -24.73
N THR I 83 17.51 16.55 -24.80
CA THR I 83 16.34 15.67 -24.87
C THR I 83 16.53 14.51 -23.95
N VAL I 84 15.40 14.03 -23.43
CA VAL I 84 15.32 12.79 -22.62
C VAL I 84 14.53 11.80 -23.46
N GLY I 85 15.13 10.66 -23.76
CA GLY I 85 14.53 9.69 -24.66
C GLY I 85 15.05 8.30 -24.37
N LYS I 86 14.74 7.37 -25.21
CA LYS I 86 15.08 5.95 -24.95
C LYS I 86 16.39 5.62 -25.62
N PHE I 87 17.21 4.87 -24.91
CA PHE I 87 18.33 4.14 -25.56
C PHE I 87 18.30 2.75 -24.99
N GLY I 88 17.95 1.78 -25.84
CA GLY I 88 17.49 0.47 -25.35
C GLY I 88 16.21 0.68 -24.55
N THR I 89 16.21 0.16 -23.32
CA THR I 89 15.01 0.25 -22.46
C THR I 89 15.23 1.29 -21.36
N ASP I 90 16.26 2.13 -21.44
CA ASP I 90 16.47 3.18 -20.41
C ASP I 90 16.13 4.57 -20.95
N ASP I 91 15.54 5.39 -20.07
CA ASP I 91 15.36 6.83 -20.35
C ASP I 91 16.66 7.52 -19.98
N ILE I 92 17.26 8.16 -20.96
CA ILE I 92 18.58 8.78 -20.77
C ILE I 92 18.60 10.14 -21.47
N VAL I 93 19.71 10.84 -21.32
CA VAL I 93 19.98 12.06 -22.10
C VAL I 93 20.40 11.65 -23.51
N THR I 94 19.51 11.84 -24.45
CA THR I 94 19.74 11.40 -25.83
C THR I 94 20.41 12.46 -26.70
N SER I 95 20.36 13.71 -26.29
CA SER I 95 21.09 14.82 -26.95
C SER I 95 21.30 15.94 -25.94
N LEU I 96 22.32 16.74 -26.21
CA LEU I 96 22.64 17.94 -25.42
C LEU I 96 23.14 18.99 -26.37
N LYS I 97 22.87 20.25 -26.09
CA LYS I 97 23.32 21.39 -26.89
C LYS I 97 23.79 22.44 -25.92
N ILE I 98 24.97 23.00 -26.14
CA ILE I 98 25.58 24.02 -25.29
C ILE I 98 25.74 25.27 -26.12
N ILE I 99 25.43 26.42 -25.56
CA ILE I 99 25.68 27.73 -26.15
C ILE I 99 26.46 28.56 -25.15
N THR I 100 27.51 29.21 -25.62
CA THR I 100 28.28 30.15 -24.78
C THR I 100 27.93 31.58 -25.04
N SER I 101 28.43 32.44 -24.19
CA SER I 101 28.23 33.90 -24.26
C SER I 101 28.82 34.46 -25.55
N LYS I 102 29.77 33.79 -26.19
CA LYS I 102 30.35 34.22 -27.50
C LYS I 102 29.64 33.53 -28.66
N GLY I 103 28.59 32.76 -28.40
CA GLY I 103 27.84 32.08 -29.48
C GLY I 103 28.45 30.76 -29.87
N VAL I 104 29.46 30.28 -29.18
CA VAL I 104 30.06 28.97 -29.53
C VAL I 104 29.02 27.91 -29.16
N THR I 105 28.71 27.02 -30.10
CA THR I 105 27.60 26.07 -29.96
C THR I 105 28.17 24.70 -30.20
N ARG I 106 27.77 23.76 -29.38
CA ARG I 106 28.15 22.35 -29.57
C ARG I 106 26.88 21.55 -29.45
N THR I 107 26.73 20.52 -30.27
CA THR I 107 25.62 19.58 -30.19
C THR I 107 26.18 18.19 -30.01
N TYR I 108 25.65 17.44 -29.11
CA TYR I 108 26.13 16.11 -28.69
C TYR I 108 25.00 15.13 -28.76
N GLY I 109 25.24 13.97 -29.37
CA GLY I 109 24.17 12.99 -29.59
C GLY I 109 23.35 13.37 -30.80
N SER I 110 22.58 12.43 -31.27
CA SER I 110 21.67 12.55 -32.43
C SER I 110 20.27 12.12 -32.04
N GLY I 111 20.05 11.82 -30.76
CA GLY I 111 18.72 11.31 -30.36
C GLY I 111 17.76 12.45 -30.09
N THR I 112 16.53 12.07 -29.75
CA THR I 112 15.41 12.98 -29.52
C THR I 112 14.62 12.50 -28.30
N GLY I 113 13.47 13.10 -28.08
CA GLY I 113 12.62 12.80 -26.93
C GLY I 113 12.12 14.10 -26.33
N ILE I 114 11.89 14.07 -25.06
CA ILE I 114 11.23 15.21 -24.34
C ILE I 114 12.27 16.30 -24.13
N PRO I 115 12.05 17.51 -24.70
CA PRO I 115 13.07 18.53 -24.65
C PRO I 115 13.13 19.24 -23.31
N PHE I 116 14.31 19.72 -22.99
CA PHE I 116 14.52 20.68 -21.88
C PHE I 116 15.43 21.78 -22.37
N ARG I 117 15.38 22.93 -21.77
CA ARG I 117 16.17 24.11 -22.21
C ARG I 117 16.27 25.06 -21.04
N VAL I 118 17.49 25.45 -20.65
CA VAL I 118 17.74 26.39 -19.57
C VAL I 118 18.62 27.51 -20.09
N PRO I 119 18.04 28.64 -20.43
CA PRO I 119 18.80 29.85 -20.76
C PRO I 119 19.02 30.65 -19.46
N VAL I 120 20.22 31.14 -19.29
CA VAL I 120 20.64 31.96 -18.12
C VAL I 120 20.91 33.39 -18.58
N LEU I 121 20.31 34.36 -17.92
CA LEU I 121 20.40 35.77 -18.34
C LEU I 121 21.26 36.61 -17.41
N ASP I 122 21.53 37.83 -17.88
CA ASP I 122 22.11 38.93 -17.05
C ASP I 122 23.48 38.57 -16.53
N GLY I 123 24.26 37.86 -17.31
CA GLY I 123 25.64 37.50 -16.94
C GLY I 123 25.73 36.30 -16.05
N GLY I 124 24.64 35.64 -15.71
CA GLY I 124 24.68 34.36 -15.02
C GLY I 124 25.22 33.29 -15.93
N LYS I 125 25.62 32.18 -15.33
CA LYS I 125 26.26 31.11 -16.10
C LYS I 125 25.95 29.78 -15.49
N ILE I 126 26.06 28.76 -16.34
CA ILE I 126 26.10 27.35 -15.82
C ILE I 126 27.48 27.14 -15.23
N ALA I 127 27.54 26.85 -13.95
CA ALA I 127 28.79 26.69 -13.18
C ALA I 127 29.23 25.24 -13.09
N GLY I 128 28.33 24.28 -13.35
CA GLY I 128 28.66 22.87 -13.29
C GLY I 128 27.47 22.01 -13.34
N PHE I 129 27.63 20.74 -13.00
CA PHE I 129 26.64 19.69 -13.24
C PHE I 129 26.52 18.77 -12.03
N PHE I 130 25.40 18.06 -11.99
CA PHE I 130 25.16 16.84 -11.21
C PHE I 130 24.30 15.93 -12.05
N GLY I 131 24.05 14.73 -11.60
CA GLY I 131 23.08 13.92 -12.37
C GLY I 131 23.07 12.48 -11.96
N ARG I 132 22.83 11.62 -12.92
CA ARG I 132 22.83 10.16 -12.72
C ARG I 132 23.50 9.52 -13.92
N ALA I 133 24.26 8.46 -13.73
CA ALA I 133 24.93 7.84 -14.87
C ALA I 133 25.20 6.37 -14.60
N GLY I 134 25.34 5.62 -15.68
CA GLY I 134 25.71 4.22 -15.64
C GLY I 134 26.60 3.96 -16.83
N ALA I 135 26.11 3.17 -17.79
CA ALA I 135 26.77 3.05 -19.10
C ALA I 135 26.62 4.34 -19.89
N PHE I 136 25.54 5.07 -19.65
CA PHE I 136 25.26 6.32 -20.38
C PHE I 136 24.90 7.39 -19.37
N LEU I 137 24.60 8.59 -19.86
CA LEU I 137 24.21 9.69 -18.97
C LEU I 137 22.69 9.61 -18.76
N ASP I 138 22.24 9.01 -17.69
CA ASP I 138 20.80 8.87 -17.40
C ASP I 138 20.14 10.21 -17.21
N ALA I 139 20.76 11.12 -16.47
CA ALA I 139 20.12 12.39 -16.11
C ALA I 139 21.17 13.44 -15.88
N ILE I 140 20.79 14.69 -16.09
CA ILE I 140 21.72 15.83 -15.94
C ILE I 140 21.00 16.96 -15.26
N GLY I 141 21.65 17.64 -14.34
CA GLY I 141 21.17 18.88 -13.73
C GLY I 141 22.30 19.88 -13.66
N PHE I 142 21.94 21.11 -13.27
CA PHE I 142 22.87 22.26 -13.39
C PHE I 142 23.03 22.98 -12.07
N TYR I 143 24.23 23.45 -11.87
CA TYR I 143 24.54 24.52 -10.92
C TYR I 143 24.65 25.83 -11.64
N ILE I 144 24.07 26.88 -11.13
CA ILE I 144 24.00 28.18 -11.83
C ILE I 144 24.38 29.27 -10.87
N THR I 145 25.23 30.18 -11.29
CA THR I 145 25.60 31.36 -10.47
C THR I 145 25.23 32.59 -11.24
N PRO I 146 24.88 33.66 -10.52
CA PRO I 146 24.53 34.94 -11.14
C PRO I 146 25.82 35.68 -11.56
N LYS J 3 22.27 38.39 -5.19
CA LYS J 3 21.60 38.51 -6.48
C LYS J 3 20.95 37.17 -6.81
N PRO J 4 19.65 37.15 -7.17
CA PRO J 4 19.08 35.94 -7.75
C PRO J 4 19.69 35.61 -9.10
N VAL J 5 19.62 34.34 -9.45
CA VAL J 5 19.83 33.89 -10.84
C VAL J 5 18.55 34.13 -11.60
N LYS J 6 18.69 34.42 -12.88
CA LYS J 6 17.53 34.71 -13.76
C LYS J 6 17.62 33.70 -14.92
N ILE J 7 16.61 32.87 -15.01
CA ILE J 7 16.57 31.81 -16.06
C ILE J 7 15.26 31.82 -16.81
N GLY J 8 15.36 31.51 -18.09
CA GLY J 8 14.19 31.45 -18.96
C GLY J 8 14.23 32.55 -19.99
N PRO J 9 13.09 32.94 -20.55
CA PRO J 9 11.77 32.43 -20.23
C PRO J 9 11.39 31.26 -21.15
N TRP J 10 10.29 30.63 -20.80
CA TRP J 10 9.66 29.56 -21.60
C TRP J 10 8.35 30.11 -22.16
N GLY J 11 8.17 30.08 -23.45
CA GLY J 11 6.96 30.62 -24.06
C GLY J 11 7.23 31.12 -25.44
N GLY J 12 6.29 31.84 -26.00
CA GLY J 12 6.43 32.44 -27.31
C GLY J 12 7.09 33.81 -27.27
N ASN J 13 7.18 34.44 -28.45
CA ASN J 13 7.87 35.74 -28.55
C ASN J 13 6.87 36.88 -28.61
N GLY J 14 5.56 36.63 -28.46
CA GLY J 14 4.56 37.68 -28.50
C GLY J 14 4.48 38.45 -27.20
N GLY J 15 3.58 39.44 -27.21
CA GLY J 15 3.38 40.28 -26.01
C GLY J 15 4.58 41.21 -25.81
N SER J 16 4.64 41.79 -24.64
CA SER J 16 5.78 42.69 -24.29
C SER J 16 6.52 42.07 -23.15
N GLU J 17 7.82 42.33 -23.04
CA GLU J 17 8.64 41.93 -21.88
C GLU J 17 8.12 42.57 -20.60
N ARG J 18 8.07 41.77 -19.56
CA ARG J 18 7.67 42.18 -18.21
C ARG J 18 8.78 41.78 -17.23
N ASP J 19 9.08 42.66 -16.30
CA ASP J 19 10.13 42.40 -15.30
C ASP J 19 9.85 43.27 -14.09
N VAL J 20 10.65 43.09 -13.05
CA VAL J 20 10.53 43.90 -11.81
C VAL J 20 11.89 44.52 -11.50
N GLN J 21 11.80 45.65 -10.80
CA GLN J 21 12.96 46.32 -10.18
C GLN J 21 12.51 46.76 -8.79
N PRO J 22 13.28 46.50 -7.71
CA PRO J 22 14.52 45.73 -7.72
C PRO J 22 14.25 44.25 -7.95
N LYS J 23 15.32 43.49 -8.13
CA LYS J 23 15.16 42.03 -8.33
C LYS J 23 14.71 41.39 -7.03
N PRO J 24 14.01 40.25 -7.13
CA PRO J 24 13.51 39.57 -5.95
C PRO J 24 14.52 38.61 -5.30
N ILE J 25 14.51 38.55 -4.00
CA ILE J 25 15.31 37.53 -3.26
C ILE J 25 14.39 36.51 -2.60
N ARG J 26 13.12 36.84 -2.36
CA ARG J 26 12.17 35.81 -1.87
C ARG J 26 10.77 36.26 -2.25
N MET J 27 9.91 35.31 -2.47
CA MET J 27 8.55 35.58 -2.93
C MET J 27 7.61 35.55 -1.72
N VAL J 28 6.71 36.51 -1.66
CA VAL J 28 5.71 36.62 -0.55
C VAL J 28 4.34 36.06 -0.99
N SER J 29 3.95 36.30 -2.22
CA SER J 29 2.68 35.73 -2.74
C SER J 29 2.77 35.66 -4.24
N MET J 30 1.96 34.80 -4.85
CA MET J 30 1.80 34.83 -6.32
C MET J 30 0.33 34.55 -6.61
N THR J 31 -0.13 35.18 -7.69
CA THR J 31 -1.53 35.05 -8.14
C THR J 31 -1.52 34.69 -9.63
N VAL J 32 -2.04 33.54 -9.96
CA VAL J 32 -2.21 33.10 -11.37
C VAL J 32 -3.68 33.27 -11.74
N SER J 33 -3.92 33.88 -12.89
CA SER J 33 -5.23 34.00 -13.52
C SER J 33 -5.31 32.98 -14.62
N SER J 34 -6.28 32.07 -14.56
CA SER J 34 -6.28 30.98 -15.54
C SER J 34 -7.69 30.46 -15.79
N GLY J 35 -7.81 29.76 -16.90
CA GLY J 35 -8.98 28.98 -17.22
C GLY J 35 -8.55 27.82 -18.07
N ALA J 36 -8.88 27.86 -19.37
CA ALA J 36 -8.30 26.89 -20.31
C ALA J 36 -6.76 27.05 -20.41
N ILE J 37 -6.29 28.29 -20.33
CA ILE J 37 -4.85 28.58 -20.44
C ILE J 37 -4.44 29.52 -19.30
N VAL J 38 -3.20 29.97 -19.29
CA VAL J 38 -2.75 30.95 -18.29
C VAL J 38 -2.91 32.36 -18.83
N ASP J 39 -3.91 33.05 -18.27
CA ASP J 39 -4.25 34.41 -18.73
C ASP J 39 -3.29 35.47 -18.18
N ALA J 40 -2.80 35.30 -16.95
CA ALA J 40 -1.98 36.36 -16.32
C ALA J 40 -1.28 35.81 -15.08
N ILE J 41 -0.24 36.52 -14.67
CA ILE J 41 0.46 36.24 -13.40
C ILE J 41 0.79 37.56 -12.71
N ALA J 42 0.87 37.51 -11.40
CA ALA J 42 1.29 38.66 -10.57
C ALA J 42 1.95 38.09 -9.33
N PHE J 43 2.81 38.90 -8.69
CA PHE J 43 3.44 38.39 -7.45
C PHE J 43 3.87 39.56 -6.59
N THR J 44 4.14 39.25 -5.34
CA THR J 44 4.74 40.19 -4.37
C THR J 44 5.98 39.54 -3.80
N TYR J 45 6.95 40.34 -3.41
CA TYR J 45 8.30 39.80 -3.13
C TYR J 45 9.07 40.73 -2.22
N VAL J 46 10.14 40.21 -1.64
CA VAL J 46 11.19 41.01 -0.95
C VAL J 46 12.31 41.24 -1.94
N GLY J 47 12.70 42.49 -2.14
CA GLY J 47 13.76 42.82 -3.10
C GLY J 47 15.16 42.64 -2.52
N THR J 48 16.16 42.86 -3.38
CA THR J 48 17.58 42.90 -2.99
C THR J 48 17.81 44.01 -1.98
N ASP J 49 16.91 44.98 -1.87
CA ASP J 49 16.96 46.07 -0.86
C ASP J 49 16.32 45.66 0.48
N ASN J 50 15.87 44.42 0.65
CA ASN J 50 15.20 43.89 1.87
C ASN J 50 13.88 44.62 2.14
N VAL J 51 13.24 45.15 1.09
CA VAL J 51 11.93 45.83 1.19
C VAL J 51 10.90 44.99 0.42
N GLN J 52 9.66 44.97 0.87
CA GLN J 52 8.57 44.29 0.14
C GLN J 52 8.11 45.18 -1.03
N HIS J 53 7.93 44.56 -2.19
CA HIS J 53 7.47 45.21 -3.43
C HIS J 53 6.40 44.35 -4.07
N SER J 54 5.60 44.95 -4.92
CA SER J 54 4.63 44.28 -5.82
C SER J 54 5.19 44.25 -7.23
N SER J 55 4.82 43.28 -8.04
CA SER J 55 5.05 43.35 -9.49
C SER J 55 4.10 44.33 -10.17
N GLY J 56 3.12 44.86 -9.45
CA GLY J 56 2.16 45.82 -10.01
C GLY J 56 0.97 45.13 -10.64
N ILE J 57 0.40 45.78 -11.64
CA ILE J 57 -0.79 45.23 -12.33
C ILE J 57 -0.39 43.87 -12.89
N LYS J 58 -1.34 42.95 -12.92
CA LYS J 58 -1.08 41.59 -13.42
C LYS J 58 -0.52 41.63 -14.85
N TRP J 59 0.33 40.67 -15.11
CA TRP J 59 0.98 40.49 -16.42
C TRP J 59 0.13 39.55 -17.26
N GLY J 60 -0.67 40.15 -18.13
CA GLY J 60 -1.61 39.38 -18.96
C GLY J 60 -2.93 40.07 -19.04
N GLY J 61 -3.93 39.35 -19.47
CA GLY J 61 -5.25 39.91 -19.75
C GLY J 61 -6.19 39.71 -18.59
N THR J 62 -7.46 39.91 -18.86
CA THR J 62 -8.54 39.97 -17.83
C THR J 62 -9.34 38.69 -17.81
N GLY J 63 -9.00 37.70 -18.62
CA GLY J 63 -9.72 36.42 -18.61
C GLY J 63 -9.32 35.54 -17.45
N GLY J 64 -10.07 34.47 -17.26
CA GLY J 64 -9.77 33.47 -16.24
C GLY J 64 -10.12 33.94 -14.84
N THR J 65 -9.76 33.11 -13.89
CA THR J 65 -10.05 33.37 -12.47
C THR J 65 -8.74 33.38 -11.71
N GLU J 66 -8.67 34.25 -10.71
CA GLU J 66 -7.45 34.39 -9.90
C GLU J 66 -7.37 33.33 -8.82
N ASP J 67 -6.15 32.90 -8.56
CA ASP J 67 -5.86 31.96 -7.46
C ASP J 67 -4.53 32.45 -6.86
N THR J 68 -4.54 32.66 -5.55
CA THR J 68 -3.37 33.21 -4.84
C THR J 68 -2.78 32.14 -3.92
N ILE J 69 -1.45 32.04 -3.96
CA ILE J 69 -0.61 31.20 -3.06
C ILE J 69 0.12 32.21 -2.16
N ASN J 70 0.02 32.03 -0.84
CA ASN J 70 0.80 32.87 0.14
C ASN J 70 2.01 32.06 0.57
N LEU J 71 3.15 32.72 0.58
CA LEU J 71 4.45 32.03 0.81
C LEU J 71 5.13 32.72 1.97
N ASP J 72 6.09 32.02 2.57
CA ASP J 72 6.87 32.62 3.67
C ASP J 72 8.19 31.87 3.72
N ALA J 73 8.98 32.14 4.77
CA ALA J 73 10.38 31.64 4.88
C ALA J 73 10.39 30.11 4.89
N THR J 74 9.31 29.48 5.37
CA THR J 74 9.28 28.01 5.51
C THR J 74 8.42 27.38 4.42
N ASN J 75 7.59 28.16 3.70
CA ASN J 75 6.67 27.64 2.68
C ASN J 75 6.96 28.43 1.40
N TYR J 76 7.85 27.89 0.56
CA TYR J 76 8.36 28.62 -0.62
C TYR J 76 8.26 27.69 -1.82
N VAL J 77 8.27 28.25 -3.01
CA VAL J 77 8.12 27.46 -4.25
C VAL J 77 9.41 26.73 -4.59
N THR J 78 9.31 25.42 -4.69
CA THR J 78 10.50 24.57 -4.99
C THR J 78 10.43 24.01 -6.41
N GLU J 79 9.31 24.04 -7.10
CA GLU J 79 9.28 23.54 -8.50
C GLU J 79 8.15 24.22 -9.21
N ILE J 80 8.42 24.67 -10.42
CA ILE J 80 7.34 25.12 -11.34
C ILE J 80 7.52 24.34 -12.62
N SER J 81 6.45 23.83 -13.17
CA SER J 81 6.47 23.16 -14.49
C SER J 81 5.33 23.73 -15.28
N GLY J 82 5.26 23.37 -16.54
CA GLY J 82 4.18 23.89 -17.38
C GLY J 82 4.31 23.44 -18.78
N THR J 83 3.54 24.04 -19.66
CA THR J 83 3.59 23.75 -21.09
C THR J 83 3.55 25.04 -21.89
N VAL J 84 4.19 25.02 -23.04
CA VAL J 84 4.14 26.12 -24.03
C VAL J 84 3.49 25.53 -25.26
N GLY J 85 2.41 26.15 -25.71
CA GLY J 85 1.68 25.60 -26.84
C GLY J 85 0.95 26.66 -27.58
N LYS J 86 0.47 26.29 -28.74
CA LYS J 86 -0.35 27.21 -29.54
C LYS J 86 -1.73 27.35 -28.96
N PHE J 87 -2.19 28.58 -28.89
CA PHE J 87 -3.55 28.95 -28.46
C PHE J 87 -3.95 30.02 -29.48
N GLY J 88 -4.82 29.64 -30.40
CA GLY J 88 -5.04 30.48 -31.60
C GLY J 88 -3.74 30.53 -32.40
N THR J 89 -3.25 31.75 -32.68
CA THR J 89 -2.05 31.90 -33.52
C THR J 89 -0.81 32.17 -32.68
N ASP J 90 -0.90 32.14 -31.35
CA ASP J 90 0.24 32.50 -30.50
C ASP J 90 0.73 31.31 -29.70
N ASP J 91 2.03 31.15 -29.56
CA ASP J 91 2.59 30.22 -28.56
C ASP J 91 2.60 30.91 -27.23
N ILE J 92 1.95 30.32 -26.23
CA ILE J 92 1.80 30.94 -24.92
C ILE J 92 2.05 29.88 -23.84
N VAL J 93 2.03 30.31 -22.60
CA VAL J 93 2.03 29.38 -21.45
C VAL J 93 0.61 28.83 -21.31
N THR J 94 0.45 27.59 -21.76
CA THR J 94 -0.88 26.95 -21.74
C THR J 94 -1.19 26.28 -20.40
N SER J 95 -0.16 25.94 -19.61
CA SER J 95 -0.40 25.37 -18.26
C SER J 95 0.75 25.70 -17.36
N LEU J 96 0.48 25.68 -16.04
CA LEU J 96 1.50 25.81 -15.01
C LEU J 96 1.17 24.86 -13.88
N LYS J 97 2.17 24.34 -13.20
CA LYS J 97 2.01 23.57 -11.96
C LYS J 97 3.01 24.12 -10.97
N ILE J 98 2.57 24.38 -9.74
CA ILE J 98 3.40 24.93 -8.66
C ILE J 98 3.49 23.90 -7.57
N ILE J 99 4.68 23.68 -7.02
CA ILE J 99 4.90 22.85 -5.82
C ILE J 99 5.67 23.68 -4.81
N THR J 100 5.22 23.68 -3.56
CA THR J 100 5.95 24.38 -2.48
C THR J 100 6.71 23.40 -1.60
N SER J 101 7.56 23.96 -0.74
CA SER J 101 8.40 23.22 0.21
C SER J 101 7.55 22.44 1.19
N LYS J 102 6.30 22.87 1.45
CA LYS J 102 5.41 22.18 2.40
C LYS J 102 4.47 21.22 1.65
N GLY J 103 4.71 21.00 0.36
CA GLY J 103 3.92 20.02 -0.41
C GLY J 103 2.63 20.63 -0.97
N VAL J 104 2.42 21.92 -0.89
CA VAL J 104 1.22 22.52 -1.53
C VAL J 104 1.42 22.41 -3.04
N THR J 105 0.41 21.95 -3.77
CA THR J 105 0.47 21.87 -5.25
C THR J 105 -0.73 22.62 -5.81
N ARG J 106 -0.53 23.34 -6.88
CA ARG J 106 -1.63 23.98 -7.63
C ARG J 106 -1.39 23.71 -9.12
N THR J 107 -2.44 23.48 -9.89
CA THR J 107 -2.34 23.27 -11.35
C THR J 107 -3.26 24.26 -12.04
N TYR J 108 -2.79 24.88 -13.09
CA TYR J 108 -3.49 25.96 -13.83
C TYR J 108 -3.48 25.59 -15.29
N GLY J 109 -4.55 25.85 -16.02
CA GLY J 109 -4.59 25.78 -17.48
C GLY J 109 -4.68 24.36 -17.96
N SER J 110 -4.22 24.11 -19.18
CA SER J 110 -4.37 22.85 -19.92
C SER J 110 -3.03 22.45 -20.50
N GLY J 111 -2.59 21.23 -20.24
CA GLY J 111 -1.23 20.79 -20.67
C GLY J 111 -1.21 20.47 -22.16
N THR J 112 -0.87 21.46 -22.98
CA THR J 112 -0.85 21.36 -24.43
C THR J 112 0.47 21.94 -24.92
N GLY J 113 1.21 21.20 -25.74
CA GLY J 113 2.43 21.71 -26.38
C GLY J 113 3.67 21.05 -25.78
N ILE J 114 4.66 21.83 -25.48
CA ILE J 114 5.99 21.35 -25.07
C ILE J 114 6.17 21.61 -23.60
N PRO J 115 6.53 20.58 -22.81
CA PRO J 115 6.65 20.78 -21.37
C PRO J 115 7.98 21.46 -20.99
N PHE J 116 7.92 22.17 -19.88
CA PHE J 116 9.15 22.61 -19.17
C PHE J 116 8.97 22.30 -17.71
N ARG J 117 10.09 22.14 -17.03
CA ARG J 117 10.08 21.84 -15.56
C ARG J 117 11.32 22.42 -14.95
N VAL J 118 11.19 23.15 -13.85
CA VAL J 118 12.33 23.73 -13.12
C VAL J 118 12.21 23.32 -11.67
N PRO J 119 12.85 22.21 -11.28
CA PRO J 119 12.93 21.79 -9.89
C PRO J 119 14.12 22.48 -9.23
N VAL J 120 13.96 23.09 -8.09
CA VAL J 120 15.03 23.78 -7.34
C VAL J 120 15.37 22.98 -6.10
N LEU J 121 16.64 22.66 -5.92
CA LEU J 121 17.09 21.73 -4.90
C LEU J 121 17.87 22.47 -3.79
N ASP J 122 18.11 21.74 -2.70
CA ASP J 122 19.04 22.13 -1.62
C ASP J 122 18.58 23.39 -0.92
N GLY J 123 17.27 23.57 -0.76
CA GLY J 123 16.67 24.71 -0.07
C GLY J 123 16.64 25.97 -0.89
N GLY J 124 17.02 25.93 -2.18
CA GLY J 124 16.79 27.05 -3.09
C GLY J 124 15.30 27.25 -3.34
N LYS J 125 14.96 28.39 -3.86
CA LYS J 125 13.53 28.75 -4.04
C LYS J 125 13.37 29.63 -5.23
N ILE J 126 12.17 29.54 -5.82
CA ILE J 126 11.75 30.52 -6.83
C ILE J 126 11.39 31.79 -6.08
N ALA J 127 12.09 32.88 -6.36
CA ALA J 127 11.92 34.18 -5.68
C ALA J 127 10.98 35.10 -6.43
N GLY J 128 10.71 34.83 -7.70
CA GLY J 128 9.81 35.70 -8.47
C GLY J 128 9.91 35.38 -9.93
N PHE J 129 9.34 36.25 -10.72
CA PHE J 129 9.05 36.00 -12.15
C PHE J 129 9.51 37.17 -13.00
N PHE J 130 9.67 36.87 -14.27
CA PHE J 130 9.71 37.82 -15.40
C PHE J 130 9.00 37.10 -16.54
N GLY J 131 8.78 37.77 -17.64
CA GLY J 131 8.27 37.03 -18.80
C GLY J 131 7.83 37.95 -19.88
N ARG J 132 6.80 37.52 -20.61
CA ARG J 132 6.19 38.30 -21.71
C ARG J 132 4.68 38.16 -21.57
N ALA J 133 3.93 39.19 -21.86
CA ALA J 133 2.46 39.07 -21.69
C ALA J 133 1.77 40.05 -22.64
N GLY J 134 0.55 39.68 -22.98
CA GLY J 134 -0.36 40.52 -23.75
C GLY J 134 -1.73 40.24 -23.23
N ALA J 135 -2.62 39.67 -24.05
CA ALA J 135 -3.91 39.17 -23.57
C ALA J 135 -3.74 37.94 -22.69
N PHE J 136 -2.68 37.20 -22.87
CA PHE J 136 -2.39 35.96 -22.10
C PHE J 136 -0.95 36.07 -21.61
N LEU J 137 -0.52 35.03 -20.90
CA LEU J 137 0.88 34.95 -20.49
C LEU J 137 1.68 34.29 -21.60
N ASP J 138 2.32 35.05 -22.47
CA ASP J 138 3.09 34.52 -23.59
C ASP J 138 4.28 33.71 -23.11
N ALA J 139 4.98 34.15 -22.08
CA ALA J 139 6.22 33.50 -21.65
C ALA J 139 6.42 33.75 -20.17
N ILE J 140 7.12 32.82 -19.50
CA ILE J 140 7.40 32.94 -18.06
C ILE J 140 8.85 32.55 -17.80
N GLY J 141 9.53 33.27 -16.95
CA GLY J 141 10.85 32.95 -16.46
C GLY J 141 10.92 33.15 -14.97
N PHE J 142 12.03 32.70 -14.39
CA PHE J 142 12.17 32.63 -12.91
C PHE J 142 13.41 33.33 -12.43
N TYR J 143 13.24 33.97 -11.27
CA TYR J 143 14.35 34.36 -10.40
C TYR J 143 14.48 33.32 -9.31
N ILE J 144 15.72 32.87 -9.04
CA ILE J 144 15.95 31.75 -8.11
C ILE J 144 17.09 32.15 -7.17
N THR J 145 16.87 31.93 -5.87
CA THR J 145 17.94 32.16 -4.87
C THR J 145 18.26 30.84 -4.21
N PRO J 146 19.53 30.65 -3.81
CA PRO J 146 19.93 29.42 -3.13
C PRO J 146 19.48 29.48 -1.63
N PRO K 4 -27.57 5.94 -19.14
CA PRO K 4 -26.42 6.38 -19.94
C PRO K 4 -25.24 6.68 -19.01
N VAL K 5 -24.07 6.58 -19.59
CA VAL K 5 -22.86 7.16 -18.93
C VAL K 5 -22.84 8.63 -19.23
N LYS K 6 -22.27 9.40 -18.31
CA LYS K 6 -22.22 10.86 -18.36
C LYS K 6 -20.76 11.27 -18.25
N ILE K 7 -20.25 11.92 -19.29
CA ILE K 7 -18.82 12.33 -19.28
C ILE K 7 -18.68 13.78 -19.69
N GLY K 8 -17.66 14.42 -19.16
CA GLY K 8 -17.35 15.80 -19.44
C GLY K 8 -17.59 16.66 -18.21
N PRO K 9 -17.86 17.96 -18.39
CA PRO K 9 -17.93 18.65 -19.68
C PRO K 9 -16.56 19.24 -20.06
N TRP K 10 -16.51 19.77 -21.26
CA TRP K 10 -15.33 20.46 -21.85
C TRP K 10 -15.76 21.91 -22.06
N GLY K 11 -15.00 22.85 -21.52
CA GLY K 11 -15.31 24.27 -21.65
C GLY K 11 -14.90 25.07 -20.46
N GLY K 12 -15.39 26.26 -20.33
CA GLY K 12 -15.12 27.12 -19.19
C GLY K 12 -16.07 26.89 -18.02
N ASN K 13 -15.87 27.63 -16.93
CA ASN K 13 -16.70 27.52 -15.72
C ASN K 13 -17.77 28.58 -15.63
N GLY K 14 -17.94 29.40 -16.65
CA GLY K 14 -18.98 30.42 -16.66
C GLY K 14 -20.35 29.84 -17.02
N GLY K 15 -21.33 30.74 -17.02
CA GLY K 15 -22.69 30.35 -17.38
C GLY K 15 -23.36 29.59 -16.25
N SER K 16 -24.56 29.13 -16.51
CA SER K 16 -25.34 28.33 -15.53
C SER K 16 -25.30 26.87 -15.99
N GLU K 17 -25.36 25.95 -15.04
CA GLU K 17 -25.39 24.50 -15.32
C GLU K 17 -26.68 24.16 -16.05
N ARG K 18 -26.56 23.30 -17.04
CA ARG K 18 -27.69 22.85 -17.86
C ARG K 18 -27.74 21.34 -17.87
N ASP K 19 -28.89 20.75 -17.74
CA ASP K 19 -29.03 19.28 -17.80
C ASP K 19 -30.47 18.93 -18.14
N VAL K 20 -30.77 17.67 -18.31
CA VAL K 20 -32.12 17.21 -18.62
C VAL K 20 -32.54 16.14 -17.62
N GLN K 21 -33.86 16.07 -17.47
CA GLN K 21 -34.54 14.98 -16.72
C GLN K 21 -35.74 14.60 -17.55
N PRO K 22 -36.01 13.31 -17.81
CA PRO K 22 -35.13 12.18 -17.43
C PRO K 22 -33.88 12.14 -18.30
N LYS K 23 -32.97 11.23 -17.94
CA LYS K 23 -31.74 11.13 -18.76
C LYS K 23 -32.07 10.48 -20.09
N PRO K 24 -31.22 10.74 -21.09
CA PRO K 24 -31.49 10.23 -22.43
C PRO K 24 -30.90 8.85 -22.68
N ILE K 25 -31.65 8.03 -23.39
CA ILE K 25 -31.11 6.73 -23.88
C ILE K 25 -30.83 6.76 -25.37
N ARG K 26 -31.43 7.68 -26.12
CA ARG K 26 -30.99 7.89 -27.50
C ARG K 26 -31.43 9.27 -27.95
N MET K 27 -30.74 9.81 -28.87
CA MET K 27 -30.98 11.18 -29.35
C MET K 27 -31.82 11.12 -30.59
N VAL K 28 -32.80 12.00 -30.70
CA VAL K 28 -33.70 12.10 -31.86
C VAL K 28 -33.23 13.24 -32.81
N SER K 29 -32.85 14.37 -32.24
CA SER K 29 -32.37 15.50 -33.04
C SER K 29 -31.49 16.36 -32.18
N MET K 30 -30.59 17.13 -32.82
CA MET K 30 -29.84 18.17 -32.09
C MET K 30 -29.78 19.39 -32.99
N THR K 31 -29.79 20.54 -32.33
CA THR K 31 -29.78 21.83 -33.03
C THR K 31 -28.69 22.71 -32.39
N VAL K 32 -27.69 23.06 -33.18
CA VAL K 32 -26.61 23.94 -32.70
C VAL K 32 -26.80 25.29 -33.34
N SER K 33 -26.68 26.33 -32.52
CA SER K 33 -26.69 27.73 -32.96
C SER K 33 -25.25 28.22 -32.98
N SER K 34 -24.79 28.76 -34.10
CA SER K 34 -23.38 29.12 -34.19
C SER K 34 -23.18 30.21 -35.21
N GLY K 35 -22.05 30.88 -35.03
CA GLY K 35 -21.53 31.87 -35.99
C GLY K 35 -20.03 31.77 -35.96
N ALA K 36 -19.35 32.77 -35.40
CA ALA K 36 -17.90 32.64 -35.16
C ALA K 36 -17.65 31.53 -34.14
N ILE K 37 -18.51 31.36 -33.15
CA ILE K 37 -18.32 30.36 -32.07
C ILE K 37 -19.66 29.63 -31.87
N VAL K 38 -19.75 28.81 -30.84
CA VAL K 38 -21.02 28.09 -30.57
C VAL K 38 -21.82 28.89 -29.56
N ASP K 39 -22.92 29.43 -30.08
CA ASP K 39 -23.84 30.27 -29.29
C ASP K 39 -24.76 29.47 -28.41
N ALA K 40 -25.20 28.29 -28.85
CA ALA K 40 -26.22 27.54 -28.06
C ALA K 40 -26.35 26.14 -28.60
N ILE K 41 -26.91 25.26 -27.76
CA ILE K 41 -27.26 23.88 -28.21
C ILE K 41 -28.61 23.53 -27.63
N ALA K 42 -29.33 22.65 -28.31
CA ALA K 42 -30.62 22.12 -27.89
C ALA K 42 -30.71 20.72 -28.50
N PHE K 43 -31.56 19.88 -27.90
CA PHE K 43 -31.73 18.53 -28.48
C PHE K 43 -33.05 17.94 -28.05
N THR K 44 -33.45 16.91 -28.77
CA THR K 44 -34.61 16.07 -28.42
C THR K 44 -34.17 14.63 -28.33
N TYR K 45 -34.79 13.86 -27.51
CA TYR K 45 -34.28 12.56 -27.09
C TYR K 45 -35.38 11.66 -26.61
N VAL K 46 -35.11 10.38 -26.55
CA VAL K 46 -35.96 9.40 -25.84
C VAL K 46 -35.37 9.20 -24.44
N GLY K 47 -36.19 9.38 -23.41
CA GLY K 47 -35.71 9.24 -22.04
C GLY K 47 -35.65 7.79 -21.57
N THR K 48 -35.19 7.63 -20.32
CA THR K 48 -35.21 6.33 -19.63
C THR K 48 -36.65 5.88 -19.43
N ASP K 49 -37.63 6.75 -19.52
CA ASP K 49 -39.07 6.41 -19.49
C ASP K 49 -39.64 5.97 -20.85
N ASN K 50 -38.81 5.87 -21.90
CA ASN K 50 -39.23 5.49 -23.29
C ASN K 50 -40.17 6.52 -23.88
N VAL K 51 -40.11 7.77 -23.42
CA VAL K 51 -40.92 8.89 -23.95
C VAL K 51 -39.97 9.89 -24.62
N GLN K 52 -40.44 10.50 -25.70
CA GLN K 52 -39.69 11.59 -26.34
C GLN K 52 -39.80 12.87 -25.50
N HIS K 53 -38.68 13.48 -25.22
CA HIS K 53 -38.57 14.73 -24.46
C HIS K 53 -37.69 15.71 -25.25
N SER K 54 -37.79 16.96 -24.89
CA SER K 54 -36.97 18.08 -25.35
C SER K 54 -36.06 18.52 -24.24
N SER K 55 -34.92 19.08 -24.55
CA SER K 55 -34.08 19.81 -23.59
C SER K 55 -34.69 21.16 -23.22
N GLY K 56 -35.72 21.60 -23.91
CA GLY K 56 -36.38 22.87 -23.61
C GLY K 56 -35.75 24.00 -24.41
N ILE K 57 -35.83 25.20 -23.84
CA ILE K 57 -35.25 26.36 -24.50
C ILE K 57 -33.75 26.10 -24.73
N LYS K 58 -33.21 26.65 -25.81
CA LYS K 58 -31.80 26.40 -26.15
C LYS K 58 -30.90 26.83 -25.00
N TRP K 59 -29.81 26.13 -24.87
CA TRP K 59 -28.78 26.39 -23.86
C TRP K 59 -27.75 27.32 -24.44
N GLY K 60 -27.93 28.61 -24.19
CA GLY K 60 -27.10 29.66 -24.77
C GLY K 60 -27.93 30.82 -25.17
N GLY K 61 -27.37 31.72 -25.95
CA GLY K 61 -27.96 33.02 -26.24
C GLY K 61 -28.67 33.02 -27.58
N THR K 62 -28.89 34.19 -28.12
CA THR K 62 -29.74 34.41 -29.30
C THR K 62 -28.91 34.62 -30.57
N GLY K 63 -27.60 34.60 -30.48
CA GLY K 63 -26.75 34.86 -31.65
C GLY K 63 -26.59 33.62 -32.53
N GLY K 64 -26.05 33.90 -33.71
CA GLY K 64 -25.74 32.80 -34.65
C GLY K 64 -26.99 32.33 -35.40
N THR K 65 -26.82 31.28 -36.18
CA THR K 65 -27.90 30.62 -36.89
C THR K 65 -27.94 29.14 -36.52
N GLU K 66 -29.15 28.59 -36.63
CA GLU K 66 -29.41 27.22 -36.19
C GLU K 66 -29.10 26.23 -37.31
N ASP K 67 -28.66 25.05 -36.92
CA ASP K 67 -28.57 23.89 -37.85
C ASP K 67 -29.01 22.64 -37.06
N THR K 68 -29.84 21.83 -37.68
CA THR K 68 -30.43 20.64 -37.03
C THR K 68 -29.94 19.38 -37.75
N ILE K 69 -29.59 18.38 -36.94
CA ILE K 69 -29.27 16.97 -37.37
C ILE K 69 -30.41 16.10 -36.84
N ASN K 70 -31.01 15.28 -37.67
CA ASN K 70 -32.03 14.29 -37.27
C ASN K 70 -31.38 12.92 -37.22
N LEU K 71 -31.66 12.17 -36.18
CA LEU K 71 -30.98 10.90 -35.89
C LEU K 71 -31.98 9.77 -35.75
N ASP K 72 -31.53 8.55 -36.04
CA ASP K 72 -32.40 7.38 -35.92
C ASP K 72 -31.51 6.15 -35.66
N ALA K 73 -32.13 4.98 -35.68
CA ALA K 73 -31.44 3.72 -35.26
C ALA K 73 -30.27 3.41 -36.18
N THR K 74 -30.31 3.89 -37.44
CA THR K 74 -29.18 3.60 -38.37
C THR K 74 -28.26 4.80 -38.53
N ASN K 75 -28.67 5.98 -38.12
CA ASN K 75 -27.90 7.23 -38.32
C ASN K 75 -27.79 7.95 -37.01
N TYR K 76 -26.76 7.69 -36.23
CA TYR K 76 -26.63 8.14 -34.83
C TYR K 76 -25.25 8.77 -34.65
N VAL K 77 -25.11 9.62 -33.67
CA VAL K 77 -23.81 10.33 -33.50
C VAL K 77 -22.78 9.39 -32.88
N THR K 78 -21.66 9.24 -33.58
CA THR K 78 -20.57 8.35 -33.13
C THR K 78 -19.33 9.11 -32.76
N GLU K 79 -19.22 10.40 -33.06
CA GLU K 79 -18.02 11.15 -32.65
C GLU K 79 -18.42 12.61 -32.55
N ILE K 80 -18.03 13.26 -31.47
CA ILE K 80 -18.13 14.71 -31.33
C ILE K 80 -16.76 15.24 -30.95
N SER K 81 -16.31 16.29 -31.59
CA SER K 81 -15.06 16.96 -31.27
C SER K 81 -15.32 18.47 -31.22
N GLY K 82 -14.33 19.20 -30.76
CA GLY K 82 -14.47 20.66 -30.70
C GLY K 82 -13.27 21.29 -30.10
N THR K 83 -13.40 22.59 -29.79
CA THR K 83 -12.32 23.35 -29.16
C THR K 83 -12.90 24.22 -28.06
N VAL K 84 -12.07 24.44 -27.04
CA VAL K 84 -12.35 25.39 -25.94
C VAL K 84 -11.36 26.54 -26.07
N GLY K 85 -11.91 27.73 -26.24
CA GLY K 85 -11.08 28.92 -26.52
C GLY K 85 -11.75 30.16 -26.03
N LYS K 86 -11.22 31.29 -26.38
CA LYS K 86 -11.68 32.60 -25.86
C LYS K 86 -12.67 33.24 -26.81
N PHE K 87 -13.73 33.78 -26.25
CA PHE K 87 -14.61 34.70 -27.00
C PHE K 87 -14.90 35.81 -26.04
N GLY K 88 -14.41 37.01 -26.35
CA GLY K 88 -14.34 38.09 -25.36
C GLY K 88 -13.40 37.66 -24.23
N THR K 89 -13.90 37.73 -23.01
CA THR K 89 -13.09 37.37 -21.82
C THR K 89 -13.50 36.01 -21.28
N ASP K 90 -14.32 35.25 -21.98
CA ASP K 90 -14.80 33.94 -21.46
C ASP K 90 -14.21 32.78 -22.26
N ASP K 91 -13.91 31.71 -21.55
CA ASP K 91 -13.56 30.41 -22.12
C ASP K 91 -14.83 29.67 -22.46
N ILE K 92 -15.02 29.38 -23.74
CA ILE K 92 -16.28 28.78 -24.21
C ILE K 92 -15.98 27.72 -25.24
N VAL K 93 -17.02 27.06 -25.72
CA VAL K 93 -16.92 26.17 -26.88
C VAL K 93 -16.84 27.00 -28.16
N THR K 94 -15.65 27.06 -28.74
CA THR K 94 -15.43 27.92 -29.91
C THR K 94 -15.68 27.20 -31.23
N SER K 95 -15.70 25.86 -31.22
CA SER K 95 -16.07 25.07 -32.40
C SER K 95 -16.55 23.71 -31.95
N LEU K 96 -17.36 23.08 -32.81
CA LEU K 96 -17.88 21.72 -32.57
C LEU K 96 -17.97 21.02 -33.88
N LYS K 97 -17.77 19.73 -33.91
CA LYS K 97 -17.87 18.90 -35.12
C LYS K 97 -18.58 17.63 -34.71
N ILE K 98 -19.58 17.24 -35.50
CA ILE K 98 -20.41 16.06 -35.26
C ILE K 98 -20.20 15.11 -36.41
N ILE K 99 -20.03 13.82 -36.15
CA ILE K 99 -19.95 12.78 -37.16
C ILE K 99 -20.97 11.70 -36.79
N THR K 100 -21.76 11.25 -37.74
CA THR K 100 -22.71 10.17 -37.53
C THR K 100 -22.21 8.86 -38.06
N SER K 101 -22.97 7.79 -37.74
CA SER K 101 -22.68 6.43 -38.17
C SER K 101 -22.72 6.28 -39.69
N LYS K 102 -23.41 7.18 -40.40
CA LYS K 102 -23.45 7.19 -41.89
C LYS K 102 -22.41 8.16 -42.47
N GLY K 103 -21.57 8.71 -41.63
CA GLY K 103 -20.51 9.64 -42.10
C GLY K 103 -21.00 11.05 -42.25
N VAL K 104 -22.22 11.37 -41.87
CA VAL K 104 -22.74 12.73 -42.03
C VAL K 104 -21.97 13.61 -41.05
N THR K 105 -21.44 14.73 -41.52
CA THR K 105 -20.52 15.56 -40.73
C THR K 105 -21.03 16.98 -40.73
N ARG K 106 -21.05 17.61 -39.60
CA ARG K 106 -21.41 19.03 -39.49
C ARG K 106 -20.34 19.74 -38.66
N THR K 107 -19.98 20.93 -39.03
CA THR K 107 -19.02 21.75 -38.30
C THR K 107 -19.63 23.08 -37.94
N TYR K 108 -19.47 23.48 -36.71
CA TYR K 108 -20.09 24.68 -36.15
C TYR K 108 -19.05 25.55 -35.51
N GLY K 109 -19.14 26.85 -35.77
CA GLY K 109 -18.10 27.80 -35.28
C GLY K 109 -16.87 27.72 -36.15
N SER K 110 -16.04 28.74 -36.04
CA SER K 110 -14.77 28.85 -36.77
C SER K 110 -13.65 29.14 -35.79
N GLY K 111 -13.89 29.03 -34.50
CA GLY K 111 -12.83 29.33 -33.52
C GLY K 111 -11.93 28.14 -33.29
N THR K 112 -10.96 28.34 -32.42
CA THR K 112 -9.96 27.30 -32.09
C THR K 112 -9.67 27.31 -30.59
N GLY K 113 -8.62 26.64 -30.18
CA GLY K 113 -8.29 26.48 -28.77
C GLY K 113 -7.96 25.04 -28.43
N ILE K 114 -8.19 24.68 -27.21
CA ILE K 114 -7.79 23.34 -26.68
C ILE K 114 -8.77 22.30 -27.20
N PRO K 115 -8.30 21.31 -27.98
CA PRO K 115 -9.20 20.38 -28.65
C PRO K 115 -9.69 19.31 -27.69
N PHE K 116 -10.88 18.80 -27.99
CA PHE K 116 -11.42 17.57 -27.39
C PHE K 116 -12.05 16.75 -28.48
N ARG K 117 -12.09 15.44 -28.29
CA ARG K 117 -12.63 14.48 -29.27
C ARG K 117 -13.10 13.25 -28.55
N VAL K 118 -14.35 12.85 -28.73
CA VAL K 118 -14.91 11.63 -28.12
C VAL K 118 -15.47 10.76 -29.24
N PRO K 119 -14.77 9.72 -29.65
CA PRO K 119 -15.29 8.73 -30.59
C PRO K 119 -15.89 7.60 -29.76
N VAL K 120 -17.04 7.12 -30.18
CA VAL K 120 -17.78 6.02 -29.54
C VAL K 120 -17.79 4.80 -30.42
N LEU K 121 -17.39 3.65 -29.89
CA LEU K 121 -17.25 2.43 -30.67
C LEU K 121 -18.35 1.40 -30.42
N ASP K 122 -18.35 0.38 -31.28
CA ASP K 122 -19.14 -0.87 -31.08
C ASP K 122 -20.63 -0.59 -31.01
N GLY K 123 -21.12 0.37 -31.78
CA GLY K 123 -22.54 0.67 -31.88
C GLY K 123 -23.02 1.54 -30.76
N GLY K 124 -22.16 2.02 -29.84
CA GLY K 124 -22.55 3.03 -28.87
C GLY K 124 -22.79 4.36 -29.56
N LYS K 125 -23.47 5.25 -28.86
CA LYS K 125 -23.87 6.52 -29.46
C LYS K 125 -23.91 7.61 -28.42
N ILE K 126 -23.76 8.84 -28.88
CA ILE K 126 -24.05 10.00 -28.04
C ILE K 126 -25.56 10.14 -27.98
N ALA K 127 -26.13 10.05 -26.79
CA ALA K 127 -27.56 10.06 -26.55
C ALA K 127 -28.08 11.44 -26.20
N GLY K 128 -27.24 12.36 -25.82
CA GLY K 128 -27.65 13.70 -25.42
C GLY K 128 -26.53 14.47 -24.79
N PHE K 129 -26.89 15.60 -24.19
CA PHE K 129 -25.94 16.62 -23.72
C PHE K 129 -26.29 17.10 -22.35
N PHE K 130 -25.29 17.70 -21.70
CA PHE K 130 -25.43 18.59 -20.55
C PHE K 130 -24.37 19.66 -20.69
N GLY K 131 -24.32 20.65 -19.84
CA GLY K 131 -23.19 21.58 -19.94
C GLY K 131 -23.39 22.81 -19.13
N ARG K 132 -22.89 23.92 -19.63
CA ARG K 132 -23.04 25.23 -18.98
C ARG K 132 -23.26 26.24 -20.10
N ALA K 133 -24.11 27.22 -19.87
CA ALA K 133 -24.37 28.21 -20.93
C ALA K 133 -24.81 29.53 -20.34
N GLY K 134 -24.57 30.59 -21.10
CA GLY K 134 -25.08 31.93 -20.78
C GLY K 134 -25.47 32.60 -22.08
N ALA K 135 -24.70 33.62 -22.48
CA ALA K 135 -24.85 34.19 -23.83
C ALA K 135 -24.37 33.21 -24.89
N PHE K 136 -23.42 32.36 -24.54
CA PHE K 136 -22.82 31.38 -25.46
C PHE K 136 -22.78 30.03 -24.77
N LEU K 137 -22.27 29.03 -25.48
CA LEU K 137 -22.17 27.68 -24.88
C LEU K 137 -20.81 27.59 -24.17
N ASP K 138 -20.81 27.84 -22.87
CA ASP K 138 -19.57 27.83 -22.07
C ASP K 138 -18.96 26.44 -22.07
N ALA K 139 -19.75 25.39 -21.92
CA ALA K 139 -19.20 24.04 -21.75
C ALA K 139 -20.20 23.01 -22.22
N ILE K 140 -19.70 21.89 -22.70
CA ILE K 140 -20.56 20.82 -23.25
C ILE K 140 -20.09 19.49 -22.70
N GLY K 141 -20.99 18.62 -22.34
CA GLY K 141 -20.71 17.23 -21.99
C GLY K 141 -21.72 16.30 -22.62
N PHE K 142 -21.46 15.01 -22.54
CA PHE K 142 -22.20 13.99 -23.30
C PHE K 142 -22.78 12.90 -22.40
N TYR K 143 -23.97 12.45 -22.79
CA TYR K 143 -24.53 11.18 -22.35
C TYR K 143 -24.27 10.17 -23.43
N ILE K 144 -23.86 8.97 -23.09
CA ILE K 144 -23.47 7.93 -24.07
C ILE K 144 -24.13 6.63 -23.65
N THR K 145 -24.71 5.91 -24.59
CA THR K 145 -25.25 4.58 -24.35
C THR K 145 -24.54 3.59 -25.24
N PRO K 146 -24.43 2.35 -24.76
CA PRO K 146 -23.78 1.31 -25.56
C PRO K 146 -24.75 0.78 -26.61
N PRO L 4 -20.49 -2.27 -20.99
CA PRO L 4 -19.80 -0.96 -20.91
C PRO L 4 -19.94 -0.23 -22.23
N VAL L 5 -19.81 1.08 -22.14
CA VAL L 5 -19.52 1.95 -23.31
C VAL L 5 -18.05 1.86 -23.60
N LYS L 6 -17.67 1.97 -24.85
CA LYS L 6 -16.28 1.86 -25.32
C LYS L 6 -16.01 3.16 -26.09
N ILE L 7 -15.06 3.96 -25.59
CA ILE L 7 -14.74 5.26 -26.23
C ILE L 7 -13.23 5.37 -26.42
N GLY L 8 -12.87 6.11 -27.46
CA GLY L 8 -11.48 6.34 -27.81
C GLY L 8 -11.11 5.54 -29.05
N PRO L 9 -9.83 5.25 -29.24
CA PRO L 9 -8.72 5.62 -28.36
C PRO L 9 -8.11 6.98 -28.76
N TRP L 10 -7.26 7.44 -27.86
CA TRP L 10 -6.41 8.64 -28.04
C TRP L 10 -4.97 8.18 -28.19
N GLY L 11 -4.33 8.57 -29.29
CA GLY L 11 -2.95 8.19 -29.51
C GLY L 11 -2.64 8.09 -30.95
N GLY L 12 -1.46 7.55 -31.26
CA GLY L 12 -1.00 7.34 -32.63
C GLY L 12 -1.50 6.03 -33.19
N ASN L 13 -1.17 5.82 -34.45
CA ASN L 13 -1.72 4.68 -35.21
C ASN L 13 -0.77 3.49 -35.18
N GLY L 14 0.42 3.61 -34.59
CA GLY L 14 1.37 2.51 -34.47
C GLY L 14 0.98 1.47 -33.41
N GLY L 15 1.76 0.45 -33.32
CA GLY L 15 1.60 -0.55 -32.26
C GLY L 15 0.57 -1.60 -32.66
N SER L 16 0.48 -2.64 -31.86
CA SER L 16 -0.45 -3.74 -32.03
C SER L 16 -1.72 -3.44 -31.27
N GLU L 17 -2.86 -3.78 -31.82
CA GLU L 17 -4.16 -3.61 -31.14
C GLU L 17 -4.23 -4.53 -29.93
N ARG L 18 -4.72 -4.00 -28.83
CA ARG L 18 -4.85 -4.70 -27.55
C ARG L 18 -6.27 -4.50 -27.06
N ASP L 19 -6.89 -5.55 -26.57
CA ASP L 19 -8.25 -5.47 -25.98
C ASP L 19 -8.42 -6.66 -25.06
N VAL L 20 -9.56 -6.75 -24.41
CA VAL L 20 -9.87 -7.84 -23.46
C VAL L 20 -11.18 -8.47 -23.84
N GLN L 21 -11.28 -9.74 -23.49
CA GLN L 21 -12.56 -10.52 -23.56
C GLN L 21 -12.60 -11.33 -22.27
N PRO L 22 -13.73 -11.35 -21.53
CA PRO L 22 -14.93 -10.55 -21.80
C PRO L 22 -14.68 -9.08 -21.49
N LYS L 23 -15.65 -8.26 -21.84
CA LYS L 23 -15.54 -6.82 -21.57
C LYS L 23 -15.66 -6.59 -20.06
N PRO L 24 -15.03 -5.48 -19.59
CA PRO L 24 -15.04 -5.17 -18.17
C PRO L 24 -16.26 -4.38 -17.71
N ILE L 25 -16.72 -4.69 -16.51
CA ILE L 25 -17.79 -3.88 -15.88
C ILE L 25 -17.24 -3.12 -14.70
N ARG L 26 -16.13 -3.52 -14.10
CA ARG L 26 -15.46 -2.67 -13.11
C ARG L 26 -14.00 -3.09 -13.03
N MET L 27 -13.18 -2.18 -12.65
CA MET L 27 -11.74 -2.38 -12.59
C MET L 27 -11.35 -2.72 -11.16
N VAL L 28 -10.45 -3.69 -11.03
CA VAL L 28 -9.92 -4.14 -9.73
C VAL L 28 -8.53 -3.57 -9.44
N SER L 29 -7.70 -3.44 -10.46
CA SER L 29 -6.37 -2.82 -10.29
C SER L 29 -5.91 -2.34 -11.65
N MET L 30 -5.01 -1.36 -11.67
CA MET L 30 -4.33 -0.99 -12.92
C MET L 30 -2.86 -0.71 -12.57
N THR L 31 -2.00 -1.01 -13.54
CA THR L 31 -0.56 -0.82 -13.40
C THR L 31 -0.04 -0.08 -14.60
N VAL L 32 0.53 1.10 -14.36
CA VAL L 32 1.14 1.89 -15.44
C VAL L 32 2.64 1.77 -15.30
N SER L 33 3.33 1.50 -16.40
CA SER L 33 4.79 1.51 -16.44
C SER L 33 5.20 2.79 -17.14
N SER L 34 6.01 3.62 -16.50
CA SER L 34 6.31 4.92 -17.08
C SER L 34 7.66 5.43 -16.64
N GLY L 35 8.14 6.40 -17.40
CA GLY L 35 9.31 7.21 -17.04
C GLY L 35 9.14 8.58 -17.65
N ALA L 36 9.87 8.88 -18.69
CA ALA L 36 9.64 10.06 -19.52
C ALA L 36 8.27 10.02 -20.19
N ILE L 37 7.86 8.83 -20.62
CA ILE L 37 6.58 8.65 -21.31
C ILE L 37 5.87 7.44 -20.72
N VAL L 38 4.73 7.06 -21.28
CA VAL L 38 4.01 5.86 -20.80
C VAL L 38 4.46 4.66 -21.61
N ASP L 39 5.22 3.81 -20.95
CA ASP L 39 5.80 2.61 -21.58
C ASP L 39 4.77 1.50 -21.75
N ALA L 40 3.87 1.31 -20.77
CA ALA L 40 2.95 0.17 -20.82
C ALA L 40 1.81 0.38 -19.84
N ILE L 41 0.74 -0.34 -20.05
CA ILE L 41 -0.40 -0.41 -19.10
C ILE L 41 -0.85 -1.85 -18.99
N ALA L 42 -1.43 -2.18 -17.84
CA ALA L 42 -2.03 -3.49 -17.56
C ALA L 42 -3.17 -3.26 -16.57
N PHE L 43 -4.12 -4.18 -16.50
CA PHE L 43 -5.20 -4.03 -15.51
C PHE L 43 -5.83 -5.37 -15.21
N THR L 44 -6.55 -5.41 -14.10
CA THR L 44 -7.39 -6.56 -13.73
C THR L 44 -8.79 -6.04 -13.49
N TYR L 45 -9.79 -6.88 -13.74
CA TYR L 45 -11.18 -6.36 -13.82
C TYR L 45 -12.14 -7.50 -13.54
N VAL L 46 -13.37 -7.10 -13.25
CA VAL L 46 -14.52 -8.02 -13.24
C VAL L 46 -15.22 -7.93 -14.59
N GLY L 47 -15.44 -9.07 -15.23
CA GLY L 47 -16.06 -9.07 -16.57
C GLY L 47 -17.57 -9.01 -16.51
N THR L 48 -18.18 -8.96 -17.69
CA THR L 48 -19.65 -9.06 -17.88
C THR L 48 -20.15 -10.39 -17.33
N ASP L 49 -19.29 -11.39 -17.18
CA ASP L 49 -19.62 -12.71 -16.58
C ASP L 49 -19.51 -12.70 -15.05
N ASN L 50 -19.21 -11.57 -14.41
CA ASN L 50 -19.07 -11.42 -12.93
C ASN L 50 -17.92 -12.26 -12.40
N VAL L 51 -16.92 -12.52 -13.23
CA VAL L 51 -15.69 -13.24 -12.85
C VAL L 51 -14.50 -12.27 -12.96
N GLN L 52 -13.49 -12.43 -12.11
CA GLN L 52 -12.24 -11.62 -12.22
C GLN L 52 -11.37 -12.15 -13.35
N HIS L 53 -10.82 -11.24 -14.13
CA HIS L 53 -9.92 -11.53 -15.26
C HIS L 53 -8.75 -10.55 -15.19
N SER L 54 -7.66 -10.93 -15.84
CA SER L 54 -6.46 -10.09 -16.08
C SER L 54 -6.50 -9.63 -17.54
N SER L 55 -5.91 -8.50 -17.85
CA SER L 55 -5.60 -8.14 -19.24
C SER L 55 -4.41 -8.95 -19.78
N GLY L 56 -3.72 -9.66 -18.91
CA GLY L 56 -2.57 -10.50 -19.30
C GLY L 56 -1.28 -9.73 -19.19
N ILE L 57 -0.31 -10.11 -20.01
CA ILE L 57 0.99 -9.43 -20.04
C ILE L 57 0.75 -7.97 -20.37
N LYS L 58 1.57 -7.09 -19.80
CA LYS L 58 1.40 -5.66 -19.99
C LYS L 58 1.42 -5.28 -21.47
N TRP L 59 0.66 -4.27 -21.77
CA TRP L 59 0.52 -3.67 -23.12
C TRP L 59 1.55 -2.56 -23.29
N GLY L 60 2.66 -2.92 -23.90
CA GLY L 60 3.77 -1.97 -24.12
C GLY L 60 5.07 -2.67 -23.85
N GLY L 61 6.12 -1.89 -23.67
CA GLY L 61 7.48 -2.39 -23.59
C GLY L 61 7.93 -2.61 -22.18
N THR L 62 9.21 -2.82 -22.04
CA THR L 62 9.84 -3.18 -20.73
C THR L 62 10.48 -1.99 -20.04
N GLY L 63 10.41 -0.80 -20.63
CA GLY L 63 10.97 0.39 -20.00
C GLY L 63 10.11 0.93 -18.88
N GLY L 64 10.69 1.86 -18.14
CA GLY L 64 9.94 2.58 -17.10
C GLY L 64 9.79 1.75 -15.85
N THR L 65 9.06 2.28 -14.90
CA THR L 65 8.85 1.64 -13.61
C THR L 65 7.35 1.47 -13.41
N GLU L 66 6.97 0.37 -12.75
CA GLU L 66 5.54 0.05 -12.57
C GLU L 66 5.00 0.78 -11.34
N ASP L 67 3.75 1.18 -11.44
CA ASP L 67 3.00 1.76 -10.33
C ASP L 67 1.59 1.17 -10.41
N THR L 68 1.16 0.59 -9.31
CA THR L 68 -0.15 -0.10 -9.23
C THR L 68 -1.12 0.71 -8.35
N ILE L 69 -2.33 0.85 -8.84
CA ILE L 69 -3.51 1.46 -8.13
C ILE L 69 -4.44 0.26 -7.87
N ASN L 70 -4.84 0.02 -6.62
CA ASN L 70 -5.87 -1.02 -6.32
C ASN L 70 -7.21 -0.29 -6.15
N LEU L 71 -8.24 -0.87 -6.72
CA LEU L 71 -9.56 -0.20 -6.83
C LEU L 71 -10.61 -1.18 -6.38
N ASP L 72 -11.80 -0.68 -6.08
CA ASP L 72 -12.93 -1.54 -5.66
C ASP L 72 -14.21 -0.76 -5.87
N ALA L 73 -15.34 -1.29 -5.40
CA ALA L 73 -16.67 -0.73 -5.74
C ALA L 73 -16.80 0.65 -5.11
N THR L 74 -16.03 0.99 -4.09
CA THR L 74 -16.14 2.31 -3.43
C THR L 74 -14.96 3.22 -3.80
N ASN L 75 -13.89 2.68 -4.39
CA ASN L 75 -12.69 3.45 -4.75
C ASN L 75 -12.41 3.16 -6.22
N TYR L 76 -12.93 3.97 -7.13
CA TYR L 76 -12.93 3.67 -8.57
C TYR L 76 -12.43 4.88 -9.33
N VAL L 77 -11.96 4.66 -10.54
CA VAL L 77 -11.40 5.76 -11.35
C VAL L 77 -12.56 6.61 -11.93
N THR L 78 -12.50 7.89 -11.63
CA THR L 78 -13.52 8.85 -12.12
C THR L 78 -12.98 9.78 -13.18
N GLU L 79 -11.68 9.90 -13.40
CA GLU L 79 -11.17 10.76 -14.50
C GLU L 79 -9.83 10.23 -14.91
N ILE L 80 -9.61 10.15 -16.20
CA ILE L 80 -8.28 9.91 -16.76
C ILE L 80 -8.02 11.02 -17.77
N SER L 81 -6.89 11.64 -17.69
CA SER L 81 -6.46 12.61 -18.72
C SER L 81 -5.05 12.23 -19.17
N GLY L 82 -4.56 12.89 -20.18
CA GLY L 82 -3.22 12.62 -20.63
C GLY L 82 -2.88 13.45 -21.83
N THR L 83 -1.80 13.10 -22.51
CA THR L 83 -1.36 13.79 -23.72
C THR L 83 -0.94 12.77 -24.76
N VAL L 84 -1.13 13.14 -26.01
CA VAL L 84 -0.63 12.37 -27.17
C VAL L 84 0.40 13.25 -27.86
N GLY L 85 1.61 12.74 -28.01
CA GLY L 85 2.64 13.55 -28.64
C GLY L 85 3.67 12.71 -29.30
N LYS L 86 4.51 13.34 -30.08
CA LYS L 86 5.64 12.67 -30.73
C LYS L 86 6.74 12.32 -29.74
N PHE L 87 7.20 11.10 -29.82
CA PHE L 87 8.35 10.63 -29.03
C PHE L 87 9.18 9.87 -30.04
N GLY L 88 10.32 10.44 -30.43
CA GLY L 88 11.03 9.94 -31.62
C GLY L 88 10.18 10.08 -32.86
N THR L 89 9.94 8.99 -33.56
CA THR L 89 9.17 9.00 -34.82
C THR L 89 7.71 8.61 -34.62
N ASP L 90 7.27 8.29 -33.38
CA ASP L 90 5.91 7.77 -33.14
C ASP L 90 5.08 8.73 -32.34
N ASP L 91 3.81 8.92 -32.65
CA ASP L 91 2.85 9.61 -31.74
C ASP L 91 2.38 8.59 -30.73
N ILE L 92 2.54 8.86 -29.46
CA ILE L 92 2.22 7.90 -28.38
C ILE L 92 1.51 8.65 -27.26
N VAL L 93 1.07 7.89 -26.27
CA VAL L 93 0.60 8.44 -25.00
C VAL L 93 1.80 8.87 -24.20
N THR L 94 2.06 10.15 -24.16
CA THR L 94 3.25 10.69 -23.48
C THR L 94 2.99 10.95 -22.00
N SER L 95 1.75 11.09 -21.55
CA SER L 95 1.43 11.25 -20.14
C SER L 95 0.06 10.69 -19.86
N LEU L 96 -0.17 10.36 -18.59
CA LEU L 96 -1.49 9.98 -18.08
C LEU L 96 -1.64 10.52 -16.69
N LYS L 97 -2.84 10.96 -16.30
CA LYS L 97 -3.20 11.36 -14.95
C LYS L 97 -4.47 10.61 -14.57
N ILE L 98 -4.48 10.01 -13.38
CA ILE L 98 -5.61 9.22 -12.88
C ILE L 98 -6.15 9.93 -11.65
N ILE L 99 -7.47 10.04 -11.54
CA ILE L 99 -8.16 10.48 -10.33
C ILE L 99 -9.16 9.43 -9.91
N THR L 100 -9.21 9.05 -8.64
CA THR L 100 -10.24 8.12 -8.13
C THR L 100 -11.30 8.83 -7.34
N SER L 101 -12.37 8.09 -7.05
CA SER L 101 -13.55 8.58 -6.30
C SER L 101 -13.15 8.99 -4.90
N LYS L 102 -12.06 8.45 -4.35
CA LYS L 102 -11.61 8.80 -2.98
C LYS L 102 -10.53 9.89 -3.06
N GLY L 103 -10.29 10.48 -4.23
CA GLY L 103 -9.30 11.56 -4.36
C GLY L 103 -7.88 11.04 -4.49
N VAL L 104 -7.65 9.75 -4.71
CA VAL L 104 -6.27 9.31 -5.05
C VAL L 104 -5.94 9.90 -6.43
N THR L 105 -4.78 10.49 -6.59
CA THR L 105 -4.31 11.04 -7.90
C THR L 105 -2.95 10.44 -8.18
N ARG L 106 -2.67 10.13 -9.41
CA ARG L 106 -1.34 9.68 -9.87
C ARG L 106 -1.06 10.38 -11.20
N THR L 107 0.19 10.77 -11.45
CA THR L 107 0.62 11.33 -12.74
C THR L 107 1.78 10.52 -13.28
N TYR L 108 1.77 10.20 -14.54
CA TYR L 108 2.77 9.35 -15.22
C TYR L 108 3.24 10.07 -16.47
N GLY L 109 4.52 9.97 -16.79
CA GLY L 109 5.05 10.47 -18.05
C GLY L 109 5.24 11.97 -18.05
N SER L 110 5.23 12.59 -19.23
CA SER L 110 5.55 14.00 -19.45
C SER L 110 4.50 14.58 -20.37
N GLY L 111 3.91 15.72 -19.98
CA GLY L 111 2.80 16.31 -20.74
C GLY L 111 3.27 16.99 -21.98
N THR L 112 3.34 16.28 -23.10
CA THR L 112 3.87 16.75 -24.38
C THR L 112 2.84 16.39 -25.46
N GLY L 113 2.42 17.40 -26.23
CA GLY L 113 1.50 17.19 -27.35
C GLY L 113 0.11 17.72 -27.10
N ILE L 114 -0.85 16.92 -27.45
CA ILE L 114 -2.30 17.33 -27.44
C ILE L 114 -2.98 16.65 -26.27
N PRO L 115 -3.66 17.41 -25.39
CA PRO L 115 -4.31 16.82 -24.24
C PRO L 115 -5.63 16.13 -24.56
N PHE L 116 -5.93 15.14 -23.78
CA PHE L 116 -7.30 14.52 -23.73
C PHE L 116 -7.68 14.42 -22.26
N ARG L 117 -8.98 14.44 -22.02
CA ARG L 117 -9.49 14.27 -20.64
C ARG L 117 -10.83 13.61 -20.71
N VAL L 118 -11.06 12.61 -19.87
CA VAL L 118 -12.38 11.91 -19.79
C VAL L 118 -12.80 11.90 -18.33
N PRO L 119 -13.59 12.88 -17.91
CA PRO L 119 -14.19 12.91 -16.57
C PRO L 119 -15.48 12.16 -16.60
N VAL L 120 -15.73 11.23 -15.68
CA VAL L 120 -16.96 10.43 -15.62
C VAL L 120 -17.75 10.82 -14.41
N LEU L 121 -19.01 11.16 -14.60
CA LEU L 121 -19.87 11.74 -13.54
C LEU L 121 -20.95 10.74 -13.09
N ASP L 122 -21.62 11.12 -12.01
CA ASP L 122 -22.85 10.48 -11.51
C ASP L 122 -22.59 9.07 -11.06
N GLY L 123 -21.41 8.78 -10.53
CA GLY L 123 -21.06 7.46 -10.03
C GLY L 123 -20.62 6.51 -11.08
N GLY L 124 -20.50 6.95 -12.36
CA GLY L 124 -19.90 6.10 -13.40
C GLY L 124 -18.42 5.95 -13.13
N LYS L 125 -17.83 5.00 -13.81
CA LYS L 125 -16.40 4.69 -13.55
C LYS L 125 -15.75 4.18 -14.79
N ILE L 126 -14.44 4.38 -14.85
CA ILE L 126 -13.64 3.69 -15.87
C ILE L 126 -13.48 2.24 -15.45
N ALA L 127 -13.97 1.33 -16.25
CA ALA L 127 -14.00 -0.12 -15.97
C ALA L 127 -12.78 -0.84 -16.54
N GLY L 128 -12.07 -0.25 -17.49
CA GLY L 128 -10.91 -0.91 -18.09
C GLY L 128 -10.46 -0.18 -19.32
N PHE L 129 -9.58 -0.82 -20.07
CA PHE L 129 -8.81 -0.17 -21.15
C PHE L 129 -8.82 -1.07 -22.38
N PHE L 130 -8.54 -0.40 -23.50
CA PHE L 130 -8.08 -1.04 -24.74
C PHE L 130 -7.08 -0.09 -25.36
N GLY L 131 -6.43 -0.48 -26.44
CA GLY L 131 -5.58 0.50 -27.12
C GLY L 131 -4.64 -0.16 -28.09
N ARG L 132 -3.51 0.49 -28.30
CA ARG L 132 -2.44 -0.01 -29.16
C ARG L 132 -1.12 0.12 -28.43
N ALA L 133 -0.21 -0.83 -28.59
CA ALA L 133 1.07 -0.76 -27.91
C ALA L 133 2.13 -1.46 -28.68
N GLY L 134 3.35 -1.01 -28.51
CA GLY L 134 4.54 -1.65 -29.08
C GLY L 134 5.64 -1.60 -28.05
N ALA L 135 6.68 -0.82 -28.29
CA ALA L 135 7.66 -0.50 -27.23
C ALA L 135 7.04 0.41 -26.19
N PHE L 136 6.06 1.21 -26.58
CA PHE L 136 5.41 2.17 -25.69
C PHE L 136 3.92 2.01 -25.81
N LEU L 137 3.16 2.80 -25.06
CA LEU L 137 1.71 2.83 -25.20
C LEU L 137 1.33 3.79 -26.32
N ASP L 138 1.12 3.33 -27.53
CA ASP L 138 0.77 4.16 -28.69
C ASP L 138 -0.58 4.84 -28.49
N ALA L 139 -1.57 4.15 -27.96
CA ALA L 139 -2.93 4.70 -27.90
C ALA L 139 -3.69 4.05 -26.78
N ILE L 140 -4.61 4.78 -26.17
CA ILE L 140 -5.39 4.28 -25.02
C ILE L 140 -6.84 4.67 -25.19
N GLY L 141 -7.75 3.75 -24.91
CA GLY L 141 -9.18 4.02 -24.84
C GLY L 141 -9.76 3.38 -23.60
N PHE L 142 -11.04 3.70 -23.34
CA PHE L 142 -11.67 3.34 -22.06
C PHE L 142 -12.98 2.61 -22.27
N TYR L 143 -13.22 1.68 -21.34
CA TYR L 143 -14.54 1.12 -21.08
C TYR L 143 -15.12 1.85 -19.88
N ILE L 144 -16.38 2.23 -19.97
CA ILE L 144 -17.00 3.03 -18.89
C ILE L 144 -18.36 2.43 -18.58
N THR L 145 -18.65 2.25 -17.29
CA THR L 145 -20.00 1.82 -16.86
C THR L 145 -20.61 2.87 -15.99
N PRO L 146 -21.95 2.98 -16.03
CA PRO L 146 -22.66 3.98 -15.26
C PRO L 146 -22.75 3.47 -13.79
C1 GOL M . -38.20 29.48 -10.24
O1 GOL M . -38.47 30.88 -9.84
C2 GOL M . -37.47 28.66 -9.10
O2 GOL M . -36.18 29.25 -8.82
C3 GOL M . -38.30 28.57 -7.81
O3 GOL M . -39.42 27.72 -8.01
C1 GOL N . -16.30 27.41 21.57
O1 GOL N . -16.81 27.66 20.30
C2 GOL N . -17.08 28.10 22.64
O2 GOL N . -17.12 29.52 22.37
C3 GOL N . -18.52 27.60 22.78
O3 GOL N . -18.54 26.23 23.21
C1 EDO O . -33.99 17.95 5.68
O1 EDO O . -33.38 18.99 6.40
C2 EDO O . -32.99 16.96 5.23
O2 EDO O . -33.39 15.61 5.30
C1 EDO P . -27.27 31.37 10.71
O1 EDO P . -27.00 30.84 9.44
C2 EDO P . -27.24 30.34 11.75
O2 EDO P . -28.51 29.91 12.22
C1 GOL Q . -12.84 -11.34 8.72
O1 GOL Q . -14.16 -11.27 8.17
C2 GOL Q . -11.93 -12.09 7.80
O2 GOL Q . -12.48 -13.42 7.76
C3 GOL Q . -11.73 -11.48 6.43
O3 GOL Q . -10.94 -10.30 6.57
C1 GOL R . -18.94 -15.43 17.72
O1 GOL R . -18.59 -15.88 16.42
C2 GOL R . -17.77 -14.70 18.36
O2 GOL R . -18.10 -14.31 19.75
C3 GOL R . -17.47 -13.44 17.60
O3 GOL R . -18.65 -12.57 17.66
C1 GOL S . -9.43 -2.12 19.54
O1 GOL S . -9.88 -1.70 20.82
C2 GOL S . -8.64 -3.41 19.68
O2 GOL S . -8.03 -3.71 18.41
C3 GOL S . -9.52 -4.59 20.10
O3 GOL S . -10.57 -4.80 19.16
C1 GOL T . -29.65 -5.70 21.65
O1 GOL T . -29.19 -4.82 22.67
C2 GOL T . -29.43 -7.15 21.97
O2 GOL T . -30.59 -7.88 21.57
C3 GOL T . -28.22 -7.76 21.30
O3 GOL T . -28.55 -9.00 20.67
C1 GOL U . 1.58 -3.36 20.12
O1 GOL U . 2.53 -3.22 19.09
C2 GOL U . 1.94 -4.41 21.13
O2 GOL U . 2.15 -5.65 20.43
C3 GOL U . 3.17 -4.01 21.89
O3 GOL U . 2.94 -2.90 22.76
C1 GOL V . 0.92 38.02 19.21
O1 GOL V . 2.33 37.84 19.31
C2 GOL V . 0.57 39.09 18.20
O2 GOL V . 1.13 40.42 18.58
C3 GOL V . 0.97 38.64 16.80
O3 GOL V . 0.23 37.52 16.34
C1 GOL W . 3.15 38.81 30.58
O1 GOL W . 3.29 39.63 29.42
C2 GOL W . 1.91 37.94 30.50
O2 GOL W . 1.67 37.23 31.73
C3 GOL W . 1.92 36.94 29.36
O3 GOL W . 2.98 35.99 29.52
C1 GOL X . -5.92 28.10 25.95
O1 GOL X . -4.64 28.57 25.47
C2 GOL X . -6.55 27.15 24.97
O2 GOL X . -6.70 27.81 23.72
C3 GOL X . -5.75 25.91 24.75
O3 GOL X . -5.70 25.09 25.89
C1 GOL Y . -11.84 -35.81 -21.94
O1 GOL Y . -12.09 -35.16 -20.72
C2 GOL Y . -12.50 -35.10 -23.11
O2 GOL Y . -13.91 -34.98 -22.87
C3 GOL Y . -11.94 -33.74 -23.40
O3 GOL Y . -10.57 -33.74 -23.77
C1 GOL Z . -12.70 -46.25 -25.42
O1 GOL Z . -13.14 -47.52 -24.86
C2 GOL Z . -11.74 -45.58 -24.49
O2 GOL Z . -12.41 -45.38 -23.24
C3 GOL Z . -10.46 -46.34 -24.17
O3 GOL Z . -9.66 -46.58 -25.33
C1 GOL AA . 31.28 -33.32 -17.12
O1 GOL AA . 31.66 -33.62 -15.79
C2 GOL AA . 30.50 -34.46 -17.75
O2 GOL AA . 30.23 -34.17 -19.12
C3 GOL AA . 29.18 -34.71 -17.06
O3 GOL AA . 28.29 -33.58 -17.16
C1 GOL BA . -17.97 -27.73 21.80
O1 GOL BA . -16.91 -26.79 21.93
C2 GOL BA . -18.80 -27.48 20.56
O2 GOL BA . -19.36 -26.17 20.71
C3 GOL BA . -17.98 -27.58 19.29
O3 GOL BA . -17.53 -28.91 19.09
C1 GOL CA . -1.48 -6.22 20.92
O1 GOL CA . -1.44 -5.80 22.32
C2 GOL CA . -0.92 -7.60 20.68
O2 GOL CA . 0.51 -7.71 21.01
C3 GOL CA . -1.66 -8.66 21.48
O3 GOL CA . -1.23 -9.93 21.02
C1 PEG DA . -4.06 -7.69 17.07
O1 PEG DA . -4.07 -7.80 15.67
C2 PEG DA . -3.62 -8.86 17.90
O2 PEG DA . -2.38 -9.38 17.37
C3 PEG DA . -1.94 -10.48 18.15
C4 PEG DA . -0.46 -10.36 18.58
O4 PEG DA . 0.50 -10.78 17.60
C1 GOL EA . -3.53 -14.43 17.69
O1 GOL EA . -2.16 -14.24 17.52
C2 GOL EA . -4.21 -13.08 17.80
O2 GOL EA . -4.06 -12.39 16.57
C3 GOL EA . -5.67 -13.15 18.16
O3 GOL EA . -6.38 -14.14 17.43
C1 GOL FA . -19.64 -24.85 33.08
O1 GOL FA . -19.81 -24.38 31.75
C2 GOL FA . -19.79 -26.36 33.13
O2 GOL FA . -19.66 -26.83 34.49
C3 GOL FA . -18.78 -27.07 32.28
O3 GOL FA . -17.47 -26.85 32.74
C1 GOL GA . 12.05 -55.04 31.90
O1 GOL GA . 12.74 -54.37 30.85
C2 GOL GA . 12.96 -55.33 33.07
O2 GOL GA . 14.11 -56.09 32.65
C3 GOL GA . 13.42 -54.10 33.78
O3 GOL GA . 12.33 -53.36 34.32
C1 GOL HA . 5.63 -61.94 30.59
O1 GOL HA . 5.97 -63.23 30.11
C2 GOL HA . 6.55 -61.43 31.66
O2 GOL HA . 6.37 -62.25 32.82
C3 GOL HA . 7.98 -61.36 31.19
O3 GOL HA . 8.84 -60.73 32.15
C1 GOL IA . 22.31 3.46 -18.43
O1 GOL IA . 23.27 4.44 -18.01
C2 GOL IA . 22.26 2.29 -17.48
O2 GOL IA . 23.58 1.75 -17.39
C3 GOL IA . 21.75 2.63 -16.11
O3 GOL IA . 20.44 3.20 -16.13
C1 GOL JA . 28.27 5.06 -28.52
O1 GOL JA . 28.45 4.38 -27.22
C2 GOL JA . 26.85 5.05 -28.99
O2 GOL JA . 26.77 5.58 -30.31
C3 GOL JA . 25.94 5.75 -28.03
O3 GOL JA . 26.21 7.16 -27.98
C1 GOL KA . -1.15 36.93 -26.34
O1 GOL KA . -0.83 37.33 -25.01
C2 GOL KA . -1.18 38.11 -27.30
O2 GOL KA . -2.04 39.13 -26.84
C3 GOL KA . 0.19 38.68 -27.54
O3 GOL KA . 1.02 37.70 -28.16
C1 GOL LA . -20.89 33.33 -21.79
O1 GOL LA . -21.88 32.34 -22.04
C2 GOL LA . -21.25 34.20 -20.60
O2 GOL LA . -22.56 34.77 -20.77
C3 GOL LA . -21.29 33.36 -19.35
O3 GOL LA . -19.99 32.88 -19.04
C1 GOL MA . -36.21 21.81 -19.48
O1 GOL MA . -35.27 22.44 -18.60
C2 GOL MA . -36.37 20.34 -19.14
O2 GOL MA . -37.15 20.18 -18.01
C3 GOL MA . -35.09 19.57 -18.94
O3 GOL MA . -35.37 18.22 -18.68
C1 GOL NA . -20.72 34.27 -32.35
O1 GOL NA . -20.96 32.95 -32.87
C2 GOL NA . -21.35 35.30 -33.25
O2 GOL NA . -20.76 35.20 -34.56
C3 GOL NA . -22.85 35.20 -33.32
O3 GOL NA . -23.45 35.40 -32.03
C1 EDO OA . -41.75 28.31 -22.96
O1 EDO OA . -40.39 28.69 -23.00
C2 EDO OA . -42.46 29.11 -21.96
O2 EDO OA . -43.89 29.09 -22.16
C1 EDO PA . -38.74 25.42 -21.64
O1 EDO PA . -37.36 25.33 -21.39
C2 EDO PA . -39.54 24.24 -21.25
O2 EDO PA . -39.37 23.87 -19.91
C1 GOL QA . 6.00 2.43 -30.21
O1 GOL QA . 5.17 1.76 -29.27
C2 GOL QA . 6.34 1.55 -31.39
O2 GOL QA . 7.03 0.37 -30.92
C3 GOL QA . 5.13 1.13 -32.19
O3 GOL QA . 4.51 2.23 -32.82
#